data_8TZA
#
_entry.id   8TZA
#
_cell.length_a   1.00
_cell.length_b   1.00
_cell.length_c   1.00
_cell.angle_alpha   90.00
_cell.angle_beta   90.00
_cell.angle_gamma   90.00
#
_symmetry.space_group_name_H-M   'P 1'
#
loop_
_entity.id
_entity.type
_entity.pdbx_description
1 polymer 'Sodium/nucleoside cotransporter'
2 non-polymer "N-hydroxy-5'-O-(2-methylpropanoyl)cytidine"
#
_entity_poly.entity_id   1
_entity_poly.type   'polypeptide(L)'
_entity_poly.pdbx_seq_one_letter_code
;MDYKDDDDKLEATMAMSSKISVELQRVAALPAQGCSNTGFQNDEDGFENQNPSGNDHSLRNRVVQNREHENGKQVEEHIT
IGQDSLRKDEEEEDDQETHRKGCLERMCGRMSDFCREHKTTLRYIIWGILIAGYLALVIAACVMNFHRALPLFVITVVAI
FFVVWDHLMAKYESQIARFLSPGQRLLDSHWFWLKWVIWGCLILGVILWLVFDTAKLGQQQLVSFGGLIIYTSLTFLFSK
HPTKVYWRPVFWGIGLQFLLGLLILRTEPGFMAFDWLGKQVQTFLGYSDAGASFVFGEKYTDHFFAFKVLPIVIFFSTVM
SMLYYLGLMQWIIRKVGWVMLVTMGTSPVESVVASGNIFIGQTESPLLVRPYLPYVTKSELHAIMTAGFSTIAGSVLGAY
ISFGVSSSHLLTASVMSAPAALAISKLFWPETETPKINLKNAMKMESGDSRNLLEAATQGASSSISLVANIAVNLIAFLA
LLSFMNSALSWLGNMFDYPQLSFEVICSYVFMPFAFMMGVDWQDSFMVAKLIGYKTFFNEFVAYQQLSKLISLRQVGGPK
FVDGVQQYMSMRSEAISTYALCGFANFGSLGIVIGGLTSMAPSRKRDITAGAMRALIAGTIACFLTACIAGMLTNTPVDI
NCHHILENAFNSGLVRNTTNVVSCCQGLLSSAVVKGPGEVIPTGNHSLYSLKNCCNLLNTPTLNCSWIPNVLSNS
;
_entity_poly.pdbx_strand_id   B,A,C
#
loop_
_chem_comp.id
_chem_comp.type
_chem_comp.name
_chem_comp.formula
XMO non-polymer N-hydroxy-5'-O-(2-methylpropanoyl)cytidine 'C13 H19 N3 O7'
#
# COMPACT_ATOMS: atom_id res chain seq x y z
N GLU A 105 -20.90 45.78 16.49
CA GLU A 105 -20.87 44.71 17.48
C GLU A 105 -22.26 44.48 18.07
N ARG A 106 -22.96 45.57 18.36
CA ARG A 106 -24.30 45.45 18.94
C ARG A 106 -25.24 44.72 18.00
N MET A 107 -25.19 45.03 16.70
CA MET A 107 -26.00 44.32 15.73
C MET A 107 -25.64 42.84 15.70
N CYS A 108 -24.34 42.53 15.76
CA CYS A 108 -23.92 41.13 15.78
C CYS A 108 -24.46 40.42 17.01
N GLY A 109 -24.41 41.06 18.17
CA GLY A 109 -24.95 40.45 19.38
C GLY A 109 -26.45 40.22 19.29
N ARG A 110 -27.18 41.19 18.76
CA ARG A 110 -28.62 41.03 18.60
C ARG A 110 -28.93 39.88 17.65
N MET A 111 -28.19 39.79 16.53
CA MET A 111 -28.41 38.69 15.60
C MET A 111 -28.10 37.35 16.25
N SER A 112 -27.02 37.28 17.04
CA SER A 112 -26.68 36.05 17.72
C SER A 112 -27.78 35.64 18.69
N ASP A 113 -28.32 36.59 19.45
CA ASP A 113 -29.40 36.29 20.37
C ASP A 113 -30.64 35.80 19.62
N PHE A 114 -30.98 36.47 18.52
CA PHE A 114 -32.15 36.06 17.75
C PHE A 114 -31.97 34.65 17.20
N CYS A 115 -30.78 34.34 16.69
CA CYS A 115 -30.52 32.98 16.21
C CYS A 115 -30.62 31.97 17.35
N ARG A 116 -30.10 32.32 18.53
CA ARG A 116 -30.17 31.41 19.66
C ARG A 116 -31.61 31.11 20.04
N GLU A 117 -32.47 32.12 20.00
CA GLU A 117 -33.85 31.93 20.44
C GLU A 117 -34.59 30.91 19.56
N HIS A 118 -34.45 31.03 18.24
CA HIS A 118 -35.26 30.26 17.30
C HIS A 118 -34.56 29.03 16.75
N LYS A 119 -33.43 28.62 17.33
CA LYS A 119 -32.64 27.50 16.80
C LYS A 119 -33.49 26.30 16.42
N THR A 120 -34.19 25.71 17.39
CA THR A 120 -35.00 24.52 17.09
C THR A 120 -36.12 24.85 16.13
N THR A 121 -36.81 25.97 16.35
CA THR A 121 -37.90 26.36 15.46
C THR A 121 -37.38 26.63 14.05
N LEU A 122 -36.22 27.29 13.95
CA LEU A 122 -35.64 27.56 12.62
C LEU A 122 -35.29 26.27 11.90
N ARG A 123 -34.68 25.31 12.61
CA ARG A 123 -34.36 24.03 11.99
C ARG A 123 -35.61 23.31 11.53
N TYR A 124 -36.65 23.29 12.38
CA TYR A 124 -37.90 22.66 11.98
C TYR A 124 -38.49 23.33 10.76
N ILE A 125 -38.48 24.67 10.72
CA ILE A 125 -39.07 25.40 9.61
C ILE A 125 -38.32 25.10 8.31
N ILE A 126 -36.99 25.11 8.37
CA ILE A 126 -36.21 24.91 7.14
C ILE A 126 -36.39 23.47 6.63
N TRP A 127 -36.39 22.49 7.55
CA TRP A 127 -36.63 21.11 7.11
C TRP A 127 -38.02 20.97 6.51
N GLY A 128 -39.03 21.58 7.14
CA GLY A 128 -40.37 21.53 6.58
C GLY A 128 -40.45 22.17 5.22
N ILE A 129 -39.76 23.29 5.02
CA ILE A 129 -39.75 23.95 3.73
C ILE A 129 -39.14 23.06 2.67
N LEU A 130 -38.02 22.40 3.01
CA LEU A 130 -37.39 21.49 2.04
C LEU A 130 -38.32 20.34 1.69
N ILE A 131 -38.98 19.76 2.69
CA ILE A 131 -39.90 18.65 2.43
C ILE A 131 -41.06 19.10 1.58
N ALA A 132 -41.59 20.30 1.86
CA ALA A 132 -42.69 20.83 1.07
C ALA A 132 -42.28 21.06 -0.37
N GLY A 133 -41.06 21.57 -0.59
CA GLY A 133 -40.57 21.73 -1.94
C GLY A 133 -40.45 20.41 -2.67
N TYR A 134 -39.95 19.38 -1.98
CA TYR A 134 -39.87 18.06 -2.60
C TYR A 134 -41.26 17.55 -2.97
N LEU A 135 -42.23 17.72 -2.07
CA LEU A 135 -43.59 17.29 -2.38
C LEU A 135 -44.16 18.06 -3.56
N ALA A 136 -43.86 19.36 -3.63
CA ALA A 136 -44.32 20.15 -4.77
C ALA A 136 -43.72 19.65 -6.08
N LEU A 137 -42.43 19.32 -6.07
CA LEU A 137 -41.82 18.75 -7.27
C LEU A 137 -42.50 17.45 -7.66
N VAL A 138 -42.77 16.58 -6.67
CA VAL A 138 -43.40 15.31 -6.96
C VAL A 138 -44.79 15.51 -7.55
N ILE A 139 -45.57 16.43 -6.96
CA ILE A 139 -46.94 16.63 -7.43
C ILE A 139 -46.94 17.25 -8.82
N ALA A 140 -46.00 18.16 -9.10
CA ALA A 140 -45.90 18.72 -10.44
C ALA A 140 -45.56 17.64 -11.45
N ALA A 141 -44.61 16.77 -11.11
CA ALA A 141 -44.23 15.68 -12.01
C ALA A 141 -45.42 14.76 -12.28
N CYS A 142 -46.20 14.47 -11.24
CA CYS A 142 -47.39 13.63 -11.42
C CYS A 142 -48.42 14.33 -12.30
N VAL A 143 -48.61 15.63 -12.10
CA VAL A 143 -49.57 16.38 -12.91
C VAL A 143 -49.19 16.31 -14.38
N MET A 144 -47.92 16.58 -14.69
CA MET A 144 -47.51 16.67 -16.08
C MET A 144 -47.71 15.34 -16.80
N ASN A 145 -47.19 14.25 -16.23
CA ASN A 145 -47.34 12.92 -16.83
C ASN A 145 -47.17 11.89 -15.71
N PHE A 146 -48.29 11.28 -15.29
CA PHE A 146 -48.24 10.35 -14.17
C PHE A 146 -47.42 9.12 -14.50
N HIS A 147 -47.53 8.61 -15.74
CA HIS A 147 -46.87 7.35 -16.07
C HIS A 147 -45.36 7.44 -15.90
N ARG A 148 -44.75 8.54 -16.37
CA ARG A 148 -43.32 8.72 -16.15
C ARG A 148 -43.01 8.91 -14.67
N ALA A 149 -43.83 9.67 -13.96
CA ALA A 149 -43.63 9.95 -12.54
C ALA A 149 -43.97 8.79 -11.64
N LEU A 150 -44.31 7.62 -12.17
CA LEU A 150 -44.73 6.51 -11.31
C LEU A 150 -43.66 6.11 -10.30
N PRO A 151 -42.40 5.89 -10.68
CA PRO A 151 -41.41 5.47 -9.68
C PRO A 151 -41.22 6.48 -8.56
N LEU A 152 -41.15 7.78 -8.89
CA LEU A 152 -41.00 8.79 -7.85
C LEU A 152 -42.18 8.80 -6.90
N PHE A 153 -43.40 8.67 -7.45
CA PHE A 153 -44.58 8.63 -6.61
C PHE A 153 -44.56 7.41 -5.69
N VAL A 154 -44.16 6.25 -6.22
CA VAL A 154 -44.11 5.04 -5.40
C VAL A 154 -43.09 5.21 -4.28
N ILE A 155 -41.91 5.76 -4.60
CA ILE A 155 -40.88 5.94 -3.58
C ILE A 155 -41.37 6.91 -2.50
N THR A 156 -42.00 8.01 -2.90
CA THR A 156 -42.51 8.95 -1.93
C THR A 156 -43.56 8.29 -1.03
N VAL A 157 -44.47 7.51 -1.62
CA VAL A 157 -45.52 6.89 -0.84
C VAL A 157 -44.93 5.92 0.18
N VAL A 158 -43.99 5.08 -0.26
CA VAL A 158 -43.41 4.10 0.66
C VAL A 158 -42.62 4.81 1.76
N ALA A 159 -41.90 5.87 1.41
CA ALA A 159 -41.14 6.60 2.43
C ALA A 159 -42.09 7.21 3.46
N ILE A 160 -43.18 7.83 3.01
CA ILE A 160 -44.13 8.42 3.95
C ILE A 160 -44.75 7.34 4.83
N PHE A 161 -45.11 6.20 4.24
CA PHE A 161 -45.69 5.12 5.03
C PHE A 161 -44.72 4.65 6.11
N PHE A 162 -43.45 4.45 5.74
CA PHE A 162 -42.48 3.99 6.72
C PHE A 162 -42.24 5.02 7.81
N VAL A 163 -42.18 6.32 7.45
CA VAL A 163 -41.97 7.35 8.46
C VAL A 163 -43.16 7.37 9.43
N VAL A 164 -44.37 7.30 8.91
CA VAL A 164 -45.55 7.31 9.78
C VAL A 164 -45.55 6.09 10.68
N TRP A 165 -45.22 4.92 10.12
CA TRP A 165 -45.18 3.71 10.94
C TRP A 165 -44.16 3.85 12.05
N ASP A 166 -42.97 4.37 11.75
CA ASP A 166 -41.95 4.54 12.77
C ASP A 166 -42.42 5.48 13.87
N HIS A 167 -43.01 6.61 13.48
CA HIS A 167 -43.48 7.57 14.47
C HIS A 167 -44.55 6.96 15.36
N LEU A 168 -45.51 6.24 14.76
CA LEU A 168 -46.58 5.64 15.54
C LEU A 168 -46.03 4.58 16.50
N MET A 169 -45.15 3.71 16.02
CA MET A 169 -44.60 2.68 16.89
C MET A 169 -43.81 3.30 18.03
N ALA A 170 -43.09 4.39 17.75
CA ALA A 170 -42.37 5.09 18.82
C ALA A 170 -43.34 5.64 19.86
N LYS A 171 -44.26 6.50 19.43
CA LYS A 171 -45.11 7.21 20.39
C LYS A 171 -46.04 6.26 21.14
N TYR A 172 -46.65 5.30 20.45
CA TYR A 172 -47.70 4.47 21.02
C TYR A 172 -47.21 3.10 21.48
N GLU A 173 -45.91 2.97 21.76
CA GLU A 173 -45.38 1.66 22.14
C GLU A 173 -46.06 1.14 23.40
N SER A 174 -46.25 2.00 24.39
CA SER A 174 -46.85 1.56 25.65
C SER A 174 -48.27 1.05 25.44
N GLN A 175 -49.06 1.76 24.63
CA GLN A 175 -50.44 1.35 24.40
C GLN A 175 -50.49 0.01 23.68
N ILE A 176 -49.63 -0.19 22.68
CA ILE A 176 -49.60 -1.44 21.96
C ILE A 176 -49.19 -2.58 22.88
N ALA A 177 -48.20 -2.34 23.74
CA ALA A 177 -47.79 -3.36 24.70
C ALA A 177 -48.93 -3.70 25.65
N ARG A 178 -49.65 -2.68 26.12
CA ARG A 178 -50.78 -2.91 27.01
C ARG A 178 -51.85 -3.76 26.33
N PHE A 179 -52.13 -3.46 25.06
CA PHE A 179 -53.11 -4.25 24.31
C PHE A 179 -52.64 -5.68 24.11
N LEU A 180 -51.35 -5.87 23.85
CA LEU A 180 -50.82 -7.21 23.62
C LEU A 180 -50.72 -8.03 24.90
N SER A 181 -50.63 -7.37 26.05
CA SER A 181 -50.34 -8.09 27.29
C SER A 181 -51.34 -9.19 27.61
N PRO A 182 -52.66 -8.97 27.57
CA PRO A 182 -53.59 -10.04 27.94
C PRO A 182 -53.44 -11.29 27.09
N GLY A 183 -53.18 -11.12 25.78
CA GLY A 183 -53.01 -12.28 24.93
C GLY A 183 -51.83 -13.14 25.35
N GLN A 184 -50.72 -12.51 25.73
CA GLN A 184 -49.56 -13.27 26.17
C GLN A 184 -49.89 -14.08 27.42
N ARG A 185 -50.59 -13.48 28.38
CA ARG A 185 -50.96 -14.20 29.59
C ARG A 185 -51.90 -15.37 29.28
N LEU A 186 -52.89 -15.14 28.41
CA LEU A 186 -53.80 -16.22 28.06
C LEU A 186 -53.05 -17.36 27.38
N LEU A 187 -52.14 -17.04 26.47
CA LEU A 187 -51.36 -18.08 25.81
C LEU A 187 -50.49 -18.83 26.80
N ASP A 188 -49.86 -18.11 27.73
CA ASP A 188 -49.01 -18.77 28.72
C ASP A 188 -49.81 -19.71 29.60
N SER A 189 -51.02 -19.32 29.99
CA SER A 189 -51.82 -20.16 30.87
C SER A 189 -52.14 -21.50 30.19
N HIS A 190 -52.48 -21.48 28.91
CA HIS A 190 -52.86 -22.68 28.18
C HIS A 190 -51.71 -23.28 27.37
N TRP A 191 -50.48 -22.76 27.54
CA TRP A 191 -49.37 -23.22 26.71
C TRP A 191 -49.05 -24.69 26.95
N PHE A 192 -49.20 -25.15 28.21
CA PHE A 192 -48.72 -26.48 28.56
C PHE A 192 -49.34 -27.56 27.69
N TRP A 193 -50.66 -27.55 27.55
CA TRP A 193 -51.31 -28.55 26.70
C TRP A 193 -51.22 -28.18 25.23
N LEU A 194 -51.24 -26.88 24.91
CA LEU A 194 -51.34 -26.45 23.53
C LEU A 194 -50.05 -26.66 22.75
N LYS A 195 -48.90 -26.74 23.43
CA LYS A 195 -47.64 -26.90 22.72
C LYS A 195 -47.59 -28.21 21.94
N TRP A 196 -48.09 -29.29 22.54
CA TRP A 196 -48.12 -30.57 21.83
C TRP A 196 -49.00 -30.49 20.60
N VAL A 197 -50.16 -29.83 20.72
CA VAL A 197 -51.05 -29.69 19.57
C VAL A 197 -50.36 -28.93 18.46
N ILE A 198 -49.69 -27.83 18.80
CA ILE A 198 -49.01 -27.02 17.78
C ILE A 198 -47.92 -27.84 17.10
N TRP A 199 -47.12 -28.57 17.87
CA TRP A 199 -46.04 -29.36 17.29
C TRP A 199 -46.59 -30.46 16.39
N GLY A 200 -47.65 -31.13 16.83
CA GLY A 200 -48.25 -32.17 16.00
C GLY A 200 -48.80 -31.61 14.70
N CYS A 201 -49.47 -30.46 14.76
CA CYS A 201 -49.98 -29.84 13.56
C CYS A 201 -48.85 -29.47 12.60
N LEU A 202 -47.76 -28.92 13.13
CA LEU A 202 -46.62 -28.57 12.28
C LEU A 202 -46.03 -29.82 11.62
N ILE A 203 -45.88 -30.91 12.39
CA ILE A 203 -45.33 -32.14 11.82
C ILE A 203 -46.25 -32.69 10.73
N LEU A 204 -47.56 -32.67 10.99
CA LEU A 204 -48.50 -33.17 10.00
C LEU A 204 -48.45 -32.34 8.73
N GLY A 205 -48.39 -31.02 8.86
CA GLY A 205 -48.27 -30.16 7.69
C GLY A 205 -47.00 -30.44 6.91
N VAL A 206 -45.88 -30.62 7.62
CA VAL A 206 -44.62 -30.94 6.95
C VAL A 206 -44.74 -32.25 6.19
N ILE A 207 -45.33 -33.27 6.81
CA ILE A 207 -45.46 -34.56 6.15
C ILE A 207 -46.32 -34.43 4.90
N LEU A 208 -47.47 -33.76 5.02
CA LEU A 208 -48.37 -33.66 3.88
C LEU A 208 -47.72 -32.89 2.72
N TRP A 209 -47.11 -31.75 3.02
CA TRP A 209 -46.46 -30.97 1.98
C TRP A 209 -45.35 -31.77 1.32
N LEU A 210 -44.47 -32.38 2.13
CA LEU A 210 -43.38 -33.15 1.58
C LEU A 210 -43.92 -34.24 0.66
N VAL A 211 -44.83 -35.07 1.18
CA VAL A 211 -45.38 -36.15 0.37
C VAL A 211 -45.89 -35.61 -0.95
N PHE A 212 -46.97 -34.81 -0.90
CA PHE A 212 -47.58 -34.37 -2.15
C PHE A 212 -46.54 -33.75 -3.08
N ASP A 213 -45.96 -32.62 -2.65
CA ASP A 213 -45.14 -31.82 -3.57
C ASP A 213 -43.92 -32.60 -4.04
N THR A 214 -43.06 -33.02 -3.11
CA THR A 214 -41.80 -33.62 -3.53
C THR A 214 -42.02 -34.95 -4.23
N ALA A 215 -42.96 -35.78 -3.76
CA ALA A 215 -43.21 -37.04 -4.43
C ALA A 215 -43.66 -36.80 -5.87
N LYS A 216 -44.54 -35.81 -6.09
CA LYS A 216 -44.93 -35.52 -7.46
C LYS A 216 -43.75 -34.99 -8.27
N LEU A 217 -42.92 -34.16 -7.68
CA LEU A 217 -41.81 -33.55 -8.42
C LEU A 217 -40.81 -34.60 -8.89
N GLY A 218 -40.45 -35.52 -8.03
CA GLY A 218 -39.53 -36.58 -8.41
C GLY A 218 -38.69 -37.03 -7.23
N GLN A 219 -37.80 -37.98 -7.52
CA GLN A 219 -36.94 -38.53 -6.48
C GLN A 219 -35.89 -37.52 -6.03
N GLN A 220 -35.28 -36.80 -6.98
CA GLN A 220 -34.17 -35.92 -6.63
C GLN A 220 -34.62 -34.81 -5.69
N GLN A 221 -35.83 -34.29 -5.88
CA GLN A 221 -36.32 -33.23 -4.99
C GLN A 221 -36.40 -33.71 -3.54
N LEU A 222 -36.51 -35.01 -3.32
CA LEU A 222 -36.60 -35.56 -1.97
C LEU A 222 -35.23 -35.83 -1.36
N VAL A 223 -34.23 -36.15 -2.19
CA VAL A 223 -32.88 -36.33 -1.66
C VAL A 223 -32.37 -35.02 -1.08
N SER A 224 -32.85 -33.88 -1.57
CA SER A 224 -32.46 -32.61 -0.97
C SER A 224 -32.93 -32.51 0.48
N PHE A 225 -34.17 -32.90 0.74
CA PHE A 225 -34.68 -32.92 2.11
C PHE A 225 -33.93 -33.94 2.96
N GLY A 226 -33.62 -35.11 2.37
CA GLY A 226 -32.80 -36.07 3.08
C GLY A 226 -31.44 -35.50 3.46
N GLY A 227 -30.83 -34.78 2.54
CA GLY A 227 -29.55 -34.15 2.84
C GLY A 227 -29.65 -33.08 3.89
N LEU A 228 -30.75 -32.33 3.90
CA LEU A 228 -30.98 -31.34 4.95
C LEU A 228 -31.00 -32.01 6.32
N ILE A 229 -31.77 -33.11 6.43
CA ILE A 229 -31.81 -33.85 7.68
C ILE A 229 -30.42 -34.35 8.05
N ILE A 230 -29.70 -34.90 7.07
CA ILE A 230 -28.38 -35.47 7.34
C ILE A 230 -27.42 -34.39 7.85
N TYR A 231 -27.43 -33.22 7.21
CA TYR A 231 -26.54 -32.14 7.63
C TYR A 231 -26.87 -31.67 9.04
N THR A 232 -28.17 -31.48 9.34
CA THR A 232 -28.52 -31.05 10.69
C THR A 232 -28.10 -32.10 11.71
N SER A 233 -28.32 -33.38 11.41
CA SER A 233 -27.92 -34.43 12.34
C SER A 233 -26.42 -34.45 12.56
N LEU A 234 -25.64 -34.32 11.48
CA LEU A 234 -24.19 -34.33 11.61
C LEU A 234 -23.71 -33.13 12.43
N THR A 235 -24.30 -31.96 12.20
CA THR A 235 -23.93 -30.81 13.02
C THR A 235 -24.23 -31.07 14.49
N PHE A 236 -25.38 -31.70 14.78
CA PHE A 236 -25.69 -32.00 16.16
C PHE A 236 -24.72 -33.01 16.77
N LEU A 237 -24.25 -33.98 15.98
CA LEU A 237 -23.34 -34.99 16.50
C LEU A 237 -22.04 -34.38 16.98
N PHE A 238 -21.43 -33.52 16.17
CA PHE A 238 -20.11 -32.96 16.44
C PHE A 238 -20.19 -31.57 17.04
N SER A 239 -21.21 -31.28 17.83
CA SER A 239 -21.33 -29.97 18.47
C SER A 239 -20.33 -29.83 19.61
N LYS A 240 -20.00 -28.58 19.92
CA LYS A 240 -19.05 -28.32 21.01
C LYS A 240 -19.59 -28.81 22.34
N HIS A 241 -20.87 -28.53 22.62
CA HIS A 241 -21.52 -28.94 23.86
C HIS A 241 -22.83 -29.62 23.49
N PRO A 242 -22.78 -30.88 23.07
CA PRO A 242 -24.01 -31.53 22.57
C PRO A 242 -25.14 -31.55 23.58
N THR A 243 -24.83 -31.73 24.86
CA THR A 243 -25.88 -31.88 25.86
C THR A 243 -26.76 -30.64 25.94
N LYS A 244 -26.15 -29.46 25.93
CA LYS A 244 -26.85 -28.20 26.14
C LYS A 244 -27.08 -27.55 24.78
N VAL A 245 -28.28 -27.71 24.23
CA VAL A 245 -28.63 -27.16 22.93
C VAL A 245 -30.05 -26.62 22.99
N TYR A 246 -30.26 -25.46 22.40
CA TYR A 246 -31.59 -24.84 22.29
C TYR A 246 -32.08 -25.07 20.86
N TRP A 247 -33.16 -25.84 20.72
CA TRP A 247 -33.63 -26.22 19.39
C TRP A 247 -34.53 -25.18 18.74
N ARG A 248 -35.06 -24.23 19.51
CA ARG A 248 -35.93 -23.22 18.92
C ARG A 248 -35.21 -22.40 17.86
N PRO A 249 -33.99 -21.89 18.09
CA PRO A 249 -33.31 -21.17 17.00
C PRO A 249 -33.13 -22.01 15.75
N VAL A 250 -32.79 -23.29 15.90
CA VAL A 250 -32.56 -24.13 14.72
C VAL A 250 -33.86 -24.31 13.93
N PHE A 251 -34.93 -24.68 14.63
CA PHE A 251 -36.19 -24.93 13.93
C PHE A 251 -36.73 -23.66 13.29
N TRP A 252 -36.65 -22.53 14.00
CA TRP A 252 -37.14 -21.29 13.44
C TRP A 252 -36.29 -20.84 12.26
N GLY A 253 -34.97 -21.04 12.33
CA GLY A 253 -34.12 -20.70 11.20
C GLY A 253 -34.48 -21.51 9.96
N ILE A 254 -34.65 -22.82 10.12
CA ILE A 254 -35.02 -23.66 8.98
C ILE A 254 -36.39 -23.24 8.44
N GLY A 255 -37.34 -22.96 9.34
CA GLY A 255 -38.65 -22.55 8.88
C GLY A 255 -38.63 -21.24 8.11
N LEU A 256 -37.87 -20.26 8.60
CA LEU A 256 -37.77 -18.99 7.90
C LEU A 256 -37.08 -19.15 6.54
N GLN A 257 -36.03 -19.97 6.48
CA GLN A 257 -35.41 -20.27 5.19
C GLN A 257 -36.44 -20.85 4.23
N PHE A 258 -37.21 -21.83 4.70
CA PHE A 258 -38.20 -22.46 3.85
C PHE A 258 -39.23 -21.46 3.36
N LEU A 259 -39.72 -20.60 4.27
CA LEU A 259 -40.75 -19.64 3.87
C LEU A 259 -40.22 -18.65 2.86
N LEU A 260 -39.02 -18.09 3.10
CA LEU A 260 -38.46 -17.13 2.15
C LEU A 260 -38.22 -17.78 0.79
N GLY A 261 -37.65 -18.98 0.78
CA GLY A 261 -37.44 -19.67 -0.48
C GLY A 261 -38.74 -19.94 -1.21
N LEU A 262 -39.75 -20.39 -0.47
CA LEU A 262 -41.05 -20.67 -1.09
C LEU A 262 -41.62 -19.42 -1.73
N LEU A 263 -41.66 -18.32 -0.98
CA LEU A 263 -42.20 -17.08 -1.52
C LEU A 263 -41.43 -16.65 -2.77
N ILE A 264 -40.10 -16.58 -2.68
CA ILE A 264 -39.32 -16.01 -3.77
C ILE A 264 -39.34 -16.90 -5.01
N LEU A 265 -39.32 -18.22 -4.85
CA LEU A 265 -39.14 -19.11 -5.99
C LEU A 265 -40.45 -19.59 -6.58
N ARG A 266 -41.46 -19.87 -5.75
CA ARG A 266 -42.70 -20.47 -6.24
C ARG A 266 -43.74 -19.42 -6.64
N THR A 267 -43.43 -18.14 -6.49
CA THR A 267 -44.35 -17.07 -6.86
C THR A 267 -43.67 -16.16 -7.88
N GLU A 268 -44.35 -15.92 -9.00
CA GLU A 268 -43.81 -15.04 -10.02
C GLU A 268 -43.60 -13.61 -9.52
N PRO A 269 -44.56 -12.99 -8.83
CA PRO A 269 -44.32 -11.62 -8.34
C PRO A 269 -43.10 -11.54 -7.44
N GLY A 270 -42.88 -12.55 -6.58
CA GLY A 270 -41.68 -12.58 -5.78
C GLY A 270 -40.43 -12.76 -6.63
N PHE A 271 -40.52 -13.61 -7.65
CA PHE A 271 -39.35 -13.89 -8.49
C PHE A 271 -38.89 -12.65 -9.22
N MET A 272 -39.83 -11.85 -9.75
CA MET A 272 -39.45 -10.71 -10.59
C MET A 272 -38.75 -9.62 -9.79
N ALA A 273 -39.18 -9.40 -8.55
CA ALA A 273 -38.65 -8.29 -7.77
C ALA A 273 -37.15 -8.45 -7.54
N PHE A 274 -36.71 -9.66 -7.21
CA PHE A 274 -35.29 -9.88 -6.95
C PHE A 274 -34.47 -9.69 -8.22
N ASP A 275 -35.00 -10.12 -9.37
CA ASP A 275 -34.32 -9.81 -10.63
C ASP A 275 -34.20 -8.31 -10.84
N TRP A 276 -35.26 -7.57 -10.54
CA TRP A 276 -35.20 -6.11 -10.71
C TRP A 276 -34.12 -5.51 -9.81
N LEU A 277 -34.08 -5.94 -8.55
CA LEU A 277 -33.06 -5.41 -7.63
C LEU A 277 -31.66 -5.78 -8.11
N GLY A 278 -31.48 -7.00 -8.60
CA GLY A 278 -30.18 -7.40 -9.13
C GLY A 278 -29.76 -6.54 -10.30
N LYS A 279 -30.68 -6.25 -11.21
CA LYS A 279 -30.36 -5.38 -12.33
C LYS A 279 -29.97 -3.99 -11.84
N GLN A 280 -30.66 -3.47 -10.84
CA GLN A 280 -30.32 -2.14 -10.32
C GLN A 280 -28.91 -2.13 -9.72
N VAL A 281 -28.58 -3.15 -8.93
CA VAL A 281 -27.25 -3.21 -8.34
C VAL A 281 -26.19 -3.35 -9.43
N GLN A 282 -26.47 -4.15 -10.46
CA GLN A 282 -25.53 -4.28 -11.56
C GLN A 282 -25.30 -2.94 -12.25
N THR A 283 -26.38 -2.18 -12.46
CA THR A 283 -26.23 -0.86 -13.08
C THR A 283 -25.41 0.07 -12.20
N PHE A 284 -25.62 0.01 -10.88
CA PHE A 284 -24.85 0.85 -9.97
C PHE A 284 -23.36 0.53 -10.06
N LEU A 285 -23.03 -0.76 -10.06
CA LEU A 285 -21.61 -1.12 -10.16
C LEU A 285 -21.07 -0.84 -11.56
N GLY A 286 -21.93 -0.84 -12.58
CA GLY A 286 -21.50 -0.37 -13.88
C GLY A 286 -21.13 1.10 -13.87
N TYR A 287 -21.93 1.91 -13.17
CA TYR A 287 -21.52 3.29 -12.92
C TYR A 287 -20.16 3.33 -12.25
N SER A 288 -19.93 2.40 -11.31
CA SER A 288 -18.63 2.32 -10.66
C SER A 288 -17.52 2.07 -11.68
N ASP A 289 -17.73 1.15 -12.62
CA ASP A 289 -16.69 0.80 -13.56
C ASP A 289 -16.26 2.00 -14.41
N ALA A 290 -17.24 2.79 -14.86
CA ALA A 290 -16.92 3.89 -15.77
C ALA A 290 -16.01 4.92 -15.11
N GLY A 291 -16.21 5.18 -13.83
CA GLY A 291 -15.43 6.22 -13.17
C GLY A 291 -13.95 5.89 -13.07
N ALA A 292 -13.61 4.60 -13.11
CA ALA A 292 -12.22 4.18 -13.00
C ALA A 292 -11.48 4.24 -14.33
N SER A 293 -12.16 4.61 -15.42
CA SER A 293 -11.46 4.79 -16.69
C SER A 293 -10.51 5.97 -16.63
N PHE A 294 -10.85 7.00 -15.85
CA PHE A 294 -10.02 8.20 -15.78
C PHE A 294 -8.64 7.89 -15.24
N VAL A 295 -8.56 7.17 -14.13
CA VAL A 295 -7.28 6.96 -13.46
C VAL A 295 -6.37 6.06 -14.31
N PHE A 296 -6.93 4.99 -14.87
CA PHE A 296 -6.13 3.99 -15.59
C PHE A 296 -6.24 4.12 -17.10
N GLY A 297 -6.94 5.14 -17.60
CA GLY A 297 -7.05 5.34 -19.04
C GLY A 297 -8.12 4.48 -19.66
N GLU A 298 -8.39 4.75 -20.94
CA GLU A 298 -9.39 3.99 -21.68
C GLU A 298 -8.93 2.58 -22.02
N LYS A 299 -7.66 2.25 -21.79
CA LYS A 299 -7.16 0.90 -21.98
C LYS A 299 -7.19 0.08 -20.69
N TYR A 300 -7.99 0.52 -19.71
CA TYR A 300 -8.08 -0.23 -18.46
C TYR A 300 -8.68 -1.61 -18.68
N THR A 301 -9.48 -1.79 -19.74
CA THR A 301 -10.06 -3.09 -20.03
C THR A 301 -9.01 -4.14 -20.33
N ASP A 302 -7.78 -3.72 -20.64
CA ASP A 302 -6.73 -4.69 -20.94
C ASP A 302 -6.44 -5.59 -19.74
N HIS A 303 -6.38 -5.01 -18.54
CA HIS A 303 -6.16 -5.76 -17.30
C HIS A 303 -7.50 -5.77 -16.57
N PHE A 304 -8.30 -6.80 -16.83
CA PHE A 304 -9.69 -6.79 -16.41
C PHE A 304 -9.82 -6.84 -14.90
N PHE A 305 -9.14 -7.78 -14.26
CA PHE A 305 -9.39 -8.01 -12.84
C PHE A 305 -8.90 -6.85 -11.99
N ALA A 306 -7.69 -6.36 -12.26
CA ALA A 306 -7.10 -5.34 -11.41
C ALA A 306 -7.79 -4.00 -11.52
N PHE A 307 -8.31 -3.65 -12.71
CA PHE A 307 -8.81 -2.31 -12.94
C PHE A 307 -10.31 -2.19 -12.71
N LYS A 308 -11.12 -3.05 -13.32
CA LYS A 308 -12.57 -2.96 -13.08
C LYS A 308 -12.94 -3.34 -11.65
N VAL A 309 -12.59 -4.57 -11.25
CA VAL A 309 -13.19 -5.17 -10.05
C VAL A 309 -12.77 -4.42 -8.78
N LEU A 310 -11.49 -4.07 -8.68
CA LEU A 310 -11.02 -3.44 -7.44
C LEU A 310 -11.61 -2.05 -7.27
N PRO A 311 -11.64 -1.17 -8.28
CA PRO A 311 -12.48 0.03 -8.19
C PRO A 311 -13.94 -0.25 -7.88
N ILE A 312 -14.52 -1.35 -8.38
CA ILE A 312 -15.88 -1.68 -7.97
C ILE A 312 -15.95 -1.83 -6.45
N VAL A 313 -14.98 -2.55 -5.89
CA VAL A 313 -14.93 -2.74 -4.44
C VAL A 313 -14.80 -1.40 -3.73
N ILE A 314 -13.92 -0.53 -4.24
CA ILE A 314 -13.68 0.76 -3.61
C ILE A 314 -14.94 1.61 -3.62
N PHE A 315 -15.62 1.65 -4.76
CA PHE A 315 -16.85 2.44 -4.85
C PHE A 315 -17.93 1.89 -3.93
N PHE A 316 -18.04 0.56 -3.84
CA PHE A 316 -19.00 -0.01 -2.92
C PHE A 316 -18.68 0.39 -1.49
N SER A 317 -17.40 0.35 -1.11
CA SER A 317 -17.02 0.74 0.24
C SER A 317 -17.38 2.20 0.50
N THR A 318 -17.10 3.09 -0.46
CA THR A 318 -17.42 4.50 -0.28
C THR A 318 -18.92 4.71 -0.13
N VAL A 319 -19.72 4.04 -0.97
CA VAL A 319 -21.17 4.19 -0.90
C VAL A 319 -21.69 3.68 0.43
N MET A 320 -21.17 2.55 0.90
CA MET A 320 -21.61 2.02 2.18
C MET A 320 -21.26 2.97 3.31
N SER A 321 -20.07 3.57 3.27
CA SER A 321 -19.70 4.54 4.30
C SER A 321 -20.65 5.73 4.28
N MET A 322 -20.97 6.24 3.08
CA MET A 322 -21.88 7.38 3.00
C MET A 322 -23.26 7.02 3.55
N LEU A 323 -23.78 5.85 3.19
CA LEU A 323 -25.10 5.45 3.69
C LEU A 323 -25.07 5.26 5.20
N TYR A 324 -23.99 4.69 5.73
CA TYR A 324 -23.86 4.54 7.18
C TYR A 324 -23.89 5.90 7.86
N TYR A 325 -23.21 6.89 7.27
CA TYR A 325 -23.25 8.23 7.81
C TYR A 325 -24.68 8.78 7.80
N LEU A 326 -25.38 8.61 6.67
CA LEU A 326 -26.74 9.13 6.57
C LEU A 326 -27.67 8.43 7.56
N GLY A 327 -27.56 7.11 7.68
CA GLY A 327 -28.34 6.38 8.65
C GLY A 327 -29.43 5.51 8.04
N LEU A 328 -29.21 5.02 6.83
CA LEU A 328 -30.17 4.13 6.17
C LEU A 328 -29.85 2.67 6.46
N MET A 329 -28.63 2.24 6.15
CA MET A 329 -28.17 0.89 6.42
C MET A 329 -28.62 0.43 7.81
N GLN A 330 -28.43 1.30 8.81
CA GLN A 330 -28.78 0.96 10.18
C GLN A 330 -30.26 0.64 10.30
N TRP A 331 -31.11 1.40 9.60
CA TRP A 331 -32.54 1.16 9.67
C TRP A 331 -32.91 -0.24 9.18
N ILE A 332 -32.40 -0.63 8.01
CA ILE A 332 -32.72 -1.95 7.47
C ILE A 332 -32.17 -3.03 8.39
N ILE A 333 -30.95 -2.84 8.88
CA ILE A 333 -30.36 -3.82 9.79
C ILE A 333 -31.25 -3.99 11.01
N ARG A 334 -31.74 -2.89 11.57
CA ARG A 334 -32.60 -2.98 12.75
C ARG A 334 -33.88 -3.73 12.44
N LYS A 335 -34.48 -3.46 11.27
CA LYS A 335 -35.73 -4.15 10.94
C LYS A 335 -35.52 -5.66 10.85
N VAL A 336 -34.52 -6.07 10.07
CA VAL A 336 -34.31 -7.51 9.89
C VAL A 336 -33.87 -8.16 11.20
N GLY A 337 -33.03 -7.46 11.97
CA GLY A 337 -32.62 -8.00 13.26
C GLY A 337 -33.77 -8.18 14.22
N TRP A 338 -34.72 -7.23 14.21
CA TRP A 338 -35.90 -7.37 15.05
C TRP A 338 -36.74 -8.57 14.62
N VAL A 339 -36.87 -8.78 13.31
CA VAL A 339 -37.61 -9.96 12.85
C VAL A 339 -36.94 -11.22 13.39
N MET A 340 -35.63 -11.34 13.21
CA MET A 340 -34.92 -12.53 13.65
C MET A 340 -35.03 -12.70 15.17
N LEU A 341 -34.91 -11.60 15.91
CA LEU A 341 -34.97 -11.65 17.36
C LEU A 341 -36.34 -12.09 17.84
N VAL A 342 -37.41 -11.59 17.22
CA VAL A 342 -38.75 -11.93 17.66
C VAL A 342 -39.16 -13.32 17.19
N THR A 343 -38.46 -13.90 16.22
CA THR A 343 -38.78 -15.26 15.78
C THR A 343 -37.75 -16.27 16.23
N MET A 344 -36.47 -16.09 15.91
CA MET A 344 -35.47 -17.09 16.26
C MET A 344 -35.20 -17.11 17.75
N GLY A 345 -35.15 -15.95 18.39
CA GLY A 345 -34.82 -15.87 19.80
C GLY A 345 -33.35 -15.76 20.11
N THR A 346 -32.51 -15.44 19.12
CA THR A 346 -31.08 -15.30 19.32
C THR A 346 -30.77 -14.04 20.13
N SER A 347 -29.50 -13.88 20.47
CA SER A 347 -29.07 -12.70 21.20
C SER A 347 -29.11 -11.47 20.31
N PRO A 348 -29.13 -10.26 20.91
CA PRO A 348 -29.28 -9.06 20.08
C PRO A 348 -28.10 -8.78 19.17
N VAL A 349 -26.87 -8.86 19.70
CA VAL A 349 -25.69 -8.46 18.92
C VAL A 349 -25.50 -9.41 17.74
N GLU A 350 -25.65 -10.72 17.97
CA GLU A 350 -25.45 -11.67 16.89
C GLU A 350 -26.53 -11.49 15.82
N SER A 351 -27.77 -11.20 16.24
CA SER A 351 -28.82 -10.92 15.27
C SER A 351 -28.51 -9.69 14.45
N VAL A 352 -28.05 -8.62 15.10
CA VAL A 352 -27.72 -7.39 14.38
C VAL A 352 -26.60 -7.66 13.37
N VAL A 353 -25.57 -8.39 13.79
CA VAL A 353 -24.47 -8.70 12.87
C VAL A 353 -24.97 -9.54 11.71
N ALA A 354 -25.80 -10.55 11.98
CA ALA A 354 -26.29 -11.41 10.92
C ALA A 354 -27.10 -10.62 9.91
N SER A 355 -27.97 -9.74 10.39
CA SER A 355 -28.75 -8.91 9.46
C SER A 355 -27.83 -8.02 8.63
N GLY A 356 -26.78 -7.47 9.23
CA GLY A 356 -25.89 -6.59 8.50
C GLY A 356 -25.12 -7.31 7.41
N ASN A 357 -24.70 -8.54 7.67
CA ASN A 357 -23.82 -9.26 6.74
C ASN A 357 -24.50 -9.57 5.41
N ILE A 358 -25.83 -9.44 5.32
CA ILE A 358 -26.51 -9.75 4.06
C ILE A 358 -25.99 -8.86 2.95
N PHE A 359 -25.80 -7.57 3.23
CA PHE A 359 -25.29 -6.63 2.24
C PHE A 359 -23.95 -6.01 2.63
N ILE A 360 -23.30 -6.50 3.68
CA ILE A 360 -22.01 -5.98 4.11
C ILE A 360 -20.99 -7.11 4.06
N GLY A 361 -19.76 -6.76 3.71
CA GLY A 361 -18.71 -7.75 3.64
C GLY A 361 -18.28 -8.23 5.03
N GLN A 362 -17.58 -9.36 5.02
CA GLN A 362 -17.16 -9.98 6.29
C GLN A 362 -16.22 -9.07 7.06
N THR A 363 -15.32 -8.38 6.36
CA THR A 363 -14.31 -7.58 7.05
C THR A 363 -14.93 -6.41 7.79
N GLU A 364 -15.92 -5.74 7.20
CA GLU A 364 -16.46 -4.51 7.73
C GLU A 364 -17.74 -4.68 8.54
N SER A 365 -18.25 -5.91 8.66
CA SER A 365 -19.53 -6.09 9.33
C SER A 365 -19.39 -5.95 10.84
N PRO A 366 -18.32 -6.46 11.47
CA PRO A 366 -18.21 -6.31 12.92
C PRO A 366 -18.09 -4.86 13.37
N LEU A 367 -17.73 -3.94 12.47
CA LEU A 367 -17.66 -2.53 12.85
C LEU A 367 -19.00 -2.01 13.34
N LEU A 368 -20.10 -2.69 13.02
CA LEU A 368 -21.40 -2.28 13.53
C LEU A 368 -21.44 -2.36 15.05
N VAL A 369 -20.88 -3.42 15.64
CA VAL A 369 -20.92 -3.62 17.08
C VAL A 369 -19.51 -3.65 17.65
N ARG A 370 -18.58 -2.97 16.96
CA ARG A 370 -17.21 -2.86 17.47
C ARG A 370 -17.15 -2.43 18.93
N PRO A 371 -17.87 -1.39 19.36
CA PRO A 371 -17.69 -0.91 20.73
C PRO A 371 -17.97 -1.95 21.79
N TYR A 372 -18.88 -2.89 21.54
CA TYR A 372 -19.18 -3.97 22.48
C TYR A 372 -18.45 -5.26 22.16
N LEU A 373 -17.60 -5.26 21.13
CA LEU A 373 -16.89 -6.48 20.77
C LEU A 373 -16.08 -7.05 21.93
N PRO A 374 -15.42 -6.26 22.76
CA PRO A 374 -14.62 -6.87 23.85
C PRO A 374 -15.44 -7.74 24.78
N TYR A 375 -16.70 -7.40 25.04
CA TYR A 375 -17.49 -8.04 26.08
C TYR A 375 -18.37 -9.18 25.58
N VAL A 376 -18.33 -9.50 24.28
CA VAL A 376 -19.19 -10.56 23.76
C VAL A 376 -18.72 -11.91 24.28
N THR A 377 -19.66 -12.84 24.43
CA THR A 377 -19.34 -14.20 24.85
C THR A 377 -18.72 -14.97 23.69
N LYS A 378 -18.16 -16.13 24.00
CA LYS A 378 -17.55 -16.95 22.96
C LYS A 378 -18.58 -17.38 21.92
N SER A 379 -19.78 -17.74 22.37
CA SER A 379 -20.81 -18.18 21.42
C SER A 379 -21.18 -17.05 20.46
N GLU A 380 -21.32 -15.82 20.97
CA GLU A 380 -21.69 -14.71 20.11
C GLU A 380 -20.58 -14.38 19.13
N LEU A 381 -19.32 -14.53 19.54
CA LEU A 381 -18.21 -14.30 18.62
C LEU A 381 -18.17 -15.35 17.54
N HIS A 382 -18.43 -16.61 17.91
CA HIS A 382 -18.51 -17.66 16.90
C HIS A 382 -19.66 -17.40 15.93
N ALA A 383 -20.79 -16.92 16.45
CA ALA A 383 -21.91 -16.58 15.57
C ALA A 383 -21.53 -15.45 14.62
N ILE A 384 -20.81 -14.44 15.11
CA ILE A 384 -20.38 -13.36 14.24
C ILE A 384 -19.50 -13.90 13.12
N MET A 385 -18.53 -14.74 13.46
CA MET A 385 -17.64 -15.27 12.44
C MET A 385 -18.39 -16.15 11.45
N THR A 386 -19.32 -16.97 11.94
CA THR A 386 -20.08 -17.84 11.05
C THR A 386 -20.93 -17.02 10.08
N ALA A 387 -21.57 -15.97 10.58
CA ALA A 387 -22.34 -15.10 9.70
C ALA A 387 -21.45 -14.42 8.68
N GLY A 388 -20.25 -14.02 9.10
CA GLY A 388 -19.31 -13.41 8.15
C GLY A 388 -18.91 -14.36 7.04
N PHE A 389 -18.68 -15.63 7.38
CA PHE A 389 -18.21 -16.58 6.38
C PHE A 389 -19.31 -17.05 5.43
N SER A 390 -20.57 -16.99 5.84
CA SER A 390 -21.65 -17.63 5.10
C SER A 390 -22.38 -16.69 4.13
N THR A 391 -22.01 -15.42 4.07
CA THR A 391 -22.69 -14.46 3.21
C THR A 391 -21.68 -13.63 2.43
N ILE A 392 -22.08 -13.21 1.25
CA ILE A 392 -21.22 -12.43 0.36
C ILE A 392 -21.63 -10.97 0.43
N ALA A 393 -20.70 -10.10 0.06
CA ALA A 393 -20.94 -8.67 0.07
C ALA A 393 -21.68 -8.25 -1.19
N GLY A 394 -22.22 -7.03 -1.16
CA GLY A 394 -22.94 -6.51 -2.30
C GLY A 394 -22.04 -6.19 -3.48
N SER A 395 -20.77 -5.91 -3.23
CA SER A 395 -19.86 -5.50 -4.30
C SER A 395 -19.70 -6.60 -5.33
N VAL A 396 -19.53 -7.85 -4.88
CA VAL A 396 -19.33 -8.95 -5.82
C VAL A 396 -20.61 -9.34 -6.55
N LEU A 397 -21.76 -8.88 -6.06
CA LEU A 397 -23.03 -9.27 -6.66
C LEU A 397 -23.11 -8.82 -8.12
N GLY A 398 -22.67 -7.59 -8.41
CA GLY A 398 -22.73 -7.10 -9.77
C GLY A 398 -21.87 -7.91 -10.72
N ALA A 399 -20.62 -8.17 -10.33
CA ALA A 399 -19.74 -8.97 -11.17
C ALA A 399 -20.29 -10.37 -11.39
N TYR A 400 -20.77 -11.01 -10.32
CA TYR A 400 -21.30 -12.36 -10.45
C TYR A 400 -22.52 -12.39 -11.36
N ILE A 401 -23.41 -11.40 -11.25
CA ILE A 401 -24.53 -11.32 -12.17
C ILE A 401 -24.05 -11.12 -13.60
N SER A 402 -22.98 -10.33 -13.76
CA SER A 402 -22.44 -10.08 -15.10
C SER A 402 -21.93 -11.36 -15.73
N PHE A 403 -21.29 -12.22 -14.94
CA PHE A 403 -20.78 -13.48 -15.49
C PHE A 403 -21.89 -14.30 -16.14
N GLY A 404 -23.10 -14.21 -15.60
CA GLY A 404 -24.21 -14.98 -16.13
C GLY A 404 -25.03 -15.65 -15.04
N VAL A 405 -24.51 -15.60 -13.81
CA VAL A 405 -25.23 -16.19 -12.68
C VAL A 405 -26.56 -15.46 -12.50
N SER A 406 -27.59 -16.22 -12.14
CA SER A 406 -28.91 -15.64 -11.98
C SER A 406 -28.94 -14.66 -10.82
N SER A 407 -29.56 -13.51 -11.05
CA SER A 407 -29.65 -12.51 -9.99
C SER A 407 -30.61 -12.94 -8.89
N SER A 408 -31.76 -13.50 -9.27
CA SER A 408 -32.75 -13.90 -8.27
C SER A 408 -32.17 -14.96 -7.34
N HIS A 409 -31.50 -15.95 -7.90
CA HIS A 409 -30.92 -17.01 -7.08
C HIS A 409 -29.85 -16.45 -6.15
N LEU A 410 -28.99 -15.57 -6.67
CA LEU A 410 -27.95 -14.98 -5.84
C LEU A 410 -28.53 -14.21 -4.67
N LEU A 411 -29.50 -13.34 -4.93
CA LEU A 411 -30.09 -12.56 -3.86
C LEU A 411 -30.84 -13.45 -2.88
N THR A 412 -31.57 -14.45 -3.38
CA THR A 412 -32.28 -15.35 -2.48
C THR A 412 -31.33 -16.11 -1.57
N ALA A 413 -30.21 -16.59 -2.13
CA ALA A 413 -29.22 -17.28 -1.32
C ALA A 413 -28.63 -16.35 -0.27
N SER A 414 -28.31 -15.11 -0.67
CA SER A 414 -27.76 -14.16 0.28
C SER A 414 -28.73 -13.90 1.44
N VAL A 415 -30.01 -13.71 1.12
CA VAL A 415 -31.00 -13.44 2.17
C VAL A 415 -31.16 -14.68 3.06
N MET A 416 -31.25 -15.86 2.46
CA MET A 416 -31.51 -17.07 3.21
C MET A 416 -30.32 -17.51 4.05
N SER A 417 -29.10 -17.09 3.70
CA SER A 417 -27.93 -17.59 4.41
C SER A 417 -27.91 -17.13 5.86
N ALA A 418 -28.30 -15.88 6.14
CA ALA A 418 -28.16 -15.35 7.49
C ALA A 418 -28.97 -16.15 8.51
N PRO A 419 -30.27 -16.42 8.31
CA PRO A 419 -30.95 -17.31 9.26
C PRO A 419 -30.29 -18.68 9.33
N ALA A 420 -29.85 -19.22 8.19
CA ALA A 420 -29.13 -20.49 8.21
C ALA A 420 -27.85 -20.36 9.00
N ALA A 421 -27.13 -19.25 8.82
CA ALA A 421 -25.88 -19.06 9.54
C ALA A 421 -26.13 -19.05 11.05
N LEU A 422 -27.15 -18.32 11.49
CA LEU A 422 -27.43 -18.26 12.92
C LEU A 422 -27.85 -19.63 13.46
N ALA A 423 -28.74 -20.32 12.76
CA ALA A 423 -29.21 -21.61 13.23
C ALA A 423 -28.04 -22.59 13.35
N ILE A 424 -27.22 -22.69 12.30
CA ILE A 424 -26.10 -23.61 12.31
C ILE A 424 -25.09 -23.20 13.40
N SER A 425 -24.89 -21.91 13.60
CA SER A 425 -23.97 -21.47 14.65
C SER A 425 -24.48 -21.90 16.02
N LYS A 426 -25.77 -21.72 16.28
CA LYS A 426 -26.31 -22.10 17.58
C LYS A 426 -26.21 -23.60 17.79
N LEU A 427 -26.48 -24.39 16.75
CA LEU A 427 -26.40 -25.84 16.91
C LEU A 427 -24.95 -26.30 17.06
N PHE A 428 -24.02 -25.64 16.37
CA PHE A 428 -22.62 -26.04 16.41
C PHE A 428 -21.97 -25.65 17.73
N TRP A 429 -22.23 -24.42 18.20
CA TRP A 429 -21.61 -23.88 19.41
C TRP A 429 -22.69 -23.27 20.28
N PRO A 430 -23.42 -24.09 21.04
CA PRO A 430 -24.48 -23.55 21.89
C PRO A 430 -23.93 -22.72 23.03
N GLU A 431 -24.65 -21.66 23.39
CA GLU A 431 -24.18 -20.74 24.40
C GLU A 431 -24.38 -21.33 25.79
N THR A 432 -23.36 -21.19 26.64
CA THR A 432 -23.41 -21.69 28.01
C THR A 432 -23.24 -20.59 29.05
N GLU A 433 -23.14 -19.33 28.65
CA GLU A 433 -22.93 -18.23 29.57
C GLU A 433 -23.86 -17.08 29.23
N THR A 434 -24.20 -16.29 30.23
CA THR A 434 -25.21 -15.26 30.09
C THR A 434 -24.72 -14.14 29.16
N PRO A 435 -25.63 -13.55 28.36
CA PRO A 435 -25.24 -12.40 27.53
C PRO A 435 -25.28 -11.08 28.29
N LYS A 436 -24.14 -10.38 28.38
CA LYS A 436 -24.12 -9.11 29.08
C LYS A 436 -24.76 -7.99 28.28
N ILE A 437 -24.56 -7.99 26.96
CA ILE A 437 -24.97 -6.86 26.13
C ILE A 437 -26.50 -6.79 26.06
N ASN A 438 -27.02 -5.57 26.15
CA ASN A 438 -28.45 -5.32 26.10
C ASN A 438 -28.92 -5.06 24.68
N LEU A 439 -30.24 -5.21 24.46
CA LEU A 439 -30.81 -4.97 23.14
C LEU A 439 -30.65 -3.52 22.71
N LYS A 440 -30.89 -2.57 23.62
CA LYS A 440 -30.85 -1.16 23.24
C LYS A 440 -29.45 -0.77 22.77
N ASN A 441 -28.42 -1.20 23.48
CA ASN A 441 -27.05 -0.88 23.08
C ASN A 441 -26.72 -1.51 21.74
N ALA A 442 -27.11 -2.78 21.55
CA ALA A 442 -26.75 -3.49 20.32
C ALA A 442 -27.42 -2.87 19.11
N MET A 443 -28.72 -2.58 19.20
CA MET A 443 -29.43 -2.01 18.05
C MET A 443 -28.88 -0.63 17.70
N LYS A 444 -28.56 0.17 18.70
CA LYS A 444 -27.94 1.46 18.47
C LYS A 444 -26.57 1.26 17.83
N MET A 445 -26.33 1.97 16.72
CA MET A 445 -25.07 1.92 16.00
C MET A 445 -24.56 3.34 15.84
N GLU A 446 -23.35 3.60 16.31
CA GLU A 446 -22.78 4.94 16.21
C GLU A 446 -22.54 5.31 14.76
N SER A 447 -22.94 6.54 14.40
CA SER A 447 -22.74 7.02 13.05
C SER A 447 -21.28 7.42 12.85
N GLY A 448 -20.90 7.57 11.58
CA GLY A 448 -19.52 7.92 11.27
C GLY A 448 -19.14 9.26 11.90
N ASP A 449 -17.90 9.32 12.39
CA ASP A 449 -17.38 10.55 12.99
C ASP A 449 -17.13 11.64 11.96
N SER A 450 -17.18 11.33 10.67
CA SER A 450 -16.93 12.33 9.65
C SER A 450 -17.89 13.50 9.80
N ARG A 451 -17.35 14.71 9.69
CA ARG A 451 -18.17 15.91 9.89
C ARG A 451 -19.24 16.04 8.82
N ASN A 452 -18.90 15.76 7.56
CA ASN A 452 -19.81 15.94 6.44
C ASN A 452 -19.77 14.71 5.55
N LEU A 453 -20.77 14.60 4.67
CA LEU A 453 -20.91 13.42 3.83
C LEU A 453 -19.64 13.12 3.06
N LEU A 454 -18.99 14.17 2.53
CA LEU A 454 -17.81 13.95 1.70
C LEU A 454 -16.63 13.42 2.53
N GLU A 455 -16.51 13.88 3.78
CA GLU A 455 -15.49 13.28 4.64
C GLU A 455 -15.77 11.80 4.88
N ALA A 456 -17.05 11.45 5.04
CA ALA A 456 -17.40 10.04 5.19
C ALA A 456 -17.00 9.26 3.95
N ALA A 457 -17.25 9.83 2.76
CA ALA A 457 -16.86 9.15 1.54
C ALA A 457 -15.35 8.97 1.46
N THR A 458 -14.59 10.01 1.80
CA THR A 458 -13.14 9.90 1.75
C THR A 458 -12.64 8.84 2.71
N GLN A 459 -13.15 8.83 3.94
CA GLN A 459 -12.70 7.86 4.92
C GLN A 459 -13.07 6.44 4.51
N GLY A 460 -14.26 6.26 3.93
CA GLY A 460 -14.64 4.95 3.45
C GLY A 460 -13.74 4.47 2.33
N ALA A 461 -13.43 5.36 1.38
CA ALA A 461 -12.57 4.98 0.27
C ALA A 461 -11.17 4.63 0.75
N SER A 462 -10.62 5.42 1.67
CA SER A 462 -9.25 5.21 2.12
C SER A 462 -9.08 3.82 2.75
N SER A 463 -10.09 3.36 3.49
CA SER A 463 -9.98 2.06 4.16
C SER A 463 -9.76 0.93 3.17
N SER A 464 -10.32 1.05 1.97
CA SER A 464 -10.27 -0.05 1.02
C SER A 464 -8.86 -0.34 0.50
N ILE A 465 -7.89 0.53 0.78
CA ILE A 465 -6.55 0.36 0.22
C ILE A 465 -5.97 -0.99 0.63
N SER A 466 -6.13 -1.37 1.88
CA SER A 466 -5.55 -2.62 2.35
C SER A 466 -6.22 -3.83 1.72
N LEU A 467 -7.55 -3.79 1.64
CA LEU A 467 -8.32 -4.97 1.21
C LEU A 467 -7.96 -5.38 -0.21
N VAL A 468 -7.89 -4.42 -1.13
CA VAL A 468 -7.60 -4.75 -2.52
C VAL A 468 -6.21 -5.35 -2.65
N ALA A 469 -5.23 -4.77 -1.93
CA ALA A 469 -3.88 -5.30 -2.00
C ALA A 469 -3.82 -6.73 -1.47
N ASN A 470 -4.50 -6.98 -0.34
CA ASN A 470 -4.50 -8.34 0.20
C ASN A 470 -5.14 -9.31 -0.78
N ILE A 471 -6.25 -8.91 -1.39
CA ILE A 471 -6.96 -9.81 -2.31
C ILE A 471 -6.07 -10.13 -3.49
N ALA A 472 -5.42 -9.12 -4.08
CA ALA A 472 -4.58 -9.36 -5.24
C ALA A 472 -3.39 -10.25 -4.91
N VAL A 473 -2.72 -9.97 -3.79
CA VAL A 473 -1.55 -10.76 -3.42
C VAL A 473 -1.95 -12.21 -3.15
N ASN A 474 -3.05 -12.41 -2.44
CA ASN A 474 -3.49 -13.76 -2.14
C ASN A 474 -3.87 -14.51 -3.40
N LEU A 475 -4.56 -13.85 -4.33
CA LEU A 475 -4.90 -14.51 -5.59
C LEU A 475 -3.65 -14.92 -6.35
N ILE A 476 -2.67 -14.02 -6.43
CA ILE A 476 -1.43 -14.36 -7.15
C ILE A 476 -0.79 -15.59 -6.53
N ALA A 477 -0.62 -15.57 -5.20
CA ALA A 477 0.08 -16.66 -4.53
C ALA A 477 -0.66 -17.98 -4.71
N PHE A 478 -1.96 -17.98 -4.47
CA PHE A 478 -2.70 -19.24 -4.50
C PHE A 478 -2.85 -19.78 -5.92
N LEU A 479 -2.99 -18.91 -6.92
CA LEU A 479 -3.04 -19.41 -8.29
C LEU A 479 -1.70 -19.99 -8.71
N ALA A 480 -0.59 -19.36 -8.29
CA ALA A 480 0.71 -19.96 -8.57
C ALA A 480 0.83 -21.33 -7.90
N LEU A 481 0.37 -21.44 -6.65
CA LEU A 481 0.41 -22.73 -5.96
C LEU A 481 -0.45 -23.76 -6.67
N LEU A 482 -1.60 -23.34 -7.18
CA LEU A 482 -2.46 -24.26 -7.92
C LEU A 482 -1.76 -24.76 -9.19
N SER A 483 -1.10 -23.86 -9.91
CA SER A 483 -0.38 -24.30 -11.10
C SER A 483 0.72 -25.28 -10.75
N PHE A 484 1.47 -25.00 -9.68
CA PHE A 484 2.53 -25.92 -9.27
C PHE A 484 1.95 -27.27 -8.86
N MET A 485 0.83 -27.26 -8.13
CA MET A 485 0.20 -28.50 -7.71
C MET A 485 -0.26 -29.32 -8.91
N ASN A 486 -0.86 -28.65 -9.91
CA ASN A 486 -1.29 -29.37 -11.10
C ASN A 486 -0.10 -29.98 -11.82
N SER A 487 0.99 -29.22 -11.96
CA SER A 487 2.16 -29.75 -12.65
C SER A 487 2.75 -30.94 -11.90
N ALA A 488 2.83 -30.86 -10.57
CA ALA A 488 3.42 -31.95 -9.80
C ALA A 488 2.53 -33.19 -9.81
N LEU A 489 1.21 -33.00 -9.71
CA LEU A 489 0.31 -34.14 -9.79
C LEU A 489 0.38 -34.80 -11.15
N SER A 490 0.46 -34.00 -12.23
CA SER A 490 0.62 -34.58 -13.56
C SER A 490 1.92 -35.35 -13.66
N TRP A 491 3.00 -34.83 -13.07
CA TRP A 491 4.27 -35.56 -13.09
C TRP A 491 4.15 -36.88 -12.36
N LEU A 492 3.53 -36.88 -11.18
CA LEU A 492 3.42 -38.12 -10.40
C LEU A 492 2.54 -39.14 -11.12
N GLY A 493 1.43 -38.69 -11.71
CA GLY A 493 0.54 -39.62 -12.39
C GLY A 493 1.21 -40.31 -13.57
N ASN A 494 2.10 -39.59 -14.26
CA ASN A 494 2.74 -40.16 -15.43
C ASN A 494 3.51 -41.43 -15.09
N MET A 495 4.01 -41.53 -13.86
CA MET A 495 4.70 -42.74 -13.45
C MET A 495 3.78 -43.96 -13.51
N PHE A 496 2.52 -43.80 -13.11
CA PHE A 496 1.56 -44.89 -13.11
C PHE A 496 0.74 -44.95 -14.39
N ASP A 497 1.17 -44.26 -15.44
CA ASP A 497 0.52 -44.27 -16.75
C ASP A 497 -0.79 -43.50 -16.76
N TYR A 498 -1.01 -42.57 -15.83
CA TYR A 498 -2.19 -41.71 -15.81
C TYR A 498 -1.73 -40.27 -15.74
N PRO A 499 -1.36 -39.67 -16.88
CA PRO A 499 -0.86 -38.29 -16.87
C PRO A 499 -1.94 -37.24 -16.68
N GLN A 500 -3.21 -37.61 -16.71
CA GLN A 500 -4.30 -36.64 -16.59
C GLN A 500 -4.63 -36.32 -15.14
N LEU A 501 -3.98 -36.95 -14.17
CA LEU A 501 -4.26 -36.65 -12.77
C LEU A 501 -4.01 -35.18 -12.49
N SER A 502 -4.93 -34.57 -11.75
CA SER A 502 -4.86 -33.14 -11.48
C SER A 502 -5.69 -32.83 -10.25
N PHE A 503 -5.64 -31.56 -9.84
CA PHE A 503 -6.41 -31.10 -8.70
C PHE A 503 -7.91 -31.31 -8.93
N GLU A 504 -8.39 -30.98 -10.13
CA GLU A 504 -9.81 -31.11 -10.42
C GLU A 504 -10.26 -32.56 -10.32
N VAL A 505 -9.45 -33.50 -10.81
CA VAL A 505 -9.84 -34.90 -10.79
C VAL A 505 -10.00 -35.39 -9.35
N ILE A 506 -9.06 -35.01 -8.47
CA ILE A 506 -9.16 -35.42 -7.09
C ILE A 506 -10.36 -34.78 -6.42
N CYS A 507 -10.57 -33.49 -6.64
CA CYS A 507 -11.67 -32.80 -5.97
C CYS A 507 -13.03 -33.27 -6.47
N SER A 508 -13.10 -33.81 -7.68
CA SER A 508 -14.37 -34.33 -8.17
C SER A 508 -14.83 -35.51 -7.33
N TYR A 509 -13.92 -36.45 -7.05
CA TYR A 509 -14.28 -37.61 -6.24
C TYR A 509 -14.39 -37.25 -4.76
N VAL A 510 -13.51 -36.37 -4.27
CA VAL A 510 -13.48 -36.10 -2.84
C VAL A 510 -14.79 -35.47 -2.38
N PHE A 511 -15.32 -34.52 -3.13
CA PHE A 511 -16.49 -33.75 -2.70
C PHE A 511 -17.80 -34.25 -3.31
N MET A 512 -17.78 -35.40 -3.99
CA MET A 512 -19.00 -35.88 -4.63
C MET A 512 -20.14 -36.14 -3.64
N PRO A 513 -19.91 -36.78 -2.49
CA PRO A 513 -21.04 -37.06 -1.59
C PRO A 513 -21.80 -35.82 -1.16
N PHE A 514 -21.10 -34.71 -0.90
CA PHE A 514 -21.80 -33.48 -0.53
C PHE A 514 -22.70 -33.00 -1.65
N ALA A 515 -22.22 -33.05 -2.89
CA ALA A 515 -23.03 -32.63 -4.02
C ALA A 515 -24.24 -33.54 -4.18
N PHE A 516 -24.05 -34.85 -3.98
CA PHE A 516 -25.17 -35.78 -4.16
C PHE A 516 -26.22 -35.59 -3.07
N MET A 517 -25.80 -35.38 -1.82
CA MET A 517 -26.76 -35.15 -0.74
C MET A 517 -27.56 -33.87 -0.96
N MET A 518 -26.99 -32.90 -1.67
CA MET A 518 -27.69 -31.64 -1.93
C MET A 518 -28.84 -31.81 -2.92
N GLY A 519 -28.98 -32.97 -3.55
CA GLY A 519 -30.04 -33.21 -4.49
C GLY A 519 -29.64 -33.13 -5.95
N VAL A 520 -28.36 -32.89 -6.24
CA VAL A 520 -27.88 -32.94 -7.61
C VAL A 520 -27.91 -34.38 -8.11
N ASP A 521 -28.18 -34.55 -9.39
CA ASP A 521 -28.20 -35.89 -9.96
C ASP A 521 -26.78 -36.47 -10.00
N TRP A 522 -26.71 -37.79 -10.18
CA TRP A 522 -25.45 -38.49 -10.07
C TRP A 522 -24.42 -37.94 -11.05
N GLN A 523 -24.82 -37.74 -12.30
CA GLN A 523 -23.85 -37.35 -13.33
C GLN A 523 -23.27 -35.97 -13.05
N ASP A 524 -24.11 -35.02 -12.65
CA ASP A 524 -23.65 -33.66 -12.41
C ASP A 524 -23.00 -33.48 -11.04
N SER A 525 -23.04 -34.50 -10.19
CA SER A 525 -22.47 -34.37 -8.86
C SER A 525 -20.96 -34.11 -8.93
N PHE A 526 -20.26 -34.79 -9.84
CA PHE A 526 -18.82 -34.57 -9.96
C PHE A 526 -18.52 -33.15 -10.43
N MET A 527 -19.30 -32.64 -11.38
CA MET A 527 -19.08 -31.29 -11.86
C MET A 527 -19.32 -30.27 -10.76
N VAL A 528 -20.39 -30.47 -9.97
CA VAL A 528 -20.63 -29.56 -8.85
C VAL A 528 -19.52 -29.70 -7.81
N ALA A 529 -18.99 -30.92 -7.63
CA ALA A 529 -17.92 -31.13 -6.67
C ALA A 529 -16.66 -30.36 -7.07
N LYS A 530 -16.37 -30.31 -8.38
CA LYS A 530 -15.23 -29.52 -8.81
C LYS A 530 -15.38 -28.06 -8.40
N LEU A 531 -16.58 -27.50 -8.61
CA LEU A 531 -16.82 -26.12 -8.23
C LEU A 531 -16.73 -25.93 -6.73
N ILE A 532 -17.23 -26.90 -5.95
CA ILE A 532 -17.16 -26.80 -4.50
C ILE A 532 -15.71 -26.80 -4.05
N GLY A 533 -14.88 -27.65 -4.66
CA GLY A 533 -13.46 -27.65 -4.32
C GLY A 533 -12.79 -26.34 -4.67
N TYR A 534 -13.12 -25.78 -5.83
CA TYR A 534 -12.57 -24.48 -6.21
C TYR A 534 -12.97 -23.41 -5.19
N LYS A 535 -14.23 -23.43 -4.76
CA LYS A 535 -14.69 -22.46 -3.76
C LYS A 535 -13.97 -22.66 -2.43
N THR A 536 -13.75 -23.91 -2.02
CA THR A 536 -13.13 -24.17 -0.72
C THR A 536 -11.67 -23.74 -0.72
N PHE A 537 -10.87 -24.29 -1.62
CA PHE A 537 -9.43 -24.02 -1.60
C PHE A 537 -9.12 -22.59 -2.03
N PHE A 538 -9.84 -22.08 -3.03
CA PHE A 538 -9.63 -20.74 -3.55
C PHE A 538 -10.93 -19.94 -3.43
N ASN A 539 -10.81 -18.63 -3.59
CA ASN A 539 -11.97 -17.77 -3.40
C ASN A 539 -13.05 -18.10 -4.42
N GLU A 540 -14.30 -17.81 -4.05
CA GLU A 540 -15.45 -18.20 -4.85
C GLU A 540 -15.46 -17.57 -6.23
N PHE A 541 -14.66 -16.51 -6.44
CA PHE A 541 -14.65 -15.86 -7.75
C PHE A 541 -14.34 -16.83 -8.87
N VAL A 542 -13.31 -17.66 -8.69
CA VAL A 542 -12.93 -18.61 -9.74
C VAL A 542 -14.03 -19.65 -9.94
N ALA A 543 -14.64 -20.11 -8.84
CA ALA A 543 -15.69 -21.12 -8.96
C ALA A 543 -16.88 -20.55 -9.72
N TYR A 544 -17.27 -19.31 -9.43
CA TYR A 544 -18.35 -18.68 -10.19
C TYR A 544 -17.95 -18.47 -11.65
N GLN A 545 -16.67 -18.19 -11.91
CA GLN A 545 -16.23 -18.08 -13.30
C GLN A 545 -16.41 -19.41 -14.03
N GLN A 546 -16.04 -20.52 -13.38
CA GLN A 546 -16.24 -21.83 -14.00
C GLN A 546 -17.73 -22.11 -14.20
N LEU A 547 -18.55 -21.76 -13.22
CA LEU A 547 -19.99 -21.97 -13.35
C LEU A 547 -20.56 -21.16 -14.50
N SER A 548 -20.06 -19.93 -14.68
CA SER A 548 -20.51 -19.11 -15.80
C SER A 548 -20.08 -19.73 -17.13
N LYS A 549 -18.87 -20.29 -17.18
CA LYS A 549 -18.45 -20.98 -18.39
C LYS A 549 -19.40 -22.15 -18.69
N LEU A 550 -19.76 -22.92 -17.68
CA LEU A 550 -20.68 -24.04 -17.88
C LEU A 550 -22.05 -23.55 -18.34
N ILE A 551 -22.54 -22.47 -17.74
CA ILE A 551 -23.84 -21.94 -18.11
C ILE A 551 -23.83 -21.44 -19.55
N SER A 552 -22.75 -20.79 -19.96
CA SER A 552 -22.63 -20.35 -21.35
C SER A 552 -22.58 -21.53 -22.29
N LEU A 553 -21.85 -22.59 -21.92
CA LEU A 553 -21.80 -23.78 -22.77
C LEU A 553 -23.19 -24.39 -22.92
N ARG A 554 -23.96 -24.46 -21.83
CA ARG A 554 -25.31 -24.99 -21.92
C ARG A 554 -26.18 -24.10 -22.80
N GLN A 555 -26.13 -22.78 -22.61
CA GLN A 555 -26.98 -21.89 -23.36
C GLN A 555 -26.68 -21.94 -24.85
N VAL A 556 -25.40 -22.00 -25.21
CA VAL A 556 -25.02 -22.06 -26.61
C VAL A 556 -25.61 -23.31 -27.27
N GLY A 557 -25.65 -24.42 -26.54
CA GLY A 557 -26.10 -25.67 -27.10
C GLY A 557 -24.97 -26.43 -27.74
N GLY A 558 -25.32 -27.64 -28.18
CA GLY A 558 -24.35 -28.52 -28.78
C GLY A 558 -24.39 -29.89 -28.14
N PRO A 559 -23.34 -30.70 -28.36
CA PRO A 559 -23.31 -32.03 -27.75
C PRO A 559 -23.18 -31.94 -26.24
N LYS A 560 -24.05 -32.68 -25.54
CA LYS A 560 -23.87 -32.84 -24.10
C LYS A 560 -22.54 -33.53 -23.81
N PHE A 561 -22.20 -34.53 -24.62
CA PHE A 561 -20.93 -35.24 -24.51
C PHE A 561 -20.19 -35.13 -25.84
N VAL A 562 -19.15 -34.31 -25.88
CA VAL A 562 -18.26 -34.29 -27.03
C VAL A 562 -17.55 -35.63 -27.15
N ASP A 563 -17.20 -36.20 -25.99
CA ASP A 563 -16.60 -37.53 -25.88
C ASP A 563 -17.09 -38.08 -24.55
N GLY A 564 -16.40 -39.05 -23.96
CA GLY A 564 -16.84 -39.49 -22.66
C GLY A 564 -16.74 -38.46 -21.56
N VAL A 565 -16.42 -37.21 -21.90
CA VAL A 565 -16.40 -36.10 -20.95
C VAL A 565 -17.67 -35.27 -21.14
N GLN A 566 -18.40 -35.05 -20.06
CA GLN A 566 -19.56 -34.18 -20.12
C GLN A 566 -19.13 -32.72 -20.27
N GLN A 567 -19.91 -31.97 -21.05
CA GLN A 567 -19.60 -30.57 -21.34
C GLN A 567 -20.39 -29.58 -20.49
N TYR A 568 -21.68 -29.82 -20.27
CA TYR A 568 -22.49 -28.92 -19.46
C TYR A 568 -23.49 -29.74 -18.65
N MET A 569 -24.10 -29.08 -17.67
CA MET A 569 -25.02 -29.71 -16.73
C MET A 569 -26.37 -29.01 -16.78
N SER A 570 -27.36 -29.64 -16.15
CA SER A 570 -28.74 -29.19 -16.21
C SER A 570 -28.94 -27.89 -15.45
N MET A 571 -30.10 -27.26 -15.69
CA MET A 571 -30.39 -25.97 -15.07
C MET A 571 -30.53 -26.10 -13.56
N ARG A 572 -31.18 -27.15 -13.08
CA ARG A 572 -31.37 -27.30 -11.64
C ARG A 572 -30.05 -27.48 -10.92
N SER A 573 -29.12 -28.23 -11.49
CA SER A 573 -27.79 -28.34 -10.89
C SER A 573 -27.12 -26.98 -10.84
N GLU A 574 -27.32 -26.16 -11.87
CA GLU A 574 -26.75 -24.81 -11.85
C GLU A 574 -27.33 -23.97 -10.73
N ALA A 575 -28.64 -24.08 -10.51
CA ALA A 575 -29.26 -23.34 -9.41
C ALA A 575 -28.72 -23.81 -8.06
N ILE A 576 -28.59 -25.12 -7.89
CA ILE A 576 -28.09 -25.66 -6.63
C ILE A 576 -26.64 -25.22 -6.41
N SER A 577 -25.83 -25.19 -7.47
CA SER A 577 -24.47 -24.71 -7.34
C SER A 577 -24.44 -23.23 -6.99
N THR A 578 -25.34 -22.44 -7.59
CA THR A 578 -25.39 -21.02 -7.25
C THR A 578 -25.68 -20.83 -5.77
N TYR A 579 -26.62 -21.60 -5.23
CA TYR A 579 -26.92 -21.52 -3.81
C TYR A 579 -25.74 -21.98 -2.96
N ALA A 580 -25.10 -23.08 -3.37
CA ALA A 580 -24.05 -23.69 -2.55
C ALA A 580 -22.82 -22.80 -2.45
N LEU A 581 -22.47 -22.12 -3.54
CA LEU A 581 -21.21 -21.38 -3.63
C LEU A 581 -21.32 -19.93 -3.18
N CYS A 582 -22.49 -19.50 -2.69
CA CYS A 582 -22.69 -18.10 -2.29
C CYS A 582 -22.15 -17.89 -0.88
N GLY A 583 -20.83 -17.79 -0.78
CA GLY A 583 -20.19 -17.56 0.51
C GLY A 583 -18.78 -17.07 0.35
N PHE A 584 -18.25 -16.53 1.44
CA PHE A 584 -16.86 -16.08 1.52
C PHE A 584 -15.99 -17.03 2.31
N ALA A 585 -16.43 -18.27 2.53
CA ALA A 585 -15.72 -19.22 3.38
C ALA A 585 -14.61 -19.86 2.56
N ASN A 586 -13.36 -19.46 2.83
CA ASN A 586 -12.20 -19.99 2.14
C ASN A 586 -11.08 -20.20 3.16
N PHE A 587 -10.15 -21.08 2.82
CA PHE A 587 -8.97 -21.26 3.66
C PHE A 587 -8.07 -20.05 3.68
N GLY A 588 -8.23 -19.12 2.73
CA GLY A 588 -7.45 -17.90 2.73
C GLY A 588 -8.14 -16.79 3.50
N SER A 589 -9.47 -16.74 3.42
CA SER A 589 -10.23 -15.76 4.18
C SER A 589 -10.07 -15.97 5.68
N LEU A 590 -9.74 -17.20 6.10
CA LEU A 590 -9.56 -17.48 7.52
C LEU A 590 -8.56 -16.52 8.14
N GLY A 591 -7.42 -16.31 7.49
CA GLY A 591 -6.40 -15.46 8.06
C GLY A 591 -6.83 -14.02 8.21
N ILE A 592 -7.46 -13.46 7.18
CA ILE A 592 -7.78 -12.03 7.19
C ILE A 592 -8.86 -11.73 8.21
N VAL A 593 -9.85 -12.62 8.34
CA VAL A 593 -10.90 -12.39 9.33
C VAL A 593 -10.32 -12.43 10.74
N ILE A 594 -9.44 -13.40 11.01
CA ILE A 594 -8.79 -13.46 12.32
C ILE A 594 -8.00 -12.18 12.57
N GLY A 595 -7.24 -11.74 11.57
CA GLY A 595 -6.47 -10.51 11.74
C GLY A 595 -7.35 -9.32 12.04
N GLY A 596 -8.41 -9.14 11.27
CA GLY A 596 -9.29 -8.00 11.47
C GLY A 596 -9.96 -8.02 12.83
N LEU A 597 -10.52 -9.16 13.22
CA LEU A 597 -11.20 -9.24 14.50
C LEU A 597 -10.22 -9.02 15.66
N THR A 598 -9.02 -9.61 15.57
CA THR A 598 -8.03 -9.39 16.62
C THR A 598 -7.60 -7.92 16.67
N SER A 599 -7.53 -7.26 15.52
CA SER A 599 -7.23 -5.83 15.52
C SER A 599 -8.33 -5.03 16.21
N MET A 600 -9.59 -5.39 15.96
CA MET A 600 -10.69 -4.64 16.58
C MET A 600 -10.69 -4.81 18.10
N ALA A 601 -10.48 -6.03 18.58
CA ALA A 601 -10.56 -6.35 20.01
C ALA A 601 -9.31 -7.11 20.44
N PRO A 602 -8.22 -6.40 20.75
CA PRO A 602 -7.00 -7.11 21.17
C PRO A 602 -7.19 -7.99 22.38
N SER A 603 -8.06 -7.59 23.31
CA SER A 603 -8.25 -8.38 24.53
C SER A 603 -8.76 -9.77 24.21
N ARG A 604 -9.63 -9.90 23.21
CA ARG A 604 -10.26 -11.16 22.86
C ARG A 604 -9.45 -11.95 21.83
N LYS A 605 -8.18 -11.59 21.62
CA LYS A 605 -7.39 -12.25 20.59
C LYS A 605 -7.30 -13.75 20.84
N ARG A 606 -7.19 -14.16 22.11
CA ARG A 606 -7.07 -15.57 22.42
C ARG A 606 -8.32 -16.33 22.01
N ASP A 607 -9.49 -15.73 22.17
CA ASP A 607 -10.74 -16.41 21.85
C ASP A 607 -10.98 -16.47 20.35
N ILE A 608 -10.59 -15.42 19.61
CA ILE A 608 -10.88 -15.37 18.19
C ILE A 608 -10.24 -16.55 17.47
N THR A 609 -8.97 -16.82 17.78
CA THR A 609 -8.24 -17.86 17.06
C THR A 609 -8.84 -19.24 17.32
N ALA A 610 -9.32 -19.48 18.55
CA ALA A 610 -9.80 -20.82 18.90
C ALA A 610 -10.99 -21.23 18.04
N GLY A 611 -11.92 -20.31 17.80
CA GLY A 611 -13.16 -20.64 17.12
C GLY A 611 -13.21 -20.38 15.63
N ALA A 612 -12.11 -19.95 15.01
CA ALA A 612 -12.17 -19.55 13.61
C ALA A 612 -12.49 -20.73 12.70
N MET A 613 -11.82 -21.87 12.91
CA MET A 613 -12.01 -23.00 12.01
C MET A 613 -13.41 -23.58 12.12
N ARG A 614 -13.92 -23.69 13.35
CA ARG A 614 -15.30 -24.13 13.53
C ARG A 614 -16.26 -23.15 12.87
N ALA A 615 -15.96 -21.86 12.93
CA ALA A 615 -16.80 -20.88 12.25
C ALA A 615 -16.80 -21.10 10.74
N LEU A 616 -15.63 -21.37 10.16
CA LEU A 616 -15.56 -21.64 8.72
C LEU A 616 -16.38 -22.88 8.35
N ILE A 617 -16.23 -23.95 9.15
CA ILE A 617 -16.98 -25.17 8.87
C ILE A 617 -18.48 -24.90 8.97
N ALA A 618 -18.89 -24.15 9.99
CA ALA A 618 -20.30 -23.81 10.15
C ALA A 618 -20.81 -23.00 8.97
N GLY A 619 -19.99 -22.07 8.46
CA GLY A 619 -20.41 -21.31 7.30
C GLY A 619 -20.62 -22.19 6.08
N THR A 620 -19.68 -23.10 5.84
CA THR A 620 -19.84 -24.02 4.71
C THR A 620 -21.10 -24.87 4.88
N ILE A 621 -21.37 -25.31 6.11
CA ILE A 621 -22.56 -26.13 6.36
C ILE A 621 -23.83 -25.32 6.13
N ALA A 622 -23.82 -24.05 6.52
CA ALA A 622 -24.98 -23.20 6.27
C ALA A 622 -25.22 -23.03 4.77
N CYS A 623 -24.14 -22.85 4.01
CA CYS A 623 -24.29 -22.78 2.55
C CYS A 623 -24.90 -24.07 2.02
N PHE A 624 -24.44 -25.21 2.54
CA PHE A 624 -24.99 -26.49 2.10
C PHE A 624 -26.47 -26.60 2.43
N LEU A 625 -26.89 -26.12 3.61
CA LEU A 625 -28.31 -26.16 3.97
C LEU A 625 -29.13 -25.29 3.03
N THR A 626 -28.64 -24.09 2.71
CA THR A 626 -29.37 -23.25 1.76
C THR A 626 -29.50 -23.93 0.41
N ALA A 627 -28.41 -24.56 -0.05
CA ALA A 627 -28.47 -25.29 -1.31
C ALA A 627 -29.48 -26.43 -1.24
N CYS A 628 -29.53 -27.12 -0.10
CA CYS A 628 -30.49 -28.21 0.05
C CYS A 628 -31.92 -27.71 -0.05
N ILE A 629 -32.24 -26.61 0.62
CA ILE A 629 -33.60 -26.09 0.54
C ILE A 629 -33.92 -25.68 -0.89
N ALA A 630 -33.00 -24.99 -1.55
CA ALA A 630 -33.24 -24.56 -2.93
C ALA A 630 -33.48 -25.76 -3.83
N GLY A 631 -32.66 -26.79 -3.70
CA GLY A 631 -32.89 -28.01 -4.47
C GLY A 631 -34.24 -28.64 -4.17
N MET A 632 -34.65 -28.62 -2.90
CA MET A 632 -35.93 -29.21 -2.53
C MET A 632 -37.08 -28.48 -3.20
N LEU A 633 -36.99 -27.15 -3.32
CA LEU A 633 -38.10 -26.39 -3.89
C LEU A 633 -38.09 -26.36 -5.41
N THR A 634 -36.92 -26.36 -6.05
CA THR A 634 -36.86 -26.24 -7.50
C THR A 634 -37.28 -27.52 -8.19
N ASN A 635 -38.12 -27.39 -9.22
CA ASN A 635 -38.59 -28.54 -9.97
C ASN A 635 -37.54 -28.99 -10.99
N THR A 636 -37.64 -30.25 -11.38
CA THR A 636 -36.75 -30.80 -12.40
C THR A 636 -37.11 -30.23 -13.76
N PRO A 637 -36.14 -29.69 -14.53
CA PRO A 637 -36.46 -29.22 -15.87
C PRO A 637 -36.91 -30.35 -16.80
N GLU B 105 50.43 -0.89 16.83
CA GLU B 105 49.50 -0.21 17.72
C GLU B 105 49.98 1.22 18.00
N ARG B 106 51.28 1.37 18.27
CA ARG B 106 51.81 2.70 18.58
C ARG B 106 51.64 3.64 17.40
N MET B 107 51.89 3.15 16.17
CA MET B 107 51.69 3.99 14.99
C MET B 107 50.23 4.39 14.86
N CYS B 108 49.32 3.45 15.13
CA CYS B 108 47.89 3.78 15.09
C CYS B 108 47.56 4.86 16.10
N GLY B 109 48.11 4.75 17.32
CA GLY B 109 47.84 5.77 18.33
C GLY B 109 48.38 7.13 17.93
N ARG B 110 49.58 7.17 17.37
CA ARG B 110 50.14 8.43 16.90
C ARG B 110 49.28 9.04 15.81
N MET B 111 48.83 8.21 14.87
CA MET B 111 47.96 8.71 13.80
C MET B 111 46.66 9.26 14.39
N SER B 112 46.08 8.55 15.37
CA SER B 112 44.84 9.02 15.98
C SER B 112 45.06 10.36 16.67
N ASP B 113 46.17 10.52 17.39
CA ASP B 113 46.46 11.78 18.05
C ASP B 113 46.62 12.90 17.04
N PHE B 114 47.35 12.63 15.95
CA PHE B 114 47.55 13.65 14.92
C PHE B 114 46.22 14.06 14.30
N CYS B 115 45.35 13.08 14.02
CA CYS B 115 44.03 13.40 13.46
C CYS B 115 43.21 14.23 14.45
N ARG B 116 43.27 13.88 15.74
CA ARG B 116 42.52 14.63 16.74
C ARG B 116 43.00 16.07 16.82
N GLU B 117 44.31 16.29 16.71
CA GLU B 117 44.83 17.65 16.86
C GLU B 117 44.33 18.56 15.74
N HIS B 118 44.35 18.10 14.50
CA HIS B 118 44.08 18.94 13.33
C HIS B 118 42.64 18.86 12.83
N LYS B 119 41.74 18.23 13.58
CA LYS B 119 40.37 18.00 13.11
C LYS B 119 39.75 19.25 12.47
N THR B 120 39.61 20.34 13.23
CA THR B 120 38.98 21.54 12.68
C THR B 120 39.81 22.12 11.55
N THR B 121 41.13 22.19 11.73
CA THR B 121 41.99 22.72 10.68
C THR B 121 41.92 21.87 9.43
N LEU B 122 41.91 20.54 9.60
CA LEU B 122 41.84 19.65 8.44
C LEU B 122 40.52 19.83 7.70
N ARG B 123 39.40 19.93 8.44
CA ARG B 123 38.12 20.12 7.78
C ARG B 123 38.09 21.44 7.03
N TYR B 124 38.58 22.51 7.65
CA TYR B 124 38.63 23.80 6.96
C TYR B 124 39.49 23.72 5.71
N ILE B 125 40.65 23.06 5.81
CA ILE B 125 41.57 22.98 4.67
C ILE B 125 40.93 22.21 3.52
N ILE B 126 40.29 21.08 3.82
CA ILE B 126 39.71 20.27 2.75
C ILE B 126 38.54 21.01 2.10
N TRP B 127 37.70 21.66 2.90
CA TRP B 127 36.62 22.44 2.31
C TRP B 127 37.15 23.57 1.44
N GLY B 128 38.19 24.26 1.92
CA GLY B 128 38.79 25.31 1.11
C GLY B 128 39.38 24.79 -0.18
N ILE B 129 40.02 23.62 -0.13
CA ILE B 129 40.58 23.02 -1.33
C ILE B 129 39.47 22.70 -2.34
N LEU B 130 38.36 22.14 -1.85
CA LEU B 130 37.25 21.84 -2.75
C LEU B 130 36.70 23.10 -3.38
N ILE B 131 36.53 24.16 -2.59
CA ILE B 131 36.01 25.42 -3.12
C ILE B 131 36.97 26.00 -4.14
N ALA B 132 38.28 25.91 -3.86
CA ALA B 132 39.28 26.42 -4.80
C ALA B 132 39.24 25.63 -6.10
N GLY B 133 39.06 24.31 -6.01
CA GLY B 133 38.94 23.52 -7.24
C GLY B 133 37.72 23.91 -8.05
N TYR B 134 36.59 24.14 -7.38
CA TYR B 134 35.40 24.60 -8.09
C TYR B 134 35.65 25.95 -8.76
N LEU B 135 36.32 26.87 -8.06
CA LEU B 135 36.61 28.17 -8.64
C LEU B 135 37.55 28.03 -9.84
N ALA B 136 38.53 27.13 -9.75
CA ALA B 136 39.42 26.89 -10.88
C ALA B 136 38.66 26.35 -12.08
N LEU B 137 37.74 25.42 -11.85
CA LEU B 137 36.92 24.92 -12.95
C LEU B 137 36.11 26.05 -13.58
N VAL B 138 35.51 26.90 -12.75
CA VAL B 138 34.70 28.01 -13.29
C VAL B 138 35.58 28.96 -14.10
N ILE B 139 36.76 29.29 -13.59
CA ILE B 139 37.61 30.24 -14.30
C ILE B 139 38.12 29.65 -15.61
N ALA B 140 38.42 28.35 -15.61
CA ALA B 140 38.83 27.71 -16.86
C ALA B 140 37.69 27.73 -17.88
N ALA B 141 36.47 27.43 -17.43
CA ALA B 141 35.33 27.46 -18.34
C ALA B 141 35.12 28.86 -18.90
N CYS B 142 35.27 29.89 -18.07
CA CYS B 142 35.13 31.26 -18.55
C CYS B 142 36.23 31.60 -19.54
N VAL B 143 37.46 31.17 -19.27
CA VAL B 143 38.57 31.45 -20.19
C VAL B 143 38.29 30.84 -21.56
N MET B 144 37.87 29.56 -21.58
CA MET B 144 37.71 28.87 -22.85
C MET B 144 36.64 29.52 -23.71
N ASN B 145 35.46 29.76 -23.14
CA ASN B 145 34.38 30.42 -23.89
C ASN B 145 33.42 31.03 -22.86
N PHE B 146 33.48 32.35 -22.72
CA PHE B 146 32.67 33.03 -21.70
C PHE B 146 31.18 32.87 -21.99
N HIS B 147 30.78 32.95 -23.26
CA HIS B 147 29.35 32.94 -23.57
C HIS B 147 28.69 31.65 -23.11
N ARG B 148 29.34 30.51 -23.34
CA ARG B 148 28.79 29.25 -22.85
C ARG B 148 28.80 29.19 -21.34
N ALA B 149 29.87 29.69 -20.71
CA ALA B 149 30.04 29.66 -19.26
C ALA B 149 29.22 30.72 -18.55
N LEU B 150 28.35 31.46 -19.23
CA LEU B 150 27.60 32.53 -18.56
C LEU B 150 26.75 32.02 -17.41
N PRO B 151 25.94 30.97 -17.56
CA PRO B 151 25.11 30.53 -16.42
C PRO B 151 25.92 30.12 -15.21
N LEU B 152 27.00 29.36 -15.39
CA LEU B 152 27.81 28.95 -14.24
C LEU B 152 28.43 30.16 -13.55
N PHE B 153 28.91 31.12 -14.33
CA PHE B 153 29.47 32.34 -13.73
C PHE B 153 28.41 33.10 -12.93
N VAL B 154 27.21 33.22 -13.48
CA VAL B 154 26.14 33.93 -12.77
C VAL B 154 25.81 33.22 -11.47
N ILE B 155 25.71 31.89 -11.52
CA ILE B 155 25.38 31.12 -10.32
C ILE B 155 26.46 31.32 -9.26
N THR B 156 27.73 31.23 -9.67
CA THR B 156 28.81 31.41 -8.72
C THR B 156 28.79 32.80 -8.10
N VAL B 157 28.55 33.82 -8.93
CA VAL B 157 28.54 35.20 -8.44
C VAL B 157 27.42 35.39 -7.42
N VAL B 158 26.23 34.91 -7.75
CA VAL B 158 25.10 35.10 -6.83
C VAL B 158 25.33 34.32 -5.54
N ALA B 159 25.88 33.11 -5.63
CA ALA B 159 26.16 32.34 -4.43
C ALA B 159 27.17 33.05 -3.54
N ILE B 160 28.24 33.58 -4.14
CA ILE B 160 29.25 34.30 -3.36
C ILE B 160 28.62 35.52 -2.70
N PHE B 161 27.81 36.27 -3.45
CA PHE B 161 27.18 37.46 -2.90
C PHE B 161 26.30 37.10 -1.71
N PHE B 162 25.50 36.04 -1.84
CA PHE B 162 24.61 35.65 -0.75
C PHE B 162 25.40 35.19 0.47
N VAL B 163 26.47 34.42 0.26
CA VAL B 163 27.28 33.96 1.39
C VAL B 163 27.90 35.15 2.11
N VAL B 164 28.44 36.11 1.35
CA VAL B 164 29.05 37.28 1.97
C VAL B 164 28.00 38.08 2.73
N TRP B 165 26.82 38.25 2.14
CA TRP B 165 25.76 39.00 2.82
C TRP B 165 25.38 38.33 4.13
N ASP B 166 25.20 37.01 4.11
CA ASP B 166 24.82 36.30 5.33
C ASP B 166 25.90 36.44 6.40
N HIS B 167 27.18 36.27 6.00
CA HIS B 167 28.26 36.39 6.97
C HIS B 167 28.31 37.78 7.57
N LEU B 168 28.18 38.81 6.73
CA LEU B 168 28.24 40.19 7.23
C LEU B 168 27.08 40.47 8.18
N MET B 169 25.87 40.06 7.80
CA MET B 169 24.73 40.30 8.68
C MET B 169 24.90 39.57 10.01
N ALA B 170 25.45 38.35 9.97
CA ALA B 170 25.73 37.62 11.20
C ALA B 170 26.70 38.37 12.09
N LYS B 171 27.89 38.65 11.56
CA LYS B 171 28.95 39.22 12.39
C LYS B 171 28.59 40.64 12.86
N TYR B 172 28.07 41.48 11.96
CA TYR B 172 27.87 42.89 12.24
C TYR B 172 26.43 43.22 12.65
N GLU B 173 25.68 42.25 13.14
CA GLU B 173 24.27 42.50 13.47
C GLU B 173 24.15 43.59 14.53
N SER B 174 25.00 43.54 15.57
CA SER B 174 24.91 44.53 16.63
C SER B 174 25.19 45.93 16.11
N GLN B 175 26.20 46.08 15.25
CA GLN B 175 26.53 47.39 14.72
C GLN B 175 25.39 47.95 13.88
N ILE B 176 24.78 47.10 13.04
CA ILE B 176 23.67 47.55 12.21
C ILE B 176 22.49 47.95 13.08
N ALA B 177 22.21 47.17 14.13
CA ALA B 177 21.13 47.53 15.05
C ALA B 177 21.41 48.86 15.74
N ARG B 178 22.67 49.08 16.15
CA ARG B 178 23.03 50.33 16.78
C ARG B 178 22.83 51.51 15.83
N PHE B 179 23.20 51.32 14.57
CA PHE B 179 22.99 52.38 13.58
C PHE B 179 21.51 52.64 13.35
N LEU B 180 20.70 51.58 13.34
CA LEU B 180 19.27 51.74 13.08
C LEU B 180 18.53 52.35 14.27
N SER B 181 19.05 52.18 15.48
CA SER B 181 18.28 52.55 16.67
C SER B 181 17.85 54.01 16.69
N PRO B 182 18.71 54.99 16.42
CA PRO B 182 18.25 56.38 16.49
C PRO B 182 17.09 56.70 15.57
N GLY B 183 17.09 56.12 14.36
CA GLY B 183 15.98 56.37 13.44
C GLY B 183 14.65 55.88 13.99
N GLN B 184 14.66 54.70 14.62
CA GLN B 184 13.43 54.18 15.21
C GLN B 184 12.92 55.12 16.30
N ARG B 185 13.80 55.62 17.15
CA ARG B 185 13.38 56.53 18.20
C ARG B 185 12.83 57.82 17.62
N LEU B 186 13.49 58.37 16.60
CA LEU B 186 13.00 59.60 15.99
C LEU B 186 11.62 59.40 15.37
N LEU B 187 11.43 58.27 14.67
CA LEU B 187 10.13 57.99 14.09
C LEU B 187 9.07 57.83 15.17
N ASP B 188 9.40 57.13 16.26
CA ASP B 188 8.43 56.94 17.33
C ASP B 188 8.03 58.26 17.96
N SER B 189 8.99 59.17 18.12
CA SER B 189 8.67 60.46 18.73
C SER B 189 7.65 61.24 17.90
N HIS B 190 7.80 61.22 16.58
CA HIS B 190 6.93 61.98 15.68
C HIS B 190 5.82 61.13 15.06
N TRP B 191 5.66 59.89 15.51
CA TRP B 191 4.69 58.99 14.87
C TRP B 191 3.26 59.51 15.04
N PHE B 192 2.98 60.14 16.19
CA PHE B 192 1.59 60.47 16.52
C PHE B 192 0.93 61.31 15.43
N TRP B 193 1.58 62.40 15.03
CA TRP B 193 1.01 63.23 13.98
C TRP B 193 1.26 62.64 12.59
N LEU B 194 2.40 61.97 12.42
CA LEU B 194 2.81 61.52 11.10
C LEU B 194 1.98 60.36 10.57
N LYS B 195 1.34 59.57 11.45
CA LYS B 195 0.57 58.43 11.00
C LYS B 195 -0.60 58.85 10.13
N TRP B 196 -1.30 59.93 10.52
CA TRP B 196 -2.41 60.41 9.70
C TRP B 196 -1.93 60.85 8.33
N VAL B 197 -0.79 61.54 8.28
CA VAL B 197 -0.24 61.99 7.00
C VAL B 197 0.07 60.79 6.12
N ILE B 198 0.70 59.76 6.68
CA ILE B 198 1.04 58.58 5.89
C ILE B 198 -0.22 57.91 5.35
N TRP B 199 -1.24 57.74 6.21
CA TRP B 199 -2.48 57.10 5.78
C TRP B 199 -3.16 57.91 4.67
N GLY B 200 -3.22 59.23 4.83
CA GLY B 200 -3.82 60.06 3.81
C GLY B 200 -3.09 59.97 2.48
N CYS B 201 -1.76 59.98 2.53
CA CYS B 201 -0.98 59.87 1.30
C CYS B 201 -1.23 58.53 0.62
N LEU B 202 -1.28 57.44 1.40
CA LEU B 202 -1.56 56.13 0.81
C LEU B 202 -2.94 56.11 0.16
N ILE B 203 -3.94 56.66 0.84
CA ILE B 203 -5.30 56.65 0.28
C ILE B 203 -5.34 57.46 -1.02
N LEU B 204 -4.70 58.63 -1.02
CA LEU B 204 -4.71 59.46 -2.22
C LEU B 204 -4.01 58.76 -3.38
N GLY B 205 -2.88 58.11 -3.11
CA GLY B 205 -2.20 57.37 -4.16
C GLY B 205 -3.04 56.23 -4.70
N VAL B 206 -3.74 55.52 -3.80
CA VAL B 206 -4.62 54.44 -4.24
C VAL B 206 -5.71 54.98 -5.17
N ILE B 207 -6.33 56.10 -4.76
CA ILE B 207 -7.40 56.66 -5.58
C ILE B 207 -6.88 57.05 -6.96
N LEU B 208 -5.74 57.74 -7.00
CA LEU B 208 -5.22 58.21 -8.29
C LEU B 208 -4.87 57.03 -9.19
N TRP B 209 -4.16 56.04 -8.65
CA TRP B 209 -3.77 54.89 -9.46
C TRP B 209 -4.99 54.15 -9.97
N LEU B 210 -5.97 53.91 -9.10
CA LEU B 210 -7.18 53.21 -9.53
C LEU B 210 -7.85 53.96 -10.67
N VAL B 211 -8.12 55.25 -10.45
CA VAL B 211 -8.84 56.02 -11.47
C VAL B 211 -8.09 55.94 -12.79
N PHE B 212 -6.86 56.46 -12.82
CA PHE B 212 -6.17 56.67 -14.09
C PHE B 212 -6.07 55.37 -14.89
N ASP B 213 -5.53 54.32 -14.27
CA ASP B 213 -5.37 53.07 -15.00
C ASP B 213 -6.71 52.42 -15.32
N THR B 214 -7.49 52.04 -14.29
CA THR B 214 -8.63 51.18 -14.52
C THR B 214 -9.69 51.86 -15.39
N ALA B 215 -9.98 53.14 -15.13
CA ALA B 215 -10.96 53.82 -15.98
C ALA B 215 -10.60 53.70 -17.45
N LYS B 216 -9.30 53.87 -17.77
CA LYS B 216 -8.86 53.69 -19.14
C LYS B 216 -9.05 52.25 -19.61
N LEU B 217 -8.72 51.28 -18.75
CA LEU B 217 -8.76 49.89 -19.19
C LEU B 217 -10.19 49.46 -19.55
N GLY B 218 -11.16 49.81 -18.74
CA GLY B 218 -12.54 49.49 -19.04
C GLY B 218 -13.32 49.17 -17.78
N GLN B 219 -14.60 48.85 -18.00
CA GLN B 219 -15.49 48.54 -16.88
C GLN B 219 -15.09 47.24 -16.20
N GLN B 220 -14.67 46.24 -16.97
CA GLN B 220 -14.40 44.92 -16.41
C GLN B 220 -13.28 44.97 -15.38
N GLN B 221 -12.21 45.73 -15.67
CA GLN B 221 -11.09 45.77 -14.75
C GLN B 221 -11.47 46.37 -13.40
N LEU B 222 -12.44 47.28 -13.38
CA LEU B 222 -12.84 47.93 -12.14
C LEU B 222 -13.70 47.05 -11.26
N VAL B 223 -14.49 46.15 -11.86
CA VAL B 223 -15.31 45.25 -11.05
C VAL B 223 -14.42 44.34 -10.22
N SER B 224 -13.20 44.07 -10.68
CA SER B 224 -12.29 43.27 -9.87
C SER B 224 -11.93 43.98 -8.57
N PHE B 225 -11.62 45.28 -8.64
CA PHE B 225 -11.35 46.05 -7.44
C PHE B 225 -12.60 46.14 -6.56
N GLY B 226 -13.77 46.32 -7.18
CA GLY B 226 -15.00 46.30 -6.41
C GLY B 226 -15.20 44.99 -5.68
N GLY B 227 -14.89 43.87 -6.34
CA GLY B 227 -15.01 42.58 -5.69
C GLY B 227 -14.01 42.40 -4.57
N LEU B 228 -12.80 42.94 -4.74
CA LEU B 228 -11.82 42.92 -3.66
C LEU B 228 -12.36 43.63 -2.43
N ILE B 229 -12.93 44.82 -2.63
CA ILE B 229 -13.53 45.55 -1.51
C ILE B 229 -14.65 44.74 -0.88
N ILE B 230 -15.50 44.13 -1.72
CA ILE B 230 -16.64 43.39 -1.21
C ILE B 230 -16.17 42.20 -0.36
N TYR B 231 -15.16 41.47 -0.86
CA TYR B 231 -14.66 40.33 -0.11
C TYR B 231 -14.07 40.75 1.22
N THR B 232 -13.27 41.83 1.22
CA THR B 232 -12.70 42.29 2.49
C THR B 232 -13.80 42.70 3.46
N SER B 233 -14.81 43.42 2.97
CA SER B 233 -15.91 43.85 3.84
C SER B 233 -16.66 42.66 4.40
N LEU B 234 -16.97 41.67 3.56
CA LEU B 234 -17.70 40.50 4.03
C LEU B 234 -16.90 39.72 5.06
N THR B 235 -15.58 39.56 4.84
CA THR B 235 -14.76 38.90 5.84
C THR B 235 -14.77 39.68 7.15
N PHE B 236 -14.75 41.02 7.06
CA PHE B 236 -14.81 41.82 8.29
C PHE B 236 -16.15 41.65 9.00
N LEU B 237 -17.25 41.51 8.26
CA LEU B 237 -18.56 41.39 8.88
C LEU B 237 -18.66 40.13 9.72
N PHE B 238 -18.24 39.00 9.17
CA PHE B 238 -18.42 37.69 9.81
C PHE B 238 -17.16 37.23 10.53
N SER B 239 -16.40 38.16 11.10
CA SER B 239 -15.20 37.80 11.84
C SER B 239 -15.56 37.16 13.18
N LYS B 240 -14.65 36.32 13.69
CA LYS B 240 -14.88 35.68 14.97
C LYS B 240 -14.98 36.71 16.10
N HIS B 241 -14.10 37.71 16.08
CA HIS B 241 -14.07 38.77 17.09
C HIS B 241 -14.01 40.10 16.35
N PRO B 242 -15.14 40.54 15.79
CA PRO B 242 -15.10 41.75 14.94
C PRO B 242 -14.60 42.99 15.66
N THR B 243 -14.88 43.14 16.95
CA THR B 243 -14.48 44.35 17.66
C THR B 243 -12.97 44.50 17.69
N LYS B 244 -12.25 43.41 17.95
CA LYS B 244 -10.80 43.44 18.11
C LYS B 244 -10.15 42.96 16.82
N VAL B 245 -9.69 43.91 16.00
CA VAL B 245 -9.04 43.60 14.74
C VAL B 245 -7.85 44.54 14.56
N TYR B 246 -6.75 44.01 14.06
CA TYR B 246 -5.56 44.80 13.72
C TYR B 246 -5.55 44.95 12.20
N TRP B 247 -5.66 46.18 11.73
CA TRP B 247 -5.79 46.43 10.29
C TRP B 247 -4.44 46.49 9.57
N ARG B 248 -3.35 46.70 10.29
CA ARG B 248 -2.04 46.78 9.62
C ARG B 248 -1.72 45.51 8.87
N PRO B 249 -1.88 44.31 9.42
CA PRO B 249 -1.60 43.10 8.61
C PRO B 249 -2.43 43.04 7.33
N VAL B 250 -3.72 43.39 7.41
CA VAL B 250 -4.57 43.30 6.22
C VAL B 250 -4.10 44.29 5.16
N PHE B 251 -3.88 45.54 5.55
CA PHE B 251 -3.48 46.54 4.57
C PHE B 251 -2.13 46.21 3.97
N TRP B 252 -1.17 45.78 4.80
CA TRP B 252 0.15 45.44 4.27
C TRP B 252 0.09 44.21 3.37
N GLY B 253 -0.73 43.22 3.72
CA GLY B 253 -0.87 42.06 2.85
C GLY B 253 -1.42 42.44 1.49
N ILE B 254 -2.47 43.27 1.47
CA ILE B 254 -3.03 43.71 0.20
C ILE B 254 -2.00 44.50 -0.59
N GLY B 255 -1.26 45.38 0.09
CA GLY B 255 -0.25 46.17 -0.61
C GLY B 255 0.84 45.31 -1.20
N LEU B 256 1.32 44.31 -0.45
CA LEU B 256 2.36 43.43 -0.97
C LEU B 256 1.85 42.60 -2.14
N GLN B 257 0.61 42.11 -2.05
CA GLN B 257 0.03 41.39 -3.18
C GLN B 257 -0.01 42.28 -4.41
N PHE B 258 -0.48 43.52 -4.25
CA PHE B 258 -0.57 44.43 -5.37
C PHE B 258 0.80 44.69 -5.97
N LEU B 259 1.81 44.93 -5.12
CA LEU B 259 3.14 45.22 -5.63
C LEU B 259 3.72 44.03 -6.38
N LEU B 260 3.60 42.83 -5.82
CA LEU B 260 4.16 41.65 -6.49
C LEU B 260 3.45 41.40 -7.82
N GLY B 261 2.13 41.49 -7.82
CA GLY B 261 1.40 41.32 -9.08
C GLY B 261 1.80 42.36 -10.11
N LEU B 262 1.90 43.62 -9.68
CA LEU B 262 2.28 44.69 -10.60
C LEU B 262 3.65 44.40 -11.22
N LEU B 263 4.64 44.09 -10.38
CA LEU B 263 5.97 43.82 -10.89
C LEU B 263 5.97 42.65 -11.87
N ILE B 264 5.36 41.53 -11.47
CA ILE B 264 5.45 40.33 -12.28
C ILE B 264 4.68 40.46 -13.59
N LEU B 265 3.54 41.15 -13.58
CA LEU B 265 2.67 41.15 -14.75
C LEU B 265 2.89 42.34 -15.67
N ARG B 266 3.13 43.52 -15.12
CA ARG B 266 3.21 44.74 -15.92
C ARG B 266 4.62 45.06 -16.39
N THR B 267 5.61 44.25 -16.02
CA THR B 267 6.99 44.45 -16.44
C THR B 267 7.48 43.23 -17.21
N GLU B 268 8.07 43.47 -18.38
CA GLU B 268 8.58 42.40 -19.23
C GLU B 268 9.72 41.65 -18.53
N PRO B 269 10.69 42.36 -17.94
CA PRO B 269 11.76 41.63 -17.24
C PRO B 269 11.23 40.72 -16.14
N GLY B 270 10.25 41.18 -15.37
CA GLY B 270 9.65 40.31 -14.37
C GLY B 270 8.88 39.17 -14.99
N PHE B 271 8.14 39.44 -16.07
CA PHE B 271 7.30 38.41 -16.68
C PHE B 271 8.14 37.27 -17.22
N MET B 272 9.29 37.59 -17.83
CA MET B 272 10.09 36.55 -18.47
C MET B 272 10.72 35.61 -17.44
N ALA B 273 11.12 36.14 -16.28
CA ALA B 273 11.81 35.32 -15.29
C ALA B 273 10.94 34.17 -14.80
N PHE B 274 9.67 34.46 -14.52
CA PHE B 274 8.79 33.40 -14.02
C PHE B 274 8.52 32.35 -15.08
N ASP B 275 8.38 32.76 -16.34
CA ASP B 275 8.29 31.79 -17.43
C ASP B 275 9.51 30.90 -17.47
N TRP B 276 10.70 31.50 -17.33
CA TRP B 276 11.93 30.71 -17.35
C TRP B 276 11.94 29.70 -16.21
N LEU B 277 11.56 30.14 -15.02
CA LEU B 277 11.53 29.23 -13.86
C LEU B 277 10.53 28.09 -14.10
N GLY B 278 9.37 28.41 -14.66
CA GLY B 278 8.39 27.38 -14.95
C GLY B 278 8.91 26.35 -15.94
N LYS B 279 9.58 26.81 -17.00
CA LYS B 279 10.16 25.86 -17.95
C LYS B 279 11.21 24.99 -17.28
N GLN B 280 12.04 25.59 -16.41
CA GLN B 280 13.04 24.80 -15.71
C GLN B 280 12.39 23.71 -14.86
N VAL B 281 11.33 24.07 -14.14
CA VAL B 281 10.63 23.07 -13.31
C VAL B 281 10.03 21.98 -14.18
N GLN B 282 9.45 22.38 -15.32
CA GLN B 282 8.84 21.39 -16.20
C GLN B 282 9.88 20.39 -16.69
N THR B 283 11.06 20.87 -17.08
CA THR B 283 12.12 19.95 -17.49
C THR B 283 12.58 19.09 -16.32
N PHE B 284 12.67 19.70 -15.12
CA PHE B 284 13.15 18.97 -13.95
C PHE B 284 12.24 17.80 -13.63
N LEU B 285 10.93 17.97 -13.80
CA LEU B 285 10.00 16.86 -13.58
C LEU B 285 9.85 15.95 -14.80
N GLY B 286 10.15 16.45 -16.00
CA GLY B 286 10.24 15.56 -17.14
C GLY B 286 11.37 14.58 -16.99
N TYR B 287 12.39 14.96 -16.24
CA TYR B 287 13.40 13.98 -15.84
C TYR B 287 12.75 12.84 -15.05
N SER B 288 11.84 13.17 -14.14
CA SER B 288 11.13 12.13 -13.40
C SER B 288 10.31 11.26 -14.33
N ASP B 289 9.62 11.87 -15.30
CA ASP B 289 8.78 11.08 -16.20
C ASP B 289 9.57 9.97 -16.86
N ALA B 290 10.78 10.27 -17.32
CA ALA B 290 11.61 9.26 -17.98
C ALA B 290 11.97 8.13 -17.01
N GLY B 291 12.27 8.46 -15.75
CA GLY B 291 12.77 7.46 -14.82
C GLY B 291 11.76 6.38 -14.51
N ALA B 292 10.46 6.69 -14.63
CA ALA B 292 9.43 5.73 -14.31
C ALA B 292 9.13 4.76 -15.45
N SER B 293 9.81 4.91 -16.58
CA SER B 293 9.62 3.97 -17.69
C SER B 293 10.17 2.59 -17.34
N PHE B 294 11.25 2.55 -16.57
CA PHE B 294 11.89 1.27 -16.25
C PHE B 294 10.94 0.38 -15.45
N VAL B 295 10.33 0.92 -14.40
CA VAL B 295 9.51 0.09 -13.53
C VAL B 295 8.23 -0.35 -14.24
N PHE B 296 7.59 0.55 -14.97
CA PHE B 296 6.31 0.26 -15.62
C PHE B 296 6.46 -0.03 -17.11
N GLY B 297 7.68 -0.08 -17.63
CA GLY B 297 7.89 -0.40 -19.03
C GLY B 297 7.70 0.80 -19.94
N GLU B 298 8.04 0.59 -21.21
CA GLU B 298 7.89 1.64 -22.21
C GLU B 298 6.44 1.87 -22.60
N LYS B 299 5.53 0.99 -22.21
CA LYS B 299 4.10 1.18 -22.45
C LYS B 299 3.41 1.88 -21.28
N TYR B 300 4.18 2.52 -20.40
CA TYR B 300 3.60 3.23 -19.27
C TYR B 300 2.69 4.35 -19.72
N THR B 301 2.92 4.90 -20.92
CA THR B 301 2.08 5.98 -21.43
C THR B 301 0.63 5.53 -21.63
N ASP B 302 0.38 4.21 -21.68
CA ASP B 302 -0.99 3.74 -21.85
C ASP B 302 -1.88 4.19 -20.70
N HIS B 303 -1.39 4.10 -19.47
CA HIS B 303 -2.13 4.50 -18.28
C HIS B 303 -1.48 5.79 -17.78
N PHE B 304 -1.97 6.92 -18.28
CA PHE B 304 -1.24 8.17 -18.14
C PHE B 304 -1.18 8.63 -16.69
N PHE B 305 -2.33 8.69 -16.01
CA PHE B 305 -2.35 9.28 -14.68
C PHE B 305 -1.62 8.41 -13.66
N ALA B 306 -1.86 7.10 -13.71
CA ALA B 306 -1.29 6.22 -12.69
C ALA B 306 0.22 6.12 -12.79
N PHE B 307 0.77 6.16 -13.99
CA PHE B 307 2.19 5.90 -14.18
C PHE B 307 3.03 7.17 -14.21
N LYS B 308 2.67 8.17 -15.01
CA LYS B 308 3.48 9.38 -15.03
C LYS B 308 3.34 10.19 -13.73
N VAL B 309 2.12 10.61 -13.40
CA VAL B 309 1.93 11.67 -12.41
C VAL B 309 2.38 11.21 -11.02
N LEU B 310 2.06 9.97 -10.65
CA LEU B 310 2.41 9.52 -9.31
C LEU B 310 3.92 9.40 -9.13
N PRO B 311 4.68 8.82 -10.05
CA PRO B 311 6.14 8.99 -10.01
C PRO B 311 6.60 10.44 -10.01
N ILE B 312 5.91 11.36 -10.71
CA ILE B 312 6.29 12.76 -10.59
C ILE B 312 6.22 13.21 -9.13
N VAL B 313 5.12 12.84 -8.46
CA VAL B 313 4.97 13.19 -7.04
C VAL B 313 6.08 12.56 -6.21
N ILE B 314 6.39 11.29 -6.49
CA ILE B 314 7.42 10.59 -5.71
C ILE B 314 8.77 11.28 -5.87
N PHE B 315 9.13 11.63 -7.11
CA PHE B 315 10.40 12.28 -7.35
C PHE B 315 10.45 13.65 -6.68
N PHE B 316 9.35 14.40 -6.73
CA PHE B 316 9.32 15.68 -6.04
C PHE B 316 9.53 15.49 -4.54
N SER B 317 8.88 14.50 -3.95
CA SER B 317 9.06 14.24 -2.52
C SER B 317 10.51 13.90 -2.21
N THR B 318 11.13 13.04 -3.03
CA THR B 318 12.52 12.67 -2.80
C THR B 318 13.43 13.88 -2.88
N VAL B 319 13.24 14.72 -3.90
CA VAL B 319 14.10 15.89 -4.07
C VAL B 319 13.90 16.86 -2.92
N MET B 320 12.66 17.05 -2.48
CA MET B 320 12.41 17.94 -1.34
C MET B 320 13.07 17.41 -0.08
N SER B 321 13.01 16.11 0.15
CA SER B 321 13.69 15.54 1.32
C SER B 321 15.20 15.77 1.23
N MET B 322 15.78 15.55 0.04
CA MET B 322 17.21 15.75 -0.11
C MET B 322 17.59 17.20 0.15
N LEU B 323 16.82 18.15 -0.40
CA LEU B 323 17.11 19.57 -0.20
C LEU B 323 16.95 19.94 1.26
N TYR B 324 15.94 19.40 1.94
CA TYR B 324 15.76 19.66 3.35
C TYR B 324 16.96 19.18 4.16
N TYR B 325 17.48 18.00 3.81
CA TYR B 325 18.69 17.53 4.48
C TYR B 325 19.87 18.46 4.21
N LEU B 326 20.04 18.88 2.95
CA LEU B 326 21.16 19.75 2.61
C LEU B 326 21.05 21.08 3.33
N GLY B 327 19.84 21.66 3.37
CA GLY B 327 19.61 22.88 4.13
C GLY B 327 19.41 24.11 3.27
N LEU B 328 18.87 23.92 2.07
CA LEU B 328 18.58 25.04 1.17
C LEU B 328 17.17 25.56 1.37
N MET B 329 16.18 24.67 1.26
CA MET B 329 14.77 25.01 1.47
C MET B 329 14.60 25.91 2.69
N GLN B 330 15.26 25.53 3.80
CA GLN B 330 15.14 26.29 5.04
C GLN B 330 15.60 27.73 4.85
N TRP B 331 16.67 27.93 4.07
CA TRP B 331 17.19 29.27 3.85
C TRP B 331 16.15 30.16 3.15
N ILE B 332 15.54 29.64 2.08
CA ILE B 332 14.53 30.42 1.35
C ILE B 332 13.34 30.70 2.26
N ILE B 333 12.92 29.70 3.03
CA ILE B 333 11.79 29.86 3.93
C ILE B 333 12.09 30.95 4.94
N ARG B 334 13.30 30.95 5.51
CA ARG B 334 13.66 31.96 6.48
C ARG B 334 13.65 33.35 5.85
N LYS B 335 14.18 33.48 4.64
CA LYS B 335 14.23 34.80 4.01
C LYS B 335 12.82 35.36 3.79
N VAL B 336 11.94 34.55 3.17
CA VAL B 336 10.60 35.06 2.88
C VAL B 336 9.83 35.29 4.18
N GLY B 337 10.01 34.40 5.16
CA GLY B 337 9.35 34.59 6.44
C GLY B 337 9.78 35.87 7.13
N TRP B 338 11.09 36.19 7.06
CA TRP B 338 11.56 37.43 7.65
C TRP B 338 10.96 38.63 6.93
N VAL B 339 10.84 38.57 5.61
CA VAL B 339 10.20 39.68 4.90
C VAL B 339 8.77 39.86 5.39
N MET B 340 8.00 38.77 5.46
CA MET B 340 6.62 38.87 5.90
C MET B 340 6.54 39.38 7.33
N LEU B 341 7.42 38.90 8.20
CA LEU B 341 7.42 39.31 9.60
C LEU B 341 7.73 40.79 9.74
N VAL B 342 8.70 41.28 8.99
CA VAL B 342 9.13 42.66 9.16
C VAL B 342 8.13 43.62 8.51
N THR B 343 7.33 43.13 7.56
CA THR B 343 6.34 44.00 6.90
C THR B 343 4.94 43.82 7.47
N MET B 344 4.41 42.59 7.47
CA MET B 344 3.03 42.40 7.90
C MET B 344 2.87 42.58 9.40
N GLY B 345 3.82 42.07 10.19
CA GLY B 345 3.71 42.12 11.63
C GLY B 345 3.07 40.90 12.25
N THR B 346 2.97 39.79 11.52
CA THR B 346 2.37 38.57 12.06
C THR B 346 3.33 37.92 13.07
N SER B 347 2.83 36.86 13.72
CA SER B 347 3.66 36.14 14.67
C SER B 347 4.70 35.30 13.93
N PRO B 348 5.88 35.08 14.53
CA PRO B 348 6.94 34.34 13.82
C PRO B 348 6.51 32.98 13.31
N VAL B 349 5.75 32.22 14.09
CA VAL B 349 5.43 30.85 13.71
C VAL B 349 4.53 30.85 12.48
N GLU B 350 3.49 31.69 12.48
CA GLU B 350 2.59 31.72 11.33
C GLU B 350 3.31 32.20 10.09
N SER B 351 4.21 33.18 10.23
CA SER B 351 4.99 33.64 9.08
C SER B 351 5.88 32.52 8.54
N VAL B 352 6.56 31.81 9.43
CA VAL B 352 7.42 30.71 8.99
C VAL B 352 6.59 29.66 8.25
N VAL B 353 5.43 29.31 8.80
CA VAL B 353 4.60 28.30 8.15
C VAL B 353 4.13 28.79 6.78
N ALA B 354 3.65 30.04 6.72
CA ALA B 354 3.10 30.55 5.47
C ALA B 354 4.18 30.60 4.39
N SER B 355 5.38 31.07 4.73
CA SER B 355 6.43 31.14 3.73
C SER B 355 6.77 29.76 3.17
N GLY B 356 6.80 28.74 4.03
CA GLY B 356 7.10 27.40 3.57
C GLY B 356 6.04 26.84 2.64
N ASN B 357 4.77 27.16 2.90
CA ASN B 357 3.69 26.54 2.15
C ASN B 357 3.69 26.90 0.68
N ILE B 358 4.45 27.92 0.28
CA ILE B 358 4.46 28.32 -1.13
C ILE B 358 4.90 27.16 -2.01
N PHE B 359 5.91 26.41 -1.58
CA PHE B 359 6.40 25.25 -2.31
C PHE B 359 6.28 23.95 -1.53
N ILE B 360 5.64 23.97 -0.36
CA ILE B 360 5.46 22.78 0.46
C ILE B 360 3.98 22.48 0.57
N GLY B 361 3.64 21.20 0.57
CA GLY B 361 2.24 20.81 0.66
C GLY B 361 1.64 21.09 2.03
N GLN B 362 0.31 21.07 2.05
CA GLN B 362 -0.41 21.35 3.30
C GLN B 362 -0.12 20.29 4.36
N THR B 363 0.00 19.02 3.96
CA THR B 363 0.17 17.96 4.92
C THR B 363 1.47 18.10 5.70
N GLU B 364 2.56 18.44 5.01
CA GLU B 364 3.88 18.52 5.65
C GLU B 364 4.21 19.91 6.15
N SER B 365 3.36 20.91 5.89
CA SER B 365 3.71 22.27 6.31
C SER B 365 3.92 22.41 7.81
N PRO B 366 3.09 21.82 8.69
CA PRO B 366 3.30 22.03 10.13
C PRO B 366 4.53 21.32 10.68
N LEU B 367 5.12 20.39 9.94
CA LEU B 367 6.29 19.69 10.46
C LEU B 367 7.46 20.62 10.67
N LEU B 368 7.44 21.81 10.05
CA LEU B 368 8.49 22.78 10.26
C LEU B 368 8.51 23.27 11.70
N VAL B 369 7.34 23.47 12.30
CA VAL B 369 7.24 23.96 13.66
C VAL B 369 6.53 22.94 14.53
N ARG B 370 6.63 21.66 14.15
CA ARG B 370 6.01 20.59 14.95
C ARG B 370 6.33 20.69 16.43
N PRO B 371 7.57 20.90 16.87
CA PRO B 371 7.85 20.86 18.30
C PRO B 371 7.07 21.90 19.09
N TYR B 372 6.70 23.02 18.48
CA TYR B 372 6.00 24.09 19.18
C TYR B 372 4.50 24.08 18.93
N LEU B 373 3.98 23.12 18.17
CA LEU B 373 2.54 23.11 17.90
C LEU B 373 1.70 23.08 19.18
N PRO B 374 2.07 22.33 20.22
CA PRO B 374 1.20 22.29 21.41
C PRO B 374 0.91 23.66 22.01
N TYR B 375 1.86 24.59 21.92
CA TYR B 375 1.75 25.86 22.61
C TYR B 375 1.20 27.00 21.75
N VAL B 376 0.86 26.73 20.49
CA VAL B 376 0.40 27.80 19.60
C VAL B 376 -0.98 28.28 20.04
N THR B 377 -1.25 29.56 19.80
CA THR B 377 -2.56 30.12 20.08
C THR B 377 -3.58 29.65 19.05
N LYS B 378 -4.86 29.88 19.36
CA LYS B 378 -5.91 29.46 18.44
C LYS B 378 -5.79 30.20 17.11
N SER B 379 -5.50 31.51 17.16
CA SER B 379 -5.39 32.28 15.93
C SER B 379 -4.21 31.80 15.09
N GLU B 380 -3.09 31.46 15.73
CA GLU B 380 -1.95 30.97 14.97
C GLU B 380 -2.24 29.61 14.32
N LEU B 381 -3.00 28.75 15.01
CA LEU B 381 -3.39 27.49 14.42
C LEU B 381 -4.33 27.71 13.24
N HIS B 382 -5.26 28.66 13.37
CA HIS B 382 -6.12 29.00 12.25
C HIS B 382 -5.32 29.52 11.08
N ALA B 383 -4.31 30.34 11.34
CA ALA B 383 -3.46 30.85 10.27
C ALA B 383 -2.70 29.72 9.60
N ILE B 384 -2.19 28.76 10.39
CA ILE B 384 -1.51 27.62 9.81
C ILE B 384 -2.44 26.87 8.85
N MET B 385 -3.66 26.59 9.31
CA MET B 385 -4.60 25.86 8.46
C MET B 385 -4.95 26.66 7.21
N THR B 386 -5.17 27.96 7.35
CA THR B 386 -5.54 28.79 6.21
C THR B 386 -4.42 28.83 5.19
N ALA B 387 -3.18 28.98 5.64
CA ALA B 387 -2.04 28.96 4.71
C ALA B 387 -1.94 27.61 4.03
N GLY B 388 -2.19 26.52 4.77
CA GLY B 388 -2.16 25.21 4.16
C GLY B 388 -3.20 25.04 3.07
N PHE B 389 -4.40 25.58 3.29
CA PHE B 389 -5.48 25.39 2.33
C PHE B 389 -5.34 26.23 1.07
N SER B 390 -4.63 27.35 1.15
CA SER B 390 -4.64 28.36 0.08
C SER B 390 -3.48 28.24 -0.89
N THR B 391 -2.64 27.20 -0.77
CA THR B 391 -1.45 27.09 -1.61
C THR B 391 -1.28 25.66 -2.08
N ILE B 392 -0.66 25.50 -3.24
CA ILE B 392 -0.41 24.20 -3.83
C ILE B 392 1.06 23.85 -3.67
N ALA B 393 1.35 22.55 -3.75
CA ALA B 393 2.71 22.06 -3.64
C ALA B 393 3.41 22.16 -4.99
N GLY B 394 4.73 21.99 -4.95
CA GLY B 394 5.52 22.10 -6.17
C GLY B 394 5.31 20.93 -7.12
N SER B 395 4.94 19.77 -6.59
CA SER B 395 4.83 18.58 -7.42
C SER B 395 3.79 18.77 -8.52
N VAL B 396 2.64 19.36 -8.17
CA VAL B 396 1.58 19.52 -9.16
C VAL B 396 1.89 20.62 -10.16
N LEU B 397 2.89 21.46 -9.88
CA LEU B 397 3.20 22.58 -10.77
C LEU B 397 3.61 22.07 -12.15
N GLY B 398 4.46 21.04 -12.19
CA GLY B 398 4.88 20.51 -13.47
C GLY B 398 3.74 19.97 -14.29
N ALA B 399 2.89 19.15 -13.67
CA ALA B 399 1.74 18.58 -14.37
C ALA B 399 0.82 19.68 -14.89
N TYR B 400 0.51 20.66 -14.04
CA TYR B 400 -0.40 21.72 -14.44
C TYR B 400 0.18 22.54 -15.58
N ILE B 401 1.49 22.82 -15.55
CA ILE B 401 2.10 23.53 -16.67
C ILE B 401 2.05 22.68 -17.93
N SER B 402 2.22 21.37 -17.78
CA SER B 402 2.16 20.47 -18.94
C SER B 402 0.78 20.50 -19.57
N PHE B 403 -0.27 20.56 -18.74
CA PHE B 403 -1.62 20.60 -19.28
C PHE B 403 -1.82 21.80 -20.22
N GLY B 404 -1.13 22.90 -19.95
CA GLY B 404 -1.26 24.09 -20.77
C GLY B 404 -1.42 25.34 -19.93
N VAL B 405 -1.62 25.17 -18.63
CA VAL B 405 -1.75 26.32 -17.74
C VAL B 405 -0.46 27.12 -17.77
N SER B 406 -0.58 28.44 -17.77
CA SER B 406 0.59 29.29 -17.87
C SER B 406 1.48 29.14 -16.64
N SER B 407 2.78 29.01 -16.89
CA SER B 407 3.72 28.87 -15.79
C SER B 407 3.82 30.15 -14.98
N SER B 408 3.89 31.30 -15.66
CA SER B 408 4.01 32.57 -14.95
C SER B 408 2.82 32.78 -14.03
N HIS B 409 1.61 32.53 -14.53
CA HIS B 409 0.41 32.73 -13.72
C HIS B 409 0.39 31.79 -12.53
N LEU B 410 0.75 30.51 -12.75
CA LEU B 410 0.75 29.56 -11.65
C LEU B 410 1.74 29.97 -10.56
N LEU B 411 2.97 30.31 -10.95
CA LEU B 411 3.97 30.69 -9.97
C LEU B 411 3.60 31.98 -9.27
N THR B 412 3.07 32.96 -10.01
CA THR B 412 2.67 34.21 -9.39
C THR B 412 1.55 34.00 -8.38
N ALA B 413 0.56 33.17 -8.73
CA ALA B 413 -0.52 32.86 -7.80
C ALA B 413 0.01 32.16 -6.55
N SER B 414 0.93 31.21 -6.75
CA SER B 414 1.50 30.51 -5.60
C SER B 414 2.23 31.47 -4.68
N VAL B 415 3.02 32.39 -5.24
CA VAL B 415 3.75 33.34 -4.42
C VAL B 415 2.78 34.28 -3.70
N MET B 416 1.78 34.78 -4.42
CA MET B 416 0.87 35.77 -3.85
C MET B 416 -0.09 35.19 -2.83
N SER B 417 -0.35 33.89 -2.87
CA SER B 417 -1.37 33.32 -1.99
C SER B 417 -0.99 33.45 -0.52
N ALA B 418 0.29 33.23 -0.18
CA ALA B 418 0.67 33.19 1.23
C ALA B 418 0.40 34.51 1.94
N PRO B 419 0.82 35.67 1.43
CA PRO B 419 0.42 36.92 2.09
C PRO B 419 -1.09 37.07 2.18
N ALA B 420 -1.81 36.72 1.12
CA ALA B 420 -3.27 36.78 1.16
C ALA B 420 -3.81 35.83 2.23
N ALA B 421 -3.24 34.64 2.31
CA ALA B 421 -3.69 33.67 3.30
C ALA B 421 -3.51 34.22 4.70
N LEU B 422 -2.34 34.80 4.99
CA LEU B 422 -2.11 35.34 6.34
C LEU B 422 -3.04 36.50 6.63
N ALA B 423 -3.21 37.42 5.68
CA ALA B 423 -4.06 38.58 5.93
C ALA B 423 -5.50 38.14 6.20
N ILE B 424 -6.02 37.22 5.38
CA ILE B 424 -7.39 36.76 5.58
C ILE B 424 -7.51 35.98 6.89
N SER B 425 -6.47 35.22 7.25
CA SER B 425 -6.52 34.50 8.52
C SER B 425 -6.60 35.47 9.69
N LYS B 426 -5.78 36.52 9.67
CA LYS B 426 -5.81 37.48 10.77
C LYS B 426 -7.15 38.20 10.83
N LEU B 427 -7.68 38.60 9.67
CA LEU B 427 -8.95 39.32 9.66
C LEU B 427 -10.11 38.43 10.10
N PHE B 428 -10.11 37.18 9.66
CA PHE B 428 -11.26 36.31 9.91
C PHE B 428 -11.31 35.86 11.37
N TRP B 429 -10.18 35.44 11.91
CA TRP B 429 -10.08 34.93 13.28
C TRP B 429 -8.93 35.64 13.98
N PRO B 430 -9.15 36.86 14.48
CA PRO B 430 -8.05 37.62 15.07
C PRO B 430 -7.59 37.04 16.40
N GLU B 431 -6.31 37.23 16.69
CA GLU B 431 -5.71 36.67 17.89
C GLU B 431 -6.15 37.44 19.13
N THR B 432 -6.46 36.70 20.20
CA THR B 432 -6.87 37.28 21.47
C THR B 432 -5.97 36.88 22.63
N GLU B 433 -4.94 36.07 22.40
CA GLU B 433 -4.07 35.59 23.46
C GLU B 433 -2.61 35.70 23.05
N THR B 434 -1.74 35.81 24.05
CA THR B 434 -0.34 36.09 23.80
C THR B 434 0.36 34.90 23.13
N PRO B 435 1.31 35.17 22.22
CA PRO B 435 2.11 34.08 21.64
C PRO B 435 3.29 33.69 22.50
N LYS B 436 3.35 32.43 22.94
CA LYS B 436 4.48 31.98 23.76
C LYS B 436 5.73 31.77 22.92
N ILE B 437 5.58 31.25 21.70
CA ILE B 437 6.73 30.81 20.92
C ILE B 437 7.58 32.00 20.51
N ASN B 438 8.90 31.84 20.61
CA ASN B 438 9.86 32.89 20.29
C ASN B 438 10.31 32.80 18.83
N LEU B 439 10.85 33.92 18.34
CA LEU B 439 11.29 33.98 16.94
C LEU B 439 12.44 33.01 16.67
N LYS B 440 13.44 32.98 17.57
CA LYS B 440 14.60 32.14 17.33
C LYS B 440 14.22 30.67 17.28
N ASN B 441 13.35 30.23 18.18
CA ASN B 441 12.91 28.83 18.18
C ASN B 441 12.16 28.51 16.90
N ALA B 442 11.27 29.41 16.47
CA ALA B 442 10.46 29.15 15.29
C ALA B 442 11.32 29.09 14.03
N MET B 443 12.22 30.05 13.85
CA MET B 443 13.04 30.06 12.64
C MET B 443 13.95 28.82 12.58
N LYS B 444 14.47 28.41 13.73
CA LYS B 444 15.27 27.19 13.78
C LYS B 444 14.42 25.99 13.41
N MET B 445 14.92 25.18 12.48
CA MET B 445 14.24 23.97 12.02
C MET B 445 15.22 22.80 12.12
N GLU B 446 14.79 21.74 12.80
CA GLU B 446 15.63 20.57 12.93
C GLU B 446 15.81 19.88 11.57
N SER B 447 17.05 19.49 11.28
CA SER B 447 17.35 18.81 10.04
C SER B 447 16.93 17.33 10.12
N GLY B 448 16.85 16.71 8.95
CA GLY B 448 16.52 15.30 8.91
C GLY B 448 17.54 14.46 9.64
N ASP B 449 17.07 13.45 10.35
CA ASP B 449 17.95 12.54 11.08
C ASP B 449 18.72 11.59 10.18
N SER B 450 18.48 11.60 8.86
CA SER B 450 19.16 10.67 7.99
C SER B 450 20.67 10.92 7.98
N ARG B 451 21.43 9.83 8.07
CA ARG B 451 22.88 9.94 8.19
C ARG B 451 23.52 10.57 6.95
N ASN B 452 23.08 10.15 5.76
CA ASN B 452 23.68 10.61 4.52
C ASN B 452 22.58 10.95 3.53
N LEU B 453 22.96 11.66 2.46
CA LEU B 453 21.99 12.15 1.50
C LEU B 453 21.11 11.04 0.95
N LEU B 454 21.70 9.88 0.65
CA LEU B 454 20.92 8.81 0.04
C LEU B 454 19.91 8.22 1.01
N GLU B 455 20.26 8.18 2.31
CA GLU B 455 19.25 7.78 3.30
C GLU B 455 18.09 8.76 3.31
N ALA B 456 18.38 10.06 3.19
CA ALA B 456 17.31 11.06 3.11
C ALA B 456 16.45 10.82 1.89
N ALA B 457 17.07 10.52 0.74
CA ALA B 457 16.30 10.25 -0.46
C ALA B 457 15.41 9.02 -0.28
N THR B 458 15.95 7.96 0.30
CA THR B 458 15.16 6.75 0.52
C THR B 458 13.99 7.02 1.45
N GLN B 459 14.23 7.73 2.55
CA GLN B 459 13.15 8.02 3.50
C GLN B 459 12.08 8.89 2.85
N GLY B 460 12.50 9.88 2.06
CA GLY B 460 11.51 10.71 1.38
C GLY B 460 10.69 9.92 0.38
N ALA B 461 11.34 9.02 -0.37
CA ALA B 461 10.60 8.21 -1.33
C ALA B 461 9.62 7.28 -0.63
N SER B 462 10.01 6.69 0.50
CA SER B 462 9.14 5.77 1.22
C SER B 462 7.88 6.46 1.70
N SER B 463 8.00 7.69 2.19
CA SER B 463 6.85 8.38 2.76
C SER B 463 5.76 8.59 1.73
N SER B 464 6.12 8.77 0.46
CA SER B 464 5.15 9.09 -0.56
C SER B 464 4.19 7.94 -0.86
N ILE B 465 4.46 6.74 -0.35
CA ILE B 465 3.66 5.58 -0.71
C ILE B 465 2.20 5.79 -0.31
N SER B 466 1.96 6.31 0.89
CA SER B 466 0.59 6.50 1.35
C SER B 466 -0.12 7.55 0.50
N LEU B 467 0.58 8.64 0.17
CA LEU B 467 -0.06 9.77 -0.50
C LEU B 467 -0.62 9.36 -1.86
N VAL B 468 0.17 8.64 -2.66
CA VAL B 468 -0.29 8.27 -4.00
C VAL B 468 -1.50 7.34 -3.92
N ALA B 469 -1.46 6.37 -3.01
CA ALA B 469 -2.60 5.46 -2.88
C ALA B 469 -3.85 6.21 -2.46
N ASN B 470 -3.73 7.10 -1.48
CA ASN B 470 -4.90 7.87 -1.06
C ASN B 470 -5.43 8.72 -2.21
N ILE B 471 -4.54 9.35 -2.97
CA ILE B 471 -4.98 10.21 -4.06
C ILE B 471 -5.73 9.39 -5.10
N ALA B 472 -5.19 8.23 -5.48
CA ALA B 472 -5.83 7.41 -6.50
C ALA B 472 -7.20 6.91 -6.02
N VAL B 473 -7.27 6.42 -4.79
CA VAL B 473 -8.54 5.90 -4.29
C VAL B 473 -9.57 7.01 -4.20
N ASN B 474 -9.17 8.19 -3.73
CA ASN B 474 -10.12 9.29 -3.63
C ASN B 474 -10.61 9.73 -5.00
N LEU B 475 -9.71 9.79 -5.99
CA LEU B 475 -10.14 10.14 -7.33
C LEU B 475 -11.13 9.13 -7.88
N ILE B 476 -10.85 7.83 -7.70
CA ILE B 476 -11.77 6.82 -8.20
C ILE B 476 -13.13 7.00 -7.58
N ALA B 477 -13.18 7.11 -6.25
CA ALA B 477 -14.46 7.18 -5.56
C ALA B 477 -15.25 8.42 -5.96
N PHE B 478 -14.58 9.57 -6.00
CA PHE B 478 -15.30 10.81 -6.28
C PHE B 478 -15.74 10.89 -7.73
N LEU B 479 -14.94 10.38 -8.67
CA LEU B 479 -15.37 10.38 -10.06
C LEU B 479 -16.56 9.44 -10.26
N ALA B 480 -16.55 8.28 -9.60
CA ALA B 480 -17.72 7.40 -9.69
C ALA B 480 -18.95 8.09 -9.11
N LEU B 481 -18.78 8.79 -7.98
CA LEU B 481 -19.92 9.51 -7.41
C LEU B 481 -20.41 10.60 -8.35
N LEU B 482 -19.50 11.28 -9.04
CA LEU B 482 -19.90 12.30 -9.99
C LEU B 482 -20.70 11.69 -11.14
N SER B 483 -20.27 10.53 -11.65
CA SER B 483 -21.02 9.89 -12.72
C SER B 483 -22.41 9.51 -12.26
N PHE B 484 -22.52 8.95 -11.06
CA PHE B 484 -23.84 8.59 -10.54
C PHE B 484 -24.71 9.82 -10.35
N MET B 485 -24.13 10.91 -9.84
CA MET B 485 -24.89 12.13 -9.63
C MET B 485 -25.40 12.68 -10.96
N ASN B 486 -24.56 12.68 -11.99
CA ASN B 486 -25.00 13.16 -13.30
C ASN B 486 -26.14 12.28 -13.84
N SER B 487 -26.00 10.96 -13.70
CA SER B 487 -27.05 10.08 -14.19
C SER B 487 -28.37 10.31 -13.45
N ALA B 488 -28.31 10.48 -12.13
CA ALA B 488 -29.52 10.68 -11.35
C ALA B 488 -30.17 12.02 -11.64
N LEU B 489 -29.36 13.07 -11.79
CA LEU B 489 -29.91 14.38 -12.13
C LEU B 489 -30.55 14.36 -13.51
N SER B 490 -29.91 13.67 -14.46
CA SER B 490 -30.52 13.53 -15.78
C SER B 490 -31.84 12.79 -15.70
N TRP B 491 -31.91 11.73 -14.89
CA TRP B 491 -33.17 11.00 -14.74
C TRP B 491 -34.25 11.90 -14.16
N LEU B 492 -33.92 12.67 -13.12
CA LEU B 492 -34.91 13.55 -12.52
C LEU B 492 -35.36 14.63 -13.51
N GLY B 493 -34.43 15.20 -14.27
CA GLY B 493 -34.79 16.26 -15.20
C GLY B 493 -35.73 15.80 -16.29
N ASN B 494 -35.59 14.55 -16.74
CA ASN B 494 -36.41 14.07 -17.84
C ASN B 494 -37.89 14.10 -17.47
N MET B 495 -38.22 13.91 -16.20
CA MET B 495 -39.61 13.96 -15.77
C MET B 495 -40.21 15.32 -16.06
N PHE B 496 -39.44 16.39 -15.87
CA PHE B 496 -39.89 17.76 -16.13
C PHE B 496 -39.57 18.22 -17.55
N ASP B 497 -39.21 17.30 -18.43
CA ASP B 497 -38.93 17.58 -19.84
C ASP B 497 -37.61 18.32 -20.05
N TYR B 498 -36.68 18.23 -19.10
CA TYR B 498 -35.35 18.85 -19.22
C TYR B 498 -34.32 17.78 -18.95
N PRO B 499 -33.98 16.95 -19.95
CA PRO B 499 -33.03 15.85 -19.72
C PRO B 499 -31.58 16.31 -19.63
N GLN B 500 -31.27 17.57 -19.92
CA GLN B 500 -29.89 18.03 -19.89
C GLN B 500 -29.43 18.46 -18.50
N LEU B 501 -30.30 18.41 -17.50
CA LEU B 501 -29.91 18.80 -16.15
C LEU B 501 -28.74 17.94 -15.67
N SER B 502 -27.74 18.59 -15.08
CA SER B 502 -26.55 17.90 -14.65
C SER B 502 -25.84 18.74 -13.60
N PHE B 503 -24.78 18.16 -13.02
CA PHE B 503 -24.01 18.86 -12.00
C PHE B 503 -23.43 20.16 -12.55
N GLU B 504 -22.93 20.14 -13.77
CA GLU B 504 -22.34 21.34 -14.35
C GLU B 504 -23.38 22.45 -14.48
N VAL B 505 -24.59 22.10 -14.90
CA VAL B 505 -25.62 23.11 -15.10
C VAL B 505 -25.96 23.80 -13.77
N ILE B 506 -26.09 23.01 -12.70
CA ILE B 506 -26.41 23.59 -11.40
C ILE B 506 -25.26 24.46 -10.91
N CYS B 507 -24.02 23.96 -11.03
CA CYS B 507 -22.89 24.72 -10.51
C CYS B 507 -22.62 25.98 -11.30
N SER B 508 -23.02 26.03 -12.57
CA SER B 508 -22.84 27.25 -13.35
C SER B 508 -23.66 28.39 -12.77
N TYR B 509 -24.92 28.11 -12.40
CA TYR B 509 -25.75 29.15 -11.80
C TYR B 509 -25.37 29.41 -10.35
N VAL B 510 -25.02 28.37 -9.61
CA VAL B 510 -24.79 28.53 -8.17
C VAL B 510 -23.59 29.44 -7.91
N PHE B 511 -22.49 29.25 -8.65
CA PHE B 511 -21.24 29.95 -8.39
C PHE B 511 -21.04 31.16 -9.29
N MET B 512 -22.04 31.54 -10.09
CA MET B 512 -21.85 32.66 -11.01
C MET B 512 -21.50 33.96 -10.29
N PRO B 513 -22.14 34.34 -9.18
CA PRO B 513 -21.80 35.63 -8.57
C PRO B 513 -20.34 35.75 -8.19
N PHE B 514 -19.73 34.67 -7.69
CA PHE B 514 -18.31 34.74 -7.34
C PHE B 514 -17.45 35.00 -8.57
N ALA B 515 -17.77 34.35 -9.68
CA ALA B 515 -17.03 34.58 -10.91
C ALA B 515 -17.21 36.01 -11.39
N PHE B 516 -18.42 36.55 -11.28
CA PHE B 516 -18.66 37.91 -11.76
C PHE B 516 -17.94 38.94 -10.90
N MET B 517 -17.96 38.77 -9.59
CA MET B 517 -17.26 39.71 -8.72
C MET B 517 -15.75 39.70 -8.94
N MET B 518 -15.22 38.66 -9.57
CA MET B 518 -13.79 38.58 -9.84
C MET B 518 -13.39 39.34 -11.10
N GLY B 519 -14.34 39.86 -11.87
CA GLY B 519 -14.06 40.62 -13.06
C GLY B 519 -14.23 39.87 -14.36
N VAL B 520 -14.62 38.59 -14.31
CA VAL B 520 -14.89 37.85 -15.53
C VAL B 520 -16.13 38.43 -16.20
N ASP B 521 -16.16 38.37 -17.52
CA ASP B 521 -17.29 38.88 -18.27
C ASP B 521 -18.52 38.00 -18.03
N TRP B 522 -19.69 38.54 -18.39
CA TRP B 522 -20.94 37.85 -18.11
C TRP B 522 -20.99 36.48 -18.78
N GLN B 523 -20.59 36.41 -20.05
CA GLN B 523 -20.70 35.15 -20.78
C GLN B 523 -19.79 34.08 -20.21
N ASP B 524 -18.57 34.43 -19.84
CA ASP B 524 -17.61 33.45 -19.33
C ASP B 524 -17.78 33.16 -17.84
N SER B 525 -18.63 33.92 -17.15
CA SER B 525 -18.79 33.70 -15.72
C SER B 525 -19.32 32.31 -15.42
N PHE B 526 -20.27 31.83 -16.23
CA PHE B 526 -20.81 30.49 -16.00
C PHE B 526 -19.75 29.42 -16.23
N MET B 527 -18.92 29.58 -17.26
CA MET B 527 -17.88 28.60 -17.51
C MET B 527 -16.86 28.58 -16.38
N VAL B 528 -16.51 29.75 -15.85
CA VAL B 528 -15.62 29.80 -14.69
C VAL B 528 -16.30 29.19 -13.48
N ALA B 529 -17.62 29.38 -13.36
CA ALA B 529 -18.35 28.84 -12.22
C ALA B 529 -18.33 27.32 -12.22
N LYS B 530 -18.43 26.71 -13.40
CA LYS B 530 -18.33 25.25 -13.47
C LYS B 530 -16.99 24.78 -12.90
N LEU B 531 -15.91 25.45 -13.29
CA LEU B 531 -14.59 25.08 -12.78
C LEU B 531 -14.49 25.30 -11.29
N ILE B 532 -15.06 26.40 -10.79
CA ILE B 532 -15.01 26.67 -9.36
C ILE B 532 -15.75 25.59 -8.59
N GLY B 533 -16.91 25.16 -9.11
CA GLY B 533 -17.63 24.07 -8.46
C GLY B 533 -16.83 22.78 -8.47
N TYR B 534 -16.18 22.48 -9.60
CA TYR B 534 -15.34 21.29 -9.67
C TYR B 534 -14.23 21.36 -8.62
N LYS B 535 -13.59 22.53 -8.49
CA LYS B 535 -12.51 22.68 -7.52
C LYS B 535 -13.03 22.53 -6.09
N THR B 536 -14.21 23.09 -5.80
CA THR B 536 -14.72 23.03 -4.44
C THR B 536 -15.11 21.61 -4.05
N PHE B 537 -15.87 20.92 -4.92
CA PHE B 537 -16.37 19.60 -4.56
C PHE B 537 -15.31 18.52 -4.75
N PHE B 538 -14.47 18.65 -5.77
CA PHE B 538 -13.42 17.69 -6.05
C PHE B 538 -12.07 18.41 -6.09
N ASN B 539 -11.00 17.65 -6.15
CA ASN B 539 -9.67 18.25 -6.12
C ASN B 539 -9.47 19.16 -7.32
N GLU B 540 -8.50 20.07 -7.18
CA GLU B 540 -8.24 21.02 -8.25
C GLU B 540 -7.76 20.35 -9.53
N PHE B 541 -7.35 19.09 -9.47
CA PHE B 541 -6.81 18.43 -10.66
C PHE B 541 -7.84 18.37 -11.77
N VAL B 542 -9.07 17.96 -11.44
CA VAL B 542 -10.10 17.84 -12.48
C VAL B 542 -10.45 19.20 -13.05
N ALA B 543 -10.55 20.21 -12.18
CA ALA B 543 -10.87 21.56 -12.65
C ALA B 543 -9.78 22.06 -13.60
N TYR B 544 -8.51 21.83 -13.24
CA TYR B 544 -7.42 22.23 -14.13
C TYR B 544 -7.45 21.45 -15.43
N GLN B 545 -7.86 20.18 -15.37
CA GLN B 545 -7.99 19.41 -16.61
C GLN B 545 -9.05 20.02 -17.53
N GLN B 546 -10.18 20.41 -16.96
CA GLN B 546 -11.21 21.07 -17.78
C GLN B 546 -10.70 22.40 -18.33
N LEU B 547 -9.97 23.15 -17.50
CA LEU B 547 -9.41 24.41 -17.97
C LEU B 547 -8.43 24.18 -19.11
N SER B 548 -7.62 23.12 -19.02
CA SER B 548 -6.70 22.79 -20.10
C SER B 548 -7.45 22.42 -21.36
N LYS B 549 -8.54 21.68 -21.23
CA LYS B 549 -9.35 21.36 -22.41
C LYS B 549 -9.88 22.63 -23.05
N LEU B 550 -10.37 23.58 -22.24
CA LEU B 550 -10.87 24.83 -22.79
C LEU B 550 -9.75 25.63 -23.45
N ILE B 551 -8.57 25.66 -22.84
CA ILE B 551 -7.45 26.39 -23.43
C ILE B 551 -7.04 25.76 -24.76
N SER B 552 -7.04 24.43 -24.83
CA SER B 552 -6.71 23.77 -26.08
C SER B 552 -7.76 24.06 -27.16
N LEU B 553 -9.04 24.07 -26.77
CA LEU B 553 -10.09 24.41 -27.73
C LEU B 553 -9.92 25.83 -28.24
N ARG B 554 -9.57 26.77 -27.36
CA ARG B 554 -9.32 28.13 -27.81
C ARG B 554 -8.13 28.19 -28.75
N GLN B 555 -7.03 27.52 -28.39
CA GLN B 555 -5.80 27.59 -29.18
C GLN B 555 -6.00 26.98 -30.57
N VAL B 556 -6.70 25.85 -30.64
CA VAL B 556 -6.92 25.21 -31.93
C VAL B 556 -7.71 26.14 -32.85
N GLY B 557 -8.66 26.88 -32.30
CA GLY B 557 -9.50 27.75 -33.09
C GLY B 557 -10.75 27.03 -33.57
N GLY B 558 -11.62 27.81 -34.21
CA GLY B 558 -12.87 27.29 -34.69
C GLY B 558 -14.03 28.16 -34.23
N PRO B 559 -15.26 27.63 -34.32
CA PRO B 559 -16.42 28.41 -33.89
C PRO B 559 -16.40 28.64 -32.39
N LYS B 560 -16.61 29.90 -32.00
CA LYS B 560 -16.85 30.20 -30.59
C LYS B 560 -18.10 29.51 -30.10
N PHE B 561 -19.14 29.51 -30.92
CA PHE B 561 -20.39 28.82 -30.64
C PHE B 561 -20.68 27.81 -31.75
N VAL B 562 -20.49 26.53 -31.46
CA VAL B 562 -20.92 25.49 -32.39
C VAL B 562 -22.44 25.52 -32.50
N ASP B 563 -23.11 25.80 -31.39
CA ASP B 563 -24.56 25.96 -31.32
C ASP B 563 -24.79 26.97 -30.21
N GLY B 564 -25.99 27.00 -29.62
CA GLY B 564 -26.17 27.91 -28.51
C GLY B 564 -25.33 27.61 -27.28
N VAL B 565 -24.39 26.67 -27.38
CA VAL B 565 -23.45 26.37 -26.30
C VAL B 565 -22.10 26.98 -26.64
N GLN B 566 -21.57 27.77 -25.72
CA GLN B 566 -20.23 28.32 -25.89
C GLN B 566 -19.18 27.23 -25.75
N GLN B 567 -18.13 27.31 -26.58
CA GLN B 567 -17.09 26.29 -26.62
C GLN B 567 -15.83 26.69 -25.85
N TYR B 568 -15.34 27.92 -26.00
CA TYR B 568 -14.13 28.34 -25.34
C TYR B 568 -14.27 29.78 -24.87
N MET B 569 -13.41 30.17 -23.92
CA MET B 569 -13.48 31.46 -23.26
C MET B 569 -12.19 32.23 -23.47
N SER B 570 -12.25 33.53 -23.14
CA SER B 570 -11.16 34.45 -23.44
C SER B 570 -9.92 34.16 -22.59
N MET B 571 -8.80 34.74 -23.02
CA MET B 571 -7.53 34.51 -22.34
C MET B 571 -7.55 35.04 -20.91
N ARG B 572 -8.06 36.26 -20.73
CA ARG B 572 -8.09 36.86 -19.39
C ARG B 572 -8.92 36.02 -18.43
N SER B 573 -10.04 35.47 -18.90
CA SER B 573 -10.82 34.57 -18.06
C SER B 573 -10.00 33.34 -17.69
N GLU B 574 -9.18 32.83 -18.61
CA GLU B 574 -8.33 31.70 -18.29
C GLU B 574 -7.31 32.07 -17.23
N ALA B 575 -6.73 33.26 -17.31
CA ALA B 575 -5.78 33.69 -16.29
C ALA B 575 -6.45 33.82 -14.93
N ILE B 576 -7.65 34.42 -14.90
CA ILE B 576 -8.36 34.59 -13.64
C ILE B 576 -8.73 33.22 -13.05
N SER B 577 -9.11 32.27 -13.91
CA SER B 577 -9.37 30.92 -13.43
C SER B 577 -8.11 30.27 -12.88
N THR B 578 -6.97 30.50 -13.54
CA THR B 578 -5.72 29.94 -13.05
C THR B 578 -5.40 30.47 -11.65
N TYR B 579 -5.60 31.77 -11.44
CA TYR B 579 -5.38 32.35 -10.13
C TYR B 579 -6.39 31.81 -9.10
N ALA B 580 -7.66 31.70 -9.49
CA ALA B 580 -8.71 31.34 -8.55
C ALA B 580 -8.57 29.90 -8.06
N LEU B 581 -8.16 29.00 -8.94
CA LEU B 581 -8.16 27.57 -8.64
C LEU B 581 -6.85 27.07 -8.03
N CYS B 582 -5.90 27.97 -7.74
CA CYS B 582 -4.60 27.57 -7.20
C CYS B 582 -4.72 27.37 -5.69
N GLY B 583 -5.32 26.24 -5.31
CA GLY B 583 -5.47 25.92 -3.91
C GLY B 583 -5.74 24.45 -3.70
N PHE B 584 -5.55 24.01 -2.46
CA PHE B 584 -5.83 22.64 -2.03
C PHE B 584 -7.11 22.55 -1.20
N ALA B 585 -7.96 23.56 -1.25
CA ALA B 585 -9.16 23.63 -0.41
C ALA B 585 -10.27 22.81 -1.09
N ASN B 586 -10.59 21.67 -0.50
CA ASN B 586 -11.68 20.82 -0.96
C ASN B 586 -12.42 20.27 0.25
N PHE B 587 -13.67 19.86 0.03
CA PHE B 587 -14.42 19.25 1.11
C PHE B 587 -13.83 17.91 1.52
N GLY B 588 -13.07 17.25 0.63
CA GLY B 588 -12.40 16.03 1.00
C GLY B 588 -11.08 16.26 1.72
N SER B 589 -10.36 17.33 1.35
CA SER B 589 -9.13 17.68 2.05
C SER B 589 -9.38 18.10 3.49
N LEU B 590 -10.62 18.46 3.82
CA LEU B 590 -10.94 18.82 5.20
C LEU B 590 -10.58 17.68 6.15
N GLY B 591 -10.97 16.46 5.81
CA GLY B 591 -10.67 15.34 6.68
C GLY B 591 -9.17 15.06 6.79
N ILE B 592 -8.47 15.09 5.65
CA ILE B 592 -7.06 14.70 5.65
C ILE B 592 -6.24 15.70 6.45
N VAL B 593 -6.50 16.99 6.27
CA VAL B 593 -5.75 18.00 7.01
C VAL B 593 -6.02 17.88 8.50
N ILE B 594 -7.29 17.69 8.88
CA ILE B 594 -7.62 17.53 10.29
C ILE B 594 -6.88 16.34 10.87
N GLY B 595 -6.92 15.21 10.17
CA GLY B 595 -6.24 14.02 10.67
C GLY B 595 -4.74 14.23 10.81
N GLY B 596 -4.12 14.81 9.78
CA GLY B 596 -2.68 15.03 9.84
C GLY B 596 -2.28 15.95 10.97
N LEU B 597 -2.99 17.07 11.14
CA LEU B 597 -2.65 18.00 12.21
C LEU B 597 -2.90 17.37 13.58
N THR B 598 -4.00 16.64 13.72
CA THR B 598 -4.31 16.01 14.99
C THR B 598 -3.33 14.90 15.33
N SER B 599 -2.71 14.27 14.33
CA SER B 599 -1.67 13.29 14.60
C SER B 599 -0.45 13.95 15.23
N MET B 600 -0.08 15.14 14.74
CA MET B 600 1.10 15.81 15.26
C MET B 600 0.89 16.31 16.68
N ALA B 601 -0.29 16.87 16.97
CA ALA B 601 -0.55 17.55 18.24
C ALA B 601 -1.83 16.98 18.86
N PRO B 602 -1.73 15.82 19.53
CA PRO B 602 -2.92 15.29 20.20
C PRO B 602 -3.50 16.23 21.25
N SER B 603 -2.64 17.00 21.93
CA SER B 603 -3.12 17.92 22.95
C SER B 603 -4.08 18.96 22.37
N ARG B 604 -3.78 19.43 21.16
CA ARG B 604 -4.57 20.46 20.51
C ARG B 604 -5.58 19.88 19.52
N LYS B 605 -5.91 18.60 19.66
CA LYS B 605 -6.82 17.95 18.70
C LYS B 605 -8.18 18.63 18.68
N ARG B 606 -8.71 18.97 19.86
CA ARG B 606 -10.01 19.62 19.91
C ARG B 606 -9.98 20.97 19.18
N ASP B 607 -8.92 21.75 19.39
CA ASP B 607 -8.80 23.03 18.70
C ASP B 607 -8.65 22.82 17.19
N ILE B 608 -7.89 21.80 16.79
CA ILE B 608 -7.72 21.52 15.37
C ILE B 608 -9.08 21.21 14.73
N THR B 609 -9.88 20.38 15.38
CA THR B 609 -11.20 20.04 14.84
C THR B 609 -12.12 21.25 14.83
N ALA B 610 -12.05 22.09 15.87
CA ALA B 610 -13.00 23.19 16.01
C ALA B 610 -12.85 24.20 14.88
N GLY B 611 -11.62 24.53 14.50
CA GLY B 611 -11.39 25.64 13.59
C GLY B 611 -10.96 25.25 12.19
N ALA B 612 -11.44 24.11 11.69
CA ALA B 612 -11.07 23.67 10.36
C ALA B 612 -11.93 24.31 9.28
N MET B 613 -13.25 24.38 9.50
CA MET B 613 -14.14 24.89 8.47
C MET B 613 -13.86 26.36 8.16
N ARG B 614 -13.60 27.16 9.20
CA ARG B 614 -13.30 28.57 8.97
C ARG B 614 -12.03 28.73 8.15
N ALA B 615 -11.01 27.92 8.44
CA ALA B 615 -9.79 27.96 7.64
C ALA B 615 -10.07 27.57 6.19
N LEU B 616 -10.91 26.55 5.99
CA LEU B 616 -11.24 26.13 4.63
C LEU B 616 -11.93 27.25 3.86
N ILE B 617 -12.85 27.97 4.53
CA ILE B 617 -13.50 29.10 3.88
C ILE B 617 -12.48 30.20 3.59
N ALA B 618 -11.60 30.48 4.54
CA ALA B 618 -10.64 31.56 4.38
C ALA B 618 -9.67 31.29 3.25
N GLY B 619 -9.31 30.02 3.02
CA GLY B 619 -8.42 29.71 1.93
C GLY B 619 -9.04 30.03 0.58
N THR B 620 -10.30 29.64 0.38
CA THR B 620 -10.99 29.98 -0.86
C THR B 620 -11.14 31.48 -1.01
N ILE B 621 -11.43 32.19 0.09
CA ILE B 621 -11.57 33.64 0.01
C ILE B 621 -10.25 34.29 -0.40
N ALA B 622 -9.13 33.81 0.16
CA ALA B 622 -7.83 34.34 -0.22
C ALA B 622 -7.53 34.07 -1.68
N CYS B 623 -7.86 32.86 -2.17
CA CYS B 623 -7.67 32.58 -3.58
C CYS B 623 -8.49 33.54 -4.44
N PHE B 624 -9.73 33.82 -4.02
CA PHE B 624 -10.56 34.75 -4.75
C PHE B 624 -9.96 36.15 -4.75
N LEU B 625 -9.37 36.57 -3.63
CA LEU B 625 -8.73 37.88 -3.60
C LEU B 625 -7.55 37.94 -4.57
N THR B 626 -6.74 36.89 -4.61
CA THR B 626 -5.63 36.87 -5.56
C THR B 626 -6.14 36.92 -6.99
N ALA B 627 -7.21 36.19 -7.27
CA ALA B 627 -7.81 36.22 -8.61
C ALA B 627 -8.33 37.62 -8.92
N CYS B 628 -8.90 38.30 -7.94
CA CYS B 628 -9.39 39.66 -8.15
C CYS B 628 -8.26 40.60 -8.52
N ILE B 629 -7.14 40.50 -7.81
CA ILE B 629 -6.00 41.37 -8.13
C ILE B 629 -5.50 41.06 -9.54
N ALA B 630 -5.39 39.78 -9.88
CA ALA B 630 -4.91 39.41 -11.21
C ALA B 630 -5.84 39.95 -12.28
N GLY B 631 -7.15 39.84 -12.08
CA GLY B 631 -8.09 40.40 -13.03
C GLY B 631 -7.98 41.91 -13.15
N MET B 632 -7.77 42.59 -12.01
CA MET B 632 -7.64 44.03 -12.04
C MET B 632 -6.43 44.46 -12.86
N LEU B 633 -5.32 43.72 -12.75
CA LEU B 633 -4.10 44.12 -13.44
C LEU B 633 -4.06 43.68 -14.90
N THR B 634 -4.64 42.52 -15.23
CA THR B 634 -4.56 42.01 -16.60
C THR B 634 -5.46 42.81 -17.52
N ASN B 635 -4.92 43.18 -18.68
CA ASN B 635 -5.67 43.95 -19.67
C ASN B 635 -6.61 43.04 -20.47
N THR B 636 -7.64 43.64 -21.03
CA THR B 636 -8.56 42.91 -21.89
C THR B 636 -7.89 42.59 -23.22
N PRO B 637 -7.90 41.32 -23.67
CA PRO B 637 -7.27 41.01 -24.95
C PRO B 637 -7.90 41.76 -26.13
N GLU C 105 -25.75 -39.53 24.78
CA GLU C 105 -24.71 -38.81 25.51
C GLU C 105 -23.67 -39.79 26.05
N ARG C 106 -24.15 -40.92 26.57
CA ARG C 106 -23.24 -41.92 27.10
C ARG C 106 -22.32 -42.47 26.01
N MET C 107 -22.87 -42.70 24.81
CA MET C 107 -22.03 -43.16 23.71
C MET C 107 -20.96 -42.13 23.37
N CYS C 108 -21.33 -40.85 23.36
CA CYS C 108 -20.34 -39.81 23.10
C CYS C 108 -19.24 -39.81 24.14
N GLY C 109 -19.60 -39.97 25.42
CA GLY C 109 -18.59 -40.03 26.46
C GLY C 109 -17.67 -41.22 26.31
N ARG C 110 -18.23 -42.38 25.99
CA ARG C 110 -17.40 -43.57 25.78
C ARG C 110 -16.45 -43.36 24.60
N MET C 111 -16.94 -42.78 23.51
CA MET C 111 -16.08 -42.51 22.37
C MET C 111 -14.97 -41.54 22.74
N SER C 112 -15.30 -40.51 23.51
CA SER C 112 -14.28 -39.55 23.94
C SER C 112 -13.22 -40.22 24.79
N ASP C 113 -13.65 -41.08 25.72
CA ASP C 113 -12.67 -41.79 26.56
C ASP C 113 -11.78 -42.70 25.72
N PHE C 114 -12.37 -43.42 24.77
CA PHE C 114 -11.58 -44.31 23.93
C PHE C 114 -10.57 -43.52 23.11
N CYS C 115 -10.98 -42.37 22.56
CA CYS C 115 -10.06 -41.52 21.83
C CYS C 115 -8.95 -41.02 22.74
N ARG C 116 -9.29 -40.66 23.98
CA ARG C 116 -8.28 -40.17 24.91
C ARG C 116 -7.24 -41.24 25.21
N GLU C 117 -7.68 -42.50 25.36
CA GLU C 117 -6.74 -43.55 25.74
C GLU C 117 -5.68 -43.78 24.66
N HIS C 118 -6.09 -43.84 23.39
CA HIS C 118 -5.21 -44.24 22.30
C HIS C 118 -4.60 -43.08 21.53
N LYS C 119 -4.72 -41.84 22.03
CA LYS C 119 -4.28 -40.66 21.29
C LYS C 119 -2.90 -40.84 20.66
N THR C 120 -1.87 -41.07 21.47
CA THR C 120 -0.52 -41.22 20.93
C THR C 120 -0.43 -42.44 20.01
N THR C 121 -1.02 -43.56 20.45
CA THR C 121 -0.99 -44.76 19.62
C THR C 121 -1.72 -44.54 18.30
N LEU C 122 -2.87 -43.86 18.35
CA LEU C 122 -3.63 -43.59 17.13
C LEU C 122 -2.83 -42.71 16.17
N ARG C 123 -2.19 -41.66 16.69
CA ARG C 123 -1.39 -40.79 15.82
C ARG C 123 -0.23 -41.56 15.21
N TYR C 124 0.45 -42.38 16.02
CA TYR C 124 1.54 -43.19 15.48
C TYR C 124 1.06 -44.14 14.40
N ILE C 125 -0.10 -44.78 14.64
CA ILE C 125 -0.62 -45.74 13.68
C ILE C 125 -0.97 -45.06 12.36
N ILE C 126 -1.63 -43.90 12.43
CA ILE C 126 -2.05 -43.23 11.20
C ILE C 126 -0.84 -42.72 10.43
N TRP C 127 0.16 -42.17 11.13
CA TRP C 127 1.37 -41.75 10.44
C TRP C 127 2.08 -42.94 9.80
N GLY C 128 2.17 -44.06 10.51
CA GLY C 128 2.79 -45.24 9.94
C GLY C 128 2.05 -45.76 8.72
N ILE C 129 0.72 -45.73 8.77
CA ILE C 129 -0.09 -46.15 7.62
C ILE C 129 0.18 -45.25 6.42
N LEU C 130 0.25 -43.94 6.64
CA LEU C 130 0.54 -43.04 5.53
C LEU C 130 1.92 -43.31 4.95
N ILE C 131 2.92 -43.53 5.81
CA ILE C 131 4.27 -43.79 5.32
C ILE C 131 4.30 -45.11 4.55
N ALA C 132 3.59 -46.12 5.03
CA ALA C 132 3.52 -47.40 4.34
C ALA C 132 2.87 -47.24 2.98
N GLY C 133 1.81 -46.44 2.89
CA GLY C 133 1.18 -46.20 1.61
C GLY C 133 2.12 -45.51 0.63
N TYR C 134 2.88 -44.52 1.12
CA TYR C 134 3.85 -43.86 0.26
C TYR C 134 4.91 -44.84 -0.23
N LEU C 135 5.40 -45.70 0.66
CA LEU C 135 6.38 -46.70 0.25
C LEU C 135 5.80 -47.67 -0.76
N ALA C 136 4.53 -48.04 -0.60
CA ALA C 136 3.88 -48.92 -1.56
C ALA C 136 3.78 -48.24 -2.93
N LEU C 137 3.42 -46.95 -2.96
CA LEU C 137 3.39 -46.23 -4.23
C LEU C 137 4.77 -46.22 -4.88
N VAL C 138 5.81 -45.95 -4.09
CA VAL C 138 7.16 -45.90 -4.64
C VAL C 138 7.56 -47.26 -5.19
N ILE C 139 7.26 -48.33 -4.46
CA ILE C 139 7.68 -49.66 -4.91
C ILE C 139 6.91 -50.07 -6.16
N ALA C 140 5.62 -49.71 -6.25
CA ALA C 140 4.87 -49.98 -7.47
C ALA C 140 5.46 -49.22 -8.65
N ALA C 141 5.81 -47.96 -8.45
CA ALA C 141 6.40 -47.17 -9.53
C ALA C 141 7.71 -47.79 -9.99
N CYS C 142 8.53 -48.24 -9.05
CA CYS C 142 9.79 -48.88 -9.42
C CYS C 142 9.55 -50.19 -10.16
N VAL C 143 8.57 -50.97 -9.72
CA VAL C 143 8.26 -52.24 -10.38
C VAL C 143 7.87 -51.99 -11.83
N MET C 144 6.95 -51.06 -12.06
CA MET C 144 6.42 -50.84 -13.41
C MET C 144 7.53 -50.42 -14.37
N ASN C 145 8.31 -49.41 -14.00
CA ASN C 145 9.42 -48.94 -14.85
C ASN C 145 10.40 -48.20 -13.95
N PHE C 146 11.53 -48.85 -13.65
CA PHE C 146 12.49 -48.25 -12.73
C PHE C 146 13.08 -46.97 -13.27
N HIS C 147 13.32 -46.91 -14.58
CA HIS C 147 14.00 -45.75 -15.16
C HIS C 147 13.20 -44.47 -14.92
N ARG C 148 11.88 -44.52 -15.13
CA ARG C 148 11.05 -43.34 -14.88
C ARG C 148 11.00 -43.02 -13.40
N ALA C 149 10.88 -44.04 -12.54
CA ALA C 149 10.78 -43.84 -11.10
C ALA C 149 12.11 -43.51 -10.44
N LEU C 150 13.19 -43.32 -11.21
CA LEU C 150 14.49 -43.10 -10.61
C LEU C 150 14.52 -41.88 -9.68
N PRO C 151 14.02 -40.70 -10.08
CA PRO C 151 14.06 -39.57 -9.14
C PRO C 151 13.30 -39.81 -7.85
N LEU C 152 12.12 -40.41 -7.93
CA LEU C 152 11.35 -40.70 -6.71
C LEU C 152 12.12 -41.66 -5.82
N PHE C 153 12.72 -42.69 -6.41
CA PHE C 153 13.50 -43.64 -5.63
C PHE C 153 14.68 -42.95 -4.94
N VAL C 154 15.39 -42.09 -5.67
CA VAL C 154 16.52 -41.39 -5.08
C VAL C 154 16.08 -40.50 -3.93
N ILE C 155 14.97 -39.78 -4.12
CA ILE C 155 14.47 -38.90 -3.07
C ILE C 155 14.10 -39.71 -1.84
N THR C 156 13.40 -40.83 -2.03
CA THR C 156 13.02 -41.66 -0.89
C THR C 156 14.26 -42.17 -0.16
N VAL C 157 15.27 -42.63 -0.92
CA VAL C 157 16.47 -43.19 -0.29
C VAL C 157 17.18 -42.11 0.53
N VAL C 158 17.36 -40.92 -0.04
CA VAL C 158 18.06 -39.87 0.68
C VAL C 158 17.28 -39.44 1.91
N ALA C 159 15.94 -39.35 1.80
CA ALA C 159 15.13 -38.98 2.95
C ALA C 159 15.26 -40.00 4.06
N ILE C 160 15.20 -41.29 3.72
CA ILE C 160 15.34 -42.33 4.73
C ILE C 160 16.72 -42.26 5.38
N PHE C 161 17.76 -42.07 4.57
CA PHE C 161 19.11 -41.98 5.11
C PHE C 161 19.23 -40.83 6.10
N PHE C 162 18.71 -39.65 5.72
CA PHE C 162 18.80 -38.49 6.61
C PHE C 162 18.01 -38.72 7.90
N VAL C 163 16.82 -39.30 7.79
CA VAL C 163 16.01 -39.54 8.98
C VAL C 163 16.74 -40.51 9.92
N VAL C 164 17.31 -41.59 9.37
CA VAL C 164 18.03 -42.55 10.21
C VAL C 164 19.23 -41.88 10.85
N TRP C 165 19.96 -41.07 10.08
CA TRP C 165 21.13 -40.37 10.63
C TRP C 165 20.72 -39.47 11.79
N ASP C 166 19.64 -38.70 11.62
CA ASP C 166 19.19 -37.82 12.69
C ASP C 166 18.80 -38.60 13.92
N HIS C 167 18.05 -39.70 13.73
CA HIS C 167 17.63 -40.51 14.86
C HIS C 167 18.83 -41.08 15.61
N LEU C 168 19.81 -41.60 14.87
CA LEU C 168 20.98 -42.18 15.50
C LEU C 168 21.78 -41.13 16.27
N MET C 169 22.00 -39.97 15.65
CA MET C 169 22.76 -38.93 16.33
C MET C 169 22.03 -38.46 17.58
N ALA C 170 20.71 -38.36 17.53
CA ALA C 170 19.94 -38.02 18.71
C ALA C 170 20.11 -39.05 19.81
N LYS C 171 19.78 -40.31 19.51
CA LYS C 171 19.77 -41.34 20.55
C LYS C 171 21.17 -41.62 21.10
N TYR C 172 22.16 -41.71 20.22
CA TYR C 172 23.50 -42.17 20.60
C TYR C 172 24.49 -41.03 20.81
N GLU C 173 24.01 -39.82 21.08
CA GLU C 173 24.92 -38.67 21.20
C GLU C 173 25.94 -38.89 22.32
N SER C 174 25.48 -39.38 23.48
CA SER C 174 26.38 -39.56 24.61
C SER C 174 27.46 -40.59 24.30
N GLN C 175 27.09 -41.70 23.65
CA GLN C 175 28.08 -42.72 23.32
C GLN C 175 29.12 -42.18 22.36
N ILE C 176 28.70 -41.43 21.34
CA ILE C 176 29.64 -40.86 20.38
C ILE C 176 30.56 -39.87 21.07
N ALA C 177 30.01 -39.05 21.97
CA ALA C 177 30.86 -38.11 22.72
C ALA C 177 31.88 -38.86 23.57
N ARG C 178 31.46 -39.95 24.22
CA ARG C 178 32.38 -40.73 25.02
C ARG C 178 33.49 -41.32 24.16
N PHE C 179 33.15 -41.81 22.97
CA PHE C 179 34.16 -42.33 22.07
C PHE C 179 35.12 -41.24 21.61
N LEU C 180 34.60 -40.03 21.36
CA LEU C 180 35.46 -38.95 20.87
C LEU C 180 36.34 -38.37 21.98
N SER C 181 35.94 -38.51 23.23
CA SER C 181 36.62 -37.79 24.31
C SER C 181 38.11 -38.10 24.40
N PRO C 182 38.56 -39.37 24.37
CA PRO C 182 40.00 -39.62 24.50
C PRO C 182 40.83 -38.95 23.42
N GLY C 183 40.33 -38.90 22.18
CA GLY C 183 41.08 -38.27 21.11
C GLY C 183 41.31 -36.79 21.38
N GLN C 184 40.29 -36.10 21.87
CA GLN C 184 40.46 -34.68 22.19
C GLN C 184 41.53 -34.47 23.26
N ARG C 185 41.51 -35.31 24.30
CA ARG C 185 42.52 -35.18 25.35
C ARG C 185 43.92 -35.44 24.79
N LEU C 186 44.06 -36.48 23.97
CA LEU C 186 45.37 -36.79 23.40
C LEU C 186 45.87 -35.63 22.53
N LEU C 187 44.98 -35.06 21.71
CA LEU C 187 45.38 -33.92 20.88
C LEU C 187 45.77 -32.73 21.75
N ASP C 188 45.00 -32.46 22.81
CA ASP C 188 45.31 -31.33 23.66
C ASP C 188 46.66 -31.50 24.34
N SER C 189 46.99 -32.73 24.75
CA SER C 189 48.27 -32.97 25.42
C SER C 189 49.44 -32.64 24.50
N HIS C 190 49.34 -33.04 23.22
CA HIS C 190 50.42 -32.84 22.27
C HIS C 190 50.23 -31.60 21.40
N TRP C 191 49.22 -30.77 21.69
CA TRP C 191 48.93 -29.64 20.82
C TRP C 191 50.07 -28.63 20.79
N PHE C 192 50.77 -28.46 21.91
CA PHE C 192 51.74 -27.38 22.04
C PHE C 192 52.80 -27.46 20.93
N TRP C 193 53.42 -28.63 20.77
CA TRP C 193 54.42 -28.77 19.72
C TRP C 193 53.78 -28.98 18.35
N LEU C 194 52.62 -29.63 18.32
CA LEU C 194 52.01 -30.03 17.05
C LEU C 194 51.43 -28.86 16.27
N LYS C 195 51.07 -27.76 16.95
CA LYS C 195 50.46 -26.64 16.24
C LYS C 195 51.42 -26.03 15.23
N TRP C 196 52.70 -25.88 15.59
CA TRP C 196 53.67 -25.35 14.65
C TRP C 196 53.82 -26.26 13.45
N VAL C 197 53.84 -27.58 13.68
CA VAL C 197 53.94 -28.52 12.56
C VAL C 197 52.76 -28.36 11.62
N ILE C 198 51.55 -28.28 12.19
CA ILE C 198 50.36 -28.15 11.36
C ILE C 198 50.40 -26.86 10.54
N TRP C 199 50.76 -25.75 11.18
CA TRP C 199 50.81 -24.47 10.47
C TRP C 199 51.86 -24.50 9.36
N GLY C 200 53.03 -25.08 9.64
CA GLY C 200 54.06 -25.17 8.62
C GLY C 200 53.61 -26.03 7.45
N CYS C 201 52.95 -27.16 7.73
CA CYS C 201 52.45 -28.01 6.65
C CYS C 201 51.42 -27.27 5.80
N LEU C 202 50.51 -26.54 6.44
CA LEU C 202 49.52 -25.78 5.69
C LEU C 202 50.18 -24.73 4.81
N ILE C 203 51.16 -24.02 5.36
CA ILE C 203 51.85 -22.99 4.57
C ILE C 203 52.57 -23.61 3.38
N LEU C 204 53.24 -24.75 3.62
CA LEU C 204 53.96 -25.41 2.52
C LEU C 204 52.99 -25.87 1.44
N GLY C 205 51.85 -26.44 1.84
CA GLY C 205 50.87 -26.84 0.85
C GLY C 205 50.33 -25.67 0.05
N VAL C 206 50.05 -24.55 0.74
CA VAL C 206 49.58 -23.35 0.04
C VAL C 206 50.61 -22.89 -0.96
N ILE C 207 51.88 -22.85 -0.56
CA ILE C 207 52.93 -22.38 -1.46
C ILE C 207 53.03 -23.29 -2.68
N LEU C 208 53.04 -24.61 -2.46
CA LEU C 208 53.18 -25.54 -3.58
C LEU C 208 52.01 -25.41 -4.54
N TRP C 209 50.78 -25.41 -4.01
CA TRP C 209 49.61 -25.30 -4.87
C TRP C 209 49.61 -24.00 -5.64
N LEU C 210 49.82 -22.88 -4.95
CA LEU C 210 49.84 -21.59 -5.65
C LEU C 210 50.89 -21.60 -6.74
N VAL C 211 52.13 -21.93 -6.39
CA VAL C 211 53.20 -21.92 -7.38
C VAL C 211 52.79 -22.74 -8.59
N PHE C 212 52.66 -24.06 -8.42
CA PHE C 212 52.40 -24.90 -9.58
C PHE C 212 51.18 -24.41 -10.35
N ASP C 213 50.01 -24.43 -9.71
CA ASP C 213 48.78 -24.21 -10.45
C ASP C 213 48.74 -22.81 -11.07
N THR C 214 48.86 -21.76 -10.26
CA THR C 214 48.67 -20.43 -10.79
C THR C 214 49.81 -20.03 -11.73
N ALA C 215 51.06 -20.37 -11.38
CA ALA C 215 52.17 -20.01 -12.26
C ALA C 215 52.00 -20.64 -13.63
N LYS C 216 51.58 -21.91 -13.69
CA LYS C 216 51.28 -22.49 -14.99
C LYS C 216 50.08 -21.80 -15.65
N LEU C 217 49.08 -21.42 -14.85
CA LEU C 217 47.86 -20.88 -15.41
C LEU C 217 48.07 -19.52 -16.05
N GLY C 218 48.80 -18.64 -15.39
CA GLY C 218 49.12 -17.34 -15.97
C GLY C 218 49.28 -16.29 -14.90
N GLN C 219 49.61 -15.07 -15.36
CA GLN C 219 49.84 -13.97 -14.45
C GLN C 219 48.56 -13.48 -13.80
N GLN C 220 47.49 -13.35 -14.59
CA GLN C 220 46.27 -12.73 -14.10
C GLN C 220 45.69 -13.49 -12.93
N GLN C 221 45.70 -14.83 -12.98
CA GLN C 221 45.13 -15.61 -11.89
C GLN C 221 45.88 -15.39 -10.59
N LEU C 222 47.15 -14.99 -10.67
CA LEU C 222 47.94 -14.72 -9.48
C LEU C 222 47.64 -13.35 -8.88
N VAL C 223 47.27 -12.38 -9.72
CA VAL C 223 46.85 -11.09 -9.21
C VAL C 223 45.59 -11.24 -8.37
N SER C 224 44.77 -12.26 -8.63
CA SER C 224 43.61 -12.51 -7.79
C SER C 224 44.03 -12.87 -6.37
N PHE C 225 45.02 -13.74 -6.21
CA PHE C 225 45.53 -14.06 -4.88
C PHE C 225 46.17 -12.83 -4.23
N GLY C 226 46.91 -12.05 -5.02
CA GLY C 226 47.45 -10.81 -4.50
C GLY C 226 46.36 -9.88 -3.98
N GLY C 227 45.26 -9.76 -4.73
CA GLY C 227 44.16 -8.94 -4.30
C GLY C 227 43.48 -9.47 -3.06
N LEU C 228 43.37 -10.79 -2.94
CA LEU C 228 42.84 -11.38 -1.72
C LEU C 228 43.67 -10.97 -0.51
N ILE C 229 45.00 -11.09 -0.63
CA ILE C 229 45.88 -10.67 0.46
C ILE C 229 45.69 -9.19 0.74
N ILE C 230 45.61 -8.37 -0.31
CA ILE C 230 45.49 -6.93 -0.12
C ILE C 230 44.21 -6.58 0.61
N TYR C 231 43.09 -7.20 0.21
CA TYR C 231 41.83 -6.91 0.87
C TYR C 231 41.85 -7.33 2.33
N THR C 232 42.39 -8.51 2.62
CA THR C 232 42.45 -8.95 4.01
C THR C 232 43.31 -8.01 4.84
N SER C 233 44.46 -7.60 4.30
CA SER C 233 45.33 -6.68 5.02
C SER C 233 44.65 -5.34 5.25
N LEU C 234 43.98 -4.80 4.23
CA LEU C 234 43.30 -3.52 4.39
C LEU C 234 42.20 -3.61 5.43
N THR C 235 41.43 -4.70 5.43
CA THR C 235 40.41 -4.86 6.46
C THR C 235 41.04 -4.91 7.84
N PHE C 236 42.17 -5.59 7.98
CA PHE C 236 42.83 -5.62 9.28
C PHE C 236 43.33 -4.24 9.69
N LEU C 237 43.77 -3.42 8.74
CA LEU C 237 44.28 -2.10 9.07
C LEU C 237 43.19 -1.22 9.68
N PHE C 238 42.02 -1.19 9.04
CA PHE C 238 40.93 -0.30 9.44
C PHE C 238 39.89 -1.01 10.32
N SER C 239 40.31 -1.96 11.13
CA SER C 239 39.40 -2.65 12.02
C SER C 239 38.97 -1.73 13.16
N LYS C 240 37.79 -2.02 13.72
CA LYS C 240 37.30 -1.25 14.85
C LYS C 240 38.21 -1.40 16.07
N HIS C 241 38.64 -2.62 16.35
CA HIS C 241 39.53 -2.92 17.48
C HIS C 241 40.70 -3.74 16.94
N PRO C 242 41.66 -3.11 16.29
CA PRO C 242 42.73 -3.88 15.65
C PRO C 242 43.51 -4.77 16.60
N THR C 243 43.73 -4.31 17.84
CA THR C 243 44.55 -5.07 18.77
C THR C 243 43.94 -6.43 19.09
N LYS C 244 42.62 -6.46 19.29
CA LYS C 244 41.93 -7.68 19.72
C LYS C 244 41.24 -8.29 18.50
N VAL C 245 41.88 -9.30 17.90
CA VAL C 245 41.34 -10.00 16.75
C VAL C 245 41.61 -11.48 16.91
N TYR C 246 40.61 -12.30 16.57
CA TYR C 246 40.73 -13.75 16.55
C TYR C 246 40.90 -14.18 15.11
N TRP C 247 42.06 -14.76 14.78
CA TRP C 247 42.37 -15.08 13.39
C TRP C 247 41.81 -16.42 12.93
N ARG C 248 41.40 -17.29 13.86
CA ARG C 248 40.86 -18.58 13.46
C ARG C 248 39.62 -18.43 12.59
N PRO C 249 38.64 -17.59 12.93
CA PRO C 249 37.49 -17.41 12.02
C PRO C 249 37.90 -16.97 10.63
N VAL C 250 38.84 -16.02 10.52
CA VAL C 250 39.23 -15.52 9.20
C VAL C 250 39.89 -16.63 8.39
N PHE C 251 40.86 -17.32 8.99
CA PHE C 251 41.57 -18.36 8.25
C PHE C 251 40.63 -19.48 7.85
N TRP C 252 39.75 -19.91 8.76
CA TRP C 252 38.83 -20.99 8.43
C TRP C 252 37.83 -20.57 7.38
N GLY C 253 37.35 -19.32 7.43
CA GLY C 253 36.45 -18.84 6.40
C GLY C 253 37.10 -18.86 5.03
N ILE C 254 38.33 -18.36 4.94
CA ILE C 254 39.03 -18.38 3.65
C ILE C 254 39.25 -19.81 3.18
N GLY C 255 39.64 -20.70 4.09
CA GLY C 255 39.85 -22.08 3.71
C GLY C 255 38.60 -22.76 3.20
N LEU C 256 37.47 -22.53 3.87
CA LEU C 256 36.21 -23.12 3.42
C LEU C 256 35.78 -22.55 2.07
N GLN C 257 35.96 -21.24 1.88
CA GLN C 257 35.69 -20.66 0.56
C GLN C 257 36.53 -21.34 -0.50
N PHE C 258 37.82 -21.51 -0.24
CA PHE C 258 38.70 -22.13 -1.22
C PHE C 258 38.27 -23.55 -1.52
N LEU C 259 37.93 -24.32 -0.48
CA LEU C 259 37.54 -25.71 -0.69
C LEU C 259 36.25 -25.81 -1.50
N LEU C 260 35.23 -25.02 -1.14
CA LEU C 260 33.97 -25.08 -1.86
C LEU C 260 34.15 -24.65 -3.31
N GLY C 261 34.91 -23.57 -3.54
CA GLY C 261 35.16 -23.15 -4.91
C GLY C 261 35.90 -24.19 -5.70
N LEU C 262 36.93 -24.79 -5.10
CA LEU C 262 37.70 -25.82 -5.78
C LEU C 262 36.81 -26.98 -6.19
N LEU C 263 36.02 -27.50 -5.24
CA LEU C 263 35.14 -28.62 -5.54
C LEU C 263 34.16 -28.27 -6.66
N ILE C 264 33.47 -27.14 -6.53
CA ILE C 264 32.40 -26.82 -7.47
C ILE C 264 32.93 -26.50 -8.85
N LEU C 265 34.09 -25.84 -8.94
CA LEU C 265 34.55 -25.33 -10.23
C LEU C 265 35.51 -26.28 -10.94
N ARG C 266 36.38 -26.96 -10.21
CA ARG C 266 37.41 -27.79 -10.84
C ARG C 266 36.97 -29.24 -11.05
N THR C 267 35.76 -29.60 -10.65
CA THR C 267 35.24 -30.95 -10.81
C THR C 267 33.95 -30.90 -11.62
N GLU C 268 33.89 -31.73 -12.67
CA GLU C 268 32.68 -31.79 -13.50
C GLU C 268 31.46 -32.25 -12.72
N PRO C 269 31.51 -33.32 -11.92
CA PRO C 269 30.31 -33.72 -11.17
C PRO C 269 29.79 -32.63 -10.26
N GLY C 270 30.68 -31.88 -9.61
CA GLY C 270 30.23 -30.74 -8.81
C GLY C 270 29.64 -29.64 -9.67
N PHE C 271 30.25 -29.38 -10.83
CA PHE C 271 29.77 -28.30 -11.69
C PHE C 271 28.35 -28.57 -12.18
N MET C 272 28.06 -29.83 -12.53
CA MET C 272 26.77 -30.14 -13.14
C MET C 272 25.63 -30.01 -12.12
N ALA C 273 25.88 -30.37 -10.86
CA ALA C 273 24.82 -30.37 -9.87
C ALA C 273 24.26 -28.97 -9.66
N PHE C 274 25.13 -27.97 -9.58
CA PHE C 274 24.66 -26.60 -9.35
C PHE C 274 23.88 -26.07 -10.55
N ASP C 275 24.30 -26.41 -11.76
CA ASP C 275 23.50 -26.07 -12.93
C ASP C 275 22.12 -26.70 -12.84
N TRP C 276 22.06 -27.97 -12.45
CA TRP C 276 20.77 -28.64 -12.33
C TRP C 276 19.88 -27.94 -11.31
N LEU C 277 20.45 -27.58 -10.15
CA LEU C 277 19.67 -26.87 -9.13
C LEU C 277 19.19 -25.51 -9.65
N GLY C 278 20.04 -24.81 -10.39
CA GLY C 278 19.63 -23.53 -10.95
C GLY C 278 18.47 -23.68 -11.91
N LYS C 279 18.52 -24.70 -12.77
CA LYS C 279 17.40 -24.94 -13.67
C LYS C 279 16.12 -25.25 -12.89
N GLN C 280 16.24 -26.06 -11.84
CA GLN C 280 15.06 -26.37 -11.04
C GLN C 280 14.46 -25.12 -10.42
N VAL C 281 15.29 -24.25 -9.85
CA VAL C 281 14.78 -23.02 -9.26
C VAL C 281 14.13 -22.13 -10.32
N GLN C 282 14.76 -22.06 -11.51
CA GLN C 282 14.19 -21.26 -12.59
C GLN C 282 12.79 -21.75 -12.95
N THR C 283 12.62 -23.07 -13.10
CA THR C 283 11.29 -23.60 -13.40
C THR C 283 10.32 -23.34 -12.25
N PHE C 284 10.80 -23.47 -11.01
CA PHE C 284 9.94 -23.27 -9.85
C PHE C 284 9.38 -21.85 -9.83
N LEU C 285 10.21 -20.86 -10.16
CA LEU C 285 9.70 -19.49 -10.25
C LEU C 285 8.92 -19.22 -11.53
N GLY C 286 9.22 -19.96 -12.60
CA GLY C 286 8.40 -19.86 -13.80
C GLY C 286 6.97 -20.26 -13.52
N TYR C 287 6.78 -21.22 -12.61
CA TYR C 287 5.42 -21.51 -12.15
C TYR C 287 4.74 -20.26 -11.61
N SER C 288 5.47 -19.42 -10.88
CA SER C 288 4.90 -18.16 -10.41
C SER C 288 4.58 -17.24 -11.56
N ASP C 289 5.46 -17.16 -12.56
CA ASP C 289 5.23 -16.26 -13.68
C ASP C 289 3.87 -16.50 -14.31
N ALA C 290 3.50 -17.77 -14.52
CA ALA C 290 2.20 -18.08 -15.13
C ALA C 290 1.06 -17.67 -14.21
N GLY C 291 1.21 -17.86 -12.90
CA GLY C 291 0.11 -17.63 -11.98
C GLY C 291 -0.34 -16.19 -11.92
N ALA C 292 0.55 -15.25 -12.21
CA ALA C 292 0.23 -13.83 -12.15
C ALA C 292 -0.47 -13.33 -13.41
N SER C 293 -0.66 -14.19 -14.41
CA SER C 293 -1.38 -13.77 -15.60
C SER C 293 -2.85 -13.51 -15.30
N PHE C 294 -3.42 -14.27 -14.35
CA PHE C 294 -4.84 -14.12 -14.05
C PHE C 294 -5.15 -12.73 -13.52
N VAL C 295 -4.37 -12.24 -12.56
CA VAL C 295 -4.68 -10.97 -11.93
C VAL C 295 -4.48 -9.81 -12.90
N PHE C 296 -3.38 -9.83 -13.65
CA PHE C 296 -3.03 -8.72 -14.55
C PHE C 296 -3.34 -9.03 -16.01
N GLY C 297 -3.97 -10.16 -16.31
CA GLY C 297 -4.35 -10.48 -17.66
C GLY C 297 -3.21 -11.06 -18.47
N GLU C 298 -3.55 -11.50 -19.69
CA GLU C 298 -2.56 -12.07 -20.60
C GLU C 298 -1.64 -11.02 -21.21
N LYS C 299 -1.94 -9.74 -21.04
CA LYS C 299 -1.07 -8.66 -21.50
C LYS C 299 -0.13 -8.18 -20.40
N TYR C 300 0.03 -8.97 -19.34
CA TYR C 300 0.94 -8.59 -18.26
C TYR C 300 2.37 -8.42 -18.75
N THR C 301 2.73 -9.13 -19.83
CA THR C 301 4.08 -9.02 -20.36
C THR C 301 4.40 -7.62 -20.84
N ASP C 302 3.39 -6.77 -21.03
CA ASP C 302 3.63 -5.41 -21.49
C ASP C 302 4.48 -4.63 -20.50
N HIS C 303 4.18 -4.75 -19.21
CA HIS C 303 4.91 -4.07 -18.14
C HIS C 303 5.71 -5.16 -17.42
N PHE C 304 6.94 -5.38 -17.89
CA PHE C 304 7.68 -6.57 -17.49
C PHE C 304 8.06 -6.52 -16.02
N PHE C 305 8.64 -5.42 -15.55
CA PHE C 305 9.20 -5.40 -14.21
C PHE C 305 8.11 -5.45 -13.15
N ALA C 306 7.05 -4.66 -13.33
CA ALA C 306 6.03 -4.57 -12.29
C ALA C 306 5.21 -5.84 -12.16
N PHE C 307 4.97 -6.55 -13.27
CA PHE C 307 4.03 -7.66 -13.26
C PHE C 307 4.70 -9.01 -13.03
N LYS C 308 5.74 -9.34 -13.79
CA LYS C 308 6.39 -10.63 -13.56
C LYS C 308 7.15 -10.66 -12.23
N VAL C 309 8.10 -9.73 -12.06
CA VAL C 309 9.13 -9.88 -11.02
C VAL C 309 8.51 -9.78 -9.62
N LEU C 310 7.60 -8.83 -9.42
CA LEU C 310 7.04 -8.67 -8.08
C LEU C 310 6.19 -9.86 -7.67
N PRO C 311 5.30 -10.39 -8.52
CA PRO C 311 4.72 -11.70 -8.22
C PRO C 311 5.73 -12.81 -8.00
N ILE C 312 6.87 -12.81 -8.70
CA ILE C 312 7.92 -13.78 -8.37
C ILE C 312 8.31 -13.65 -6.91
N VAL C 313 8.53 -12.41 -6.48
CA VAL C 313 8.90 -12.15 -5.08
C VAL C 313 7.81 -12.64 -4.14
N ILE C 314 6.55 -12.35 -4.47
CA ILE C 314 5.44 -12.73 -3.60
C ILE C 314 5.36 -14.25 -3.47
N PHE C 315 5.47 -14.97 -4.60
CA PHE C 315 5.40 -16.42 -4.55
C PHE C 315 6.56 -17.00 -3.77
N PHE C 316 7.76 -16.45 -3.94
CA PHE C 316 8.89 -16.92 -3.16
C PHE C 316 8.63 -16.72 -1.67
N SER C 317 8.10 -15.56 -1.29
CA SER C 317 7.81 -15.31 0.12
C SER C 317 6.79 -16.32 0.65
N THR C 318 5.74 -16.59 -0.12
CA THR C 318 4.73 -17.55 0.32
C THR C 318 5.33 -18.93 0.49
N VAL C 319 6.14 -19.38 -0.48
CA VAL C 319 6.72 -20.71 -0.39
C VAL C 319 7.67 -20.81 0.80
N MET C 320 8.45 -19.75 1.05
CA MET C 320 9.36 -19.76 2.19
C MET C 320 8.58 -19.83 3.49
N SER C 321 7.48 -19.08 3.60
CA SER C 321 6.67 -19.15 4.81
C SER C 321 6.10 -20.55 5.00
N MET C 322 5.61 -21.17 3.92
CA MET C 322 5.06 -22.52 4.03
C MET C 322 6.13 -23.51 4.48
N LEU C 323 7.32 -23.44 3.88
CA LEU C 323 8.38 -24.36 4.26
C LEU C 323 8.81 -24.13 5.70
N TYR C 324 8.88 -22.88 6.13
CA TYR C 324 9.22 -22.60 7.52
C TYR C 324 8.18 -23.21 8.46
N TYR C 325 6.90 -23.13 8.09
CA TYR C 325 5.87 -23.77 8.89
C TYR C 325 6.08 -25.29 8.95
N LEU C 326 6.36 -25.90 7.80
CA LEU C 326 6.56 -27.35 7.78
C LEU C 326 7.78 -27.76 8.60
N GLY C 327 8.87 -27.01 8.49
CA GLY C 327 10.06 -27.26 9.29
C GLY C 327 11.23 -27.83 8.51
N LEU C 328 11.33 -27.47 7.23
CA LEU C 328 12.45 -27.92 6.40
C LEU C 328 13.59 -26.90 6.41
N MET C 329 13.28 -25.66 6.05
CA MET C 329 14.26 -24.57 6.07
C MET C 329 15.13 -24.63 7.32
N GLN C 330 14.49 -24.81 8.48
CA GLN C 330 15.21 -24.87 9.74
C GLN C 330 16.23 -26.00 9.74
N TRP C 331 15.87 -27.13 9.16
CA TRP C 331 16.79 -28.28 9.13
C TRP C 331 18.08 -27.94 8.38
N ILE C 332 17.96 -27.38 7.18
CA ILE C 332 19.14 -27.05 6.39
C ILE C 332 19.94 -25.96 7.10
N ILE C 333 19.25 -24.98 7.67
CA ILE C 333 19.95 -23.90 8.38
C ILE C 333 20.76 -24.49 9.53
N ARG C 334 20.16 -25.42 10.28
CA ARG C 334 20.87 -26.03 11.41
C ARG C 334 22.09 -26.79 10.92
N LYS C 335 21.96 -27.54 9.83
CA LYS C 335 23.10 -28.32 9.34
C LYS C 335 24.26 -27.41 8.95
N VAL C 336 23.99 -26.40 8.13
CA VAL C 336 25.07 -25.53 7.68
C VAL C 336 25.64 -24.74 8.84
N GLY C 337 24.77 -24.29 9.76
CA GLY C 337 25.24 -23.57 10.93
C GLY C 337 26.15 -24.42 11.80
N TRP C 338 25.81 -25.71 11.96
CA TRP C 338 26.68 -26.60 12.73
C TRP C 338 28.02 -26.77 12.05
N VAL C 339 28.04 -26.89 10.72
CA VAL C 339 29.31 -26.98 10.01
C VAL C 339 30.16 -25.74 10.31
N MET C 340 29.57 -24.56 10.15
CA MET C 340 30.32 -23.33 10.38
C MET C 340 30.78 -23.22 11.82
N LEU C 341 29.92 -23.60 12.77
CA LEU C 341 30.26 -23.52 14.18
C LEU C 341 31.41 -24.46 14.52
N VAL C 342 31.40 -25.68 13.97
CA VAL C 342 32.44 -26.65 14.30
C VAL C 342 33.74 -26.36 13.57
N THR C 343 33.71 -25.54 12.51
CA THR C 343 34.94 -25.19 11.80
C THR C 343 35.37 -23.75 12.07
N MET C 344 34.51 -22.76 11.82
CA MET C 344 34.93 -21.38 11.99
C MET C 344 35.10 -21.02 13.46
N GLY C 345 34.19 -21.50 14.31
CA GLY C 345 34.23 -21.14 15.73
C GLY C 345 33.48 -19.88 16.08
N THR C 346 32.62 -19.39 15.20
CA THR C 346 31.83 -18.19 15.48
C THR C 346 30.75 -18.48 16.51
N SER C 347 30.04 -17.43 16.92
CA SER C 347 28.96 -17.60 17.87
C SER C 347 27.77 -18.28 17.20
N PRO C 348 26.87 -18.88 17.99
CA PRO C 348 25.76 -19.65 17.40
C PRO C 348 24.77 -18.80 16.61
N VAL C 349 24.35 -17.66 17.16
CA VAL C 349 23.32 -16.85 16.52
C VAL C 349 23.80 -16.34 15.17
N GLU C 350 25.03 -15.82 15.13
CA GLU C 350 25.56 -15.30 13.88
C GLU C 350 25.72 -16.41 12.85
N SER C 351 26.14 -17.60 13.29
CA SER C 351 26.23 -18.72 12.37
C SER C 351 24.87 -19.09 11.80
N VAL C 352 23.84 -19.14 12.66
CA VAL C 352 22.51 -19.48 12.20
C VAL C 352 22.00 -18.46 11.20
N VAL C 353 22.21 -17.17 11.49
CA VAL C 353 21.76 -16.13 10.57
C VAL C 353 22.50 -16.24 9.24
N ALA C 354 23.82 -16.39 9.30
CA ALA C 354 24.60 -16.47 8.07
C ALA C 354 24.17 -17.65 7.20
N SER C 355 23.96 -18.81 7.82
CA SER C 355 23.53 -19.97 7.05
C SER C 355 22.18 -19.73 6.38
N GLY C 356 21.25 -19.08 7.09
CA GLY C 356 19.94 -18.83 6.51
C GLY C 356 19.97 -17.88 5.33
N ASN C 357 20.82 -16.87 5.38
CA ASN C 357 20.81 -15.83 4.37
C ASN C 357 21.19 -16.35 2.98
N ILE C 358 21.77 -17.55 2.91
CA ILE C 358 22.16 -18.09 1.61
C ILE C 358 20.94 -18.18 0.68
N PHE C 359 19.79 -18.59 1.23
CA PHE C 359 18.56 -18.70 0.46
C PHE C 359 17.44 -17.79 0.96
N ILE C 360 17.71 -16.94 1.95
CA ILE C 360 16.70 -16.04 2.49
C ILE C 360 17.14 -14.60 2.26
N GLY C 361 16.17 -13.72 2.05
CA GLY C 361 16.47 -12.32 1.85
C GLY C 361 16.94 -11.64 3.12
N GLN C 362 17.59 -10.50 2.93
CA GLN C 362 18.13 -9.77 4.07
C GLN C 362 17.02 -9.28 5.00
N THR C 363 15.89 -8.85 4.43
CA THR C 363 14.82 -8.31 5.25
C THR C 363 14.24 -9.36 6.18
N GLU C 364 14.08 -10.59 5.69
CA GLU C 364 13.43 -11.65 6.47
C GLU C 364 14.40 -12.54 7.22
N SER C 365 15.70 -12.40 6.99
CA SER C 365 16.65 -13.30 7.65
C SER C 365 16.63 -13.18 9.17
N PRO C 366 16.61 -11.99 9.78
CA PRO C 366 16.64 -11.93 11.25
C PRO C 366 15.43 -12.56 11.91
N LEU C 367 14.33 -12.75 11.20
CA LEU C 367 13.16 -13.35 11.81
C LEU C 367 13.48 -14.73 12.36
N LEU C 368 14.53 -15.36 11.87
CA LEU C 368 14.97 -16.65 12.41
C LEU C 368 15.25 -16.54 13.90
N VAL C 369 15.96 -15.49 14.33
CA VAL C 369 16.34 -15.32 15.73
C VAL C 369 15.71 -14.05 16.29
N ARG C 370 14.57 -13.66 15.75
CA ARG C 370 13.87 -12.48 16.26
C ARG C 370 13.76 -12.48 17.78
N PRO C 371 13.35 -13.55 18.45
CA PRO C 371 13.15 -13.46 19.90
C PRO C 371 14.39 -13.07 20.67
N TYR C 372 15.58 -13.40 20.18
CA TYR C 372 16.83 -13.11 20.88
C TYR C 372 17.52 -11.86 20.38
N LEU C 373 16.95 -11.15 19.41
CA LEU C 373 17.60 -9.94 18.91
C LEU C 373 17.88 -8.92 20.00
N PRO C 374 16.98 -8.70 20.98
CA PRO C 374 17.27 -7.65 21.98
C PRO C 374 18.57 -7.87 22.73
N TYR C 375 19.00 -9.11 22.94
CA TYR C 375 20.14 -9.40 23.80
C TYR C 375 21.44 -9.64 23.03
N VAL C 376 21.44 -9.52 21.71
CA VAL C 376 22.67 -9.80 20.96
C VAL C 376 23.68 -8.69 21.20
N THR C 377 24.95 -9.05 21.13
CA THR C 377 26.03 -8.08 21.28
C THR C 377 26.19 -7.26 20.01
N LYS C 378 26.97 -6.19 20.11
CA LYS C 378 27.19 -5.33 18.95
C LYS C 378 27.89 -6.09 17.83
N SER C 379 28.87 -6.92 18.17
CA SER C 379 29.58 -7.69 17.16
C SER C 379 28.64 -8.64 16.44
N GLU C 380 27.75 -9.31 17.17
CA GLU C 380 26.83 -10.23 16.54
C GLU C 380 25.83 -9.50 15.66
N LEU C 381 25.41 -8.30 16.06
CA LEU C 381 24.49 -7.52 15.24
C LEU C 381 25.18 -7.07 13.95
N HIS C 382 26.44 -6.65 14.05
CA HIS C 382 27.19 -6.30 12.85
C HIS C 382 27.35 -7.51 11.95
N ALA C 383 27.59 -8.68 12.53
CA ALA C 383 27.70 -9.89 11.73
C ALA C 383 26.38 -10.20 11.02
N ILE C 384 25.26 -10.02 11.71
CA ILE C 384 23.95 -10.23 11.09
C ILE C 384 23.78 -9.31 9.89
N MET C 385 24.08 -8.02 10.09
CA MET C 385 23.90 -7.06 8.99
C MET C 385 24.83 -7.38 7.82
N THR C 386 26.09 -7.74 8.12
CA THR C 386 27.03 -8.06 7.06
C THR C 386 26.58 -9.28 6.28
N ALA C 387 26.09 -10.31 6.98
CA ALA C 387 25.58 -11.48 6.28
C ALA C 387 24.37 -11.12 5.42
N GLY C 388 23.52 -10.22 5.92
CA GLY C 388 22.38 -9.79 5.13
C GLY C 388 22.80 -9.08 3.85
N PHE C 389 23.82 -8.22 3.94
CA PHE C 389 24.22 -7.43 2.78
C PHE C 389 25.01 -8.22 1.75
N SER C 390 25.67 -9.31 2.15
CA SER C 390 26.63 -9.99 1.28
C SER C 390 26.02 -11.16 0.50
N THR C 391 24.74 -11.46 0.68
CA THR C 391 24.10 -12.58 0.02
C THR C 391 22.77 -12.14 -0.58
N ILE C 392 22.38 -12.82 -1.66
CA ILE C 392 21.14 -12.51 -2.37
C ILE C 392 20.11 -13.56 -2.01
N ALA C 393 18.84 -13.20 -2.19
CA ALA C 393 17.74 -14.10 -1.90
C ALA C 393 17.52 -15.07 -3.06
N GLY C 394 16.73 -16.11 -2.80
CA GLY C 394 16.44 -17.08 -3.83
C GLY C 394 15.51 -16.56 -4.91
N SER C 395 14.70 -15.56 -4.59
CA SER C 395 13.72 -15.06 -5.55
C SER C 395 14.40 -14.47 -6.78
N VAL C 396 15.47 -13.69 -6.58
CA VAL C 396 16.15 -13.06 -7.72
C VAL C 396 16.97 -14.06 -8.52
N LEU C 397 17.23 -15.25 -7.96
CA LEU C 397 18.08 -16.21 -8.65
C LEU C 397 17.49 -16.62 -9.99
N GLY C 398 16.18 -16.87 -10.02
CA GLY C 398 15.55 -17.27 -11.27
C GLY C 398 15.66 -16.21 -12.34
N ALA C 399 15.35 -14.97 -11.98
CA ALA C 399 15.43 -13.87 -12.94
C ALA C 399 16.86 -13.72 -13.46
N TYR C 400 17.83 -13.73 -12.55
CA TYR C 400 19.22 -13.53 -12.97
C TYR C 400 19.69 -14.66 -13.87
N ILE C 401 19.28 -15.89 -13.58
CA ILE C 401 19.61 -17.00 -14.48
C ILE C 401 18.94 -16.78 -15.83
N SER C 402 17.72 -16.26 -15.84
CA SER C 402 17.02 -16.02 -17.08
C SER C 402 17.74 -14.98 -17.94
N PHE C 403 18.29 -13.94 -17.30
CA PHE C 403 19.00 -12.92 -18.07
C PHE C 403 20.13 -13.51 -18.89
N GLY C 404 20.76 -14.58 -18.40
CA GLY C 404 21.88 -15.20 -19.09
C GLY C 404 23.03 -15.48 -18.16
N VAL C 405 22.95 -14.96 -16.94
CA VAL C 405 23.99 -15.22 -15.95
C VAL C 405 24.08 -16.71 -15.68
N SER C 406 25.30 -17.22 -15.52
CA SER C 406 25.48 -18.64 -15.30
C SER C 406 24.89 -19.05 -13.96
N SER C 407 24.13 -20.15 -13.97
CA SER C 407 23.50 -20.62 -12.74
C SER C 407 24.54 -21.15 -11.75
N SER C 408 25.52 -21.91 -12.24
CA SER C 408 26.52 -22.48 -11.35
C SER C 408 27.30 -21.39 -10.65
N HIS C 409 27.70 -20.34 -11.37
CA HIS C 409 28.45 -19.26 -10.76
C HIS C 409 27.61 -18.53 -9.72
N LEU C 410 26.34 -18.26 -10.04
CA LEU C 410 25.47 -17.58 -9.09
C LEU C 410 25.33 -18.39 -7.81
N LEU C 411 25.03 -19.67 -7.93
CA LEU C 411 24.85 -20.50 -6.74
C LEU C 411 26.14 -20.64 -5.95
N THR C 412 27.28 -20.79 -6.66
CA THR C 412 28.56 -20.92 -5.98
C THR C 412 28.89 -19.65 -5.20
N ALA C 413 28.64 -18.48 -5.81
CA ALA C 413 28.87 -17.22 -5.11
C ALA C 413 27.97 -17.10 -3.89
N SER C 414 26.69 -17.48 -4.05
CA SER C 414 25.77 -17.40 -2.92
C SER C 414 26.24 -18.28 -1.76
N VAL C 415 26.67 -19.51 -2.07
CA VAL C 415 27.14 -20.41 -1.03
C VAL C 415 28.41 -19.87 -0.38
N MET C 416 29.35 -19.40 -1.21
CA MET C 416 30.65 -18.95 -0.70
C MET C 416 30.57 -17.66 0.08
N SER C 417 29.55 -16.83 -0.15
CA SER C 417 29.52 -15.51 0.47
C SER C 417 29.39 -15.61 1.99
N ALA C 418 28.58 -16.53 2.49
CA ALA C 418 28.31 -16.55 3.93
C ALA C 418 29.57 -16.77 4.77
N PRO C 419 30.41 -17.77 4.50
CA PRO C 419 31.68 -17.84 5.24
C PRO C 419 32.52 -16.59 5.06
N ALA C 420 32.56 -16.04 3.85
CA ALA C 420 33.28 -14.80 3.63
C ALA C 420 32.68 -13.68 4.45
N ALA C 421 31.35 -13.60 4.50
CA ALA C 421 30.69 -12.56 5.27
C ALA C 421 31.08 -12.66 6.74
N LEU C 422 31.05 -13.88 7.30
CA LEU C 422 31.38 -14.03 8.71
C LEU C 422 32.85 -13.69 8.97
N ALA C 423 33.76 -14.17 8.12
CA ALA C 423 35.18 -13.90 8.34
C ALA C 423 35.47 -12.41 8.27
N ILE C 424 34.91 -11.72 7.28
CA ILE C 424 35.12 -10.29 7.15
C ILE C 424 34.47 -9.54 8.30
N SER C 425 33.31 -10.02 8.78
CA SER C 425 32.68 -9.38 9.92
C SER C 425 33.56 -9.48 11.16
N LYS C 426 34.10 -10.68 11.42
CA LYS C 426 34.94 -10.86 12.60
C LYS C 426 36.20 -10.00 12.50
N LEU C 427 36.84 -10.00 11.33
CA LEU C 427 38.05 -9.20 11.18
C LEU C 427 37.77 -7.71 11.29
N PHE C 428 36.64 -7.25 10.72
CA PHE C 428 36.34 -5.82 10.69
C PHE C 428 35.91 -5.32 12.05
N TRP C 429 35.05 -6.06 12.75
CA TRP C 429 34.51 -5.65 14.04
C TRP C 429 34.62 -6.82 15.01
N PRO C 430 35.81 -7.06 15.57
CA PRO C 430 35.98 -8.21 16.46
C PRO C 430 35.18 -8.04 17.75
N GLU C 431 34.71 -9.16 18.28
CA GLU C 431 33.89 -9.13 19.49
C GLU C 431 34.77 -8.90 20.72
N THR C 432 34.30 -8.02 21.62
CA THR C 432 35.00 -7.73 22.85
C THR C 432 34.19 -8.04 24.10
N GLU C 433 32.98 -8.60 23.95
CA GLU C 433 32.10 -8.87 25.08
C GLU C 433 31.53 -10.28 24.96
N THR C 434 31.21 -10.87 26.11
CA THR C 434 30.81 -12.26 26.16
C THR C 434 29.44 -12.45 25.49
N PRO C 435 29.25 -13.59 24.80
CA PRO C 435 27.94 -13.88 24.19
C PRO C 435 26.96 -14.51 25.16
N LYS C 436 25.82 -13.87 25.41
CA LYS C 436 24.85 -14.40 26.35
C LYS C 436 24.07 -15.57 25.77
N ILE C 437 23.70 -15.49 24.49
CA ILE C 437 22.77 -16.46 23.91
C ILE C 437 23.44 -17.82 23.79
N ASN C 438 22.68 -18.88 24.09
CA ASN C 438 23.17 -20.25 24.07
C ASN C 438 22.93 -20.89 22.71
N LEU C 439 23.68 -21.96 22.46
CA LEU C 439 23.55 -22.69 21.19
C LEU C 439 22.17 -23.30 21.03
N LYS C 440 21.64 -23.92 22.09
CA LYS C 440 20.36 -24.60 21.98
C LYS C 440 19.24 -23.62 21.65
N ASN C 441 19.23 -22.46 22.30
CA ASN C 441 18.21 -21.46 22.02
C ASN C 441 18.33 -20.95 20.59
N ALA C 442 19.56 -20.68 20.14
CA ALA C 442 19.75 -20.13 18.81
C ALA C 442 19.33 -21.11 17.73
N MET C 443 19.77 -22.37 17.83
CA MET C 443 19.42 -23.35 16.80
C MET C 443 17.93 -23.60 16.77
N LYS C 444 17.28 -23.64 17.93
CA LYS C 444 15.83 -23.77 17.99
C LYS C 444 15.18 -22.54 17.36
N MET C 445 14.27 -22.78 16.42
CA MET C 445 13.54 -21.71 15.75
C MET C 445 12.05 -22.01 15.87
N GLU C 446 11.30 -21.06 16.41
CA GLU C 446 9.87 -21.26 16.56
C GLU C 446 9.20 -21.31 15.20
N SER C 447 8.31 -22.29 15.03
CA SER C 447 7.58 -22.42 13.78
C SER C 447 6.50 -21.35 13.68
N GLY C 448 5.99 -21.17 12.47
CA GLY C 448 4.95 -20.17 12.25
C GLY C 448 3.75 -20.43 13.13
N ASP C 449 3.18 -19.35 13.66
CA ASP C 449 1.99 -19.44 14.50
C ASP C 449 0.74 -19.83 13.72
N SER C 450 0.81 -19.82 12.38
CA SER C 450 -0.36 -20.15 11.58
C SER C 450 -0.90 -21.52 11.94
N ARG C 451 -2.23 -21.61 12.07
CA ARG C 451 -2.86 -22.85 12.48
C ARG C 451 -2.64 -23.96 11.45
N ASN C 452 -2.78 -23.64 10.17
CA ASN C 452 -2.67 -24.62 9.10
C ASN C 452 -1.81 -24.05 7.98
N LEU C 453 -1.35 -24.94 7.11
CA LEU C 453 -0.42 -24.57 6.05
C LEU C 453 -0.94 -23.38 5.24
N LEU C 454 -2.23 -23.37 4.93
CA LEU C 454 -2.77 -22.30 4.09
C LEU C 454 -2.77 -20.96 4.82
N GLU C 455 -3.00 -20.97 6.13
CA GLU C 455 -2.84 -19.72 6.88
C GLU C 455 -1.41 -19.21 6.81
N ALA C 456 -0.44 -20.13 6.89
CA ALA C 456 0.95 -19.73 6.75
C ALA C 456 1.20 -19.11 5.38
N ALA C 457 0.64 -19.72 4.34
CA ALA C 457 0.79 -19.17 2.99
C ALA C 457 0.18 -17.77 2.90
N THR C 458 -1.02 -17.59 3.45
CA THR C 458 -1.66 -16.28 3.41
C THR C 458 -0.83 -15.23 4.14
N GLN C 459 -0.34 -15.58 5.34
CA GLN C 459 0.44 -14.62 6.11
C GLN C 459 1.74 -14.27 5.41
N GLY C 460 2.39 -15.27 4.79
CA GLY C 460 3.59 -14.99 4.03
C GLY C 460 3.32 -14.08 2.85
N ALA C 461 2.21 -14.32 2.15
CA ALA C 461 1.87 -13.47 1.01
C ALA C 461 1.57 -12.04 1.45
N SER C 462 0.86 -11.88 2.57
CA SER C 462 0.47 -10.54 3.01
C SER C 462 1.69 -9.68 3.33
N SER C 463 2.71 -10.27 3.97
CA SER C 463 3.87 -9.49 4.39
C SER C 463 4.58 -8.86 3.20
N SER C 464 4.53 -9.51 2.04
CA SER C 464 5.29 -9.04 0.89
C SER C 464 4.75 -7.72 0.33
N ILE C 465 3.59 -7.27 0.79
CA ILE C 465 2.97 -6.07 0.19
C ILE C 465 3.89 -4.87 0.35
N SER C 466 4.48 -4.69 1.52
CA SER C 466 5.32 -3.53 1.76
C SER C 466 6.59 -3.57 0.91
N LEU C 467 7.22 -4.75 0.84
CA LEU C 467 8.53 -4.87 0.22
C LEU C 467 8.48 -4.48 -1.26
N VAL C 468 7.48 -4.98 -1.99
CA VAL C 468 7.39 -4.69 -3.41
C VAL C 468 7.18 -3.20 -3.65
N ALA C 469 6.30 -2.58 -2.84
CA ALA C 469 6.07 -1.15 -3.00
C ALA C 469 7.34 -0.35 -2.73
N ASN C 470 8.08 -0.71 -1.67
CA ASN C 470 9.31 0.00 -1.38
C ASN C 470 10.31 -0.15 -2.53
N ILE C 471 10.43 -1.36 -3.07
CA ILE C 471 11.38 -1.58 -4.17
C ILE C 471 10.99 -0.74 -5.37
N ALA C 472 9.70 -0.73 -5.72
CA ALA C 472 9.28 0.04 -6.88
C ALA C 472 9.52 1.53 -6.70
N VAL C 473 9.14 2.06 -5.54
CA VAL C 473 9.31 3.50 -5.31
C VAL C 473 10.78 3.88 -5.33
N ASN C 474 11.62 3.08 -4.69
CA ASN C 474 13.05 3.39 -4.65
C ASN C 474 13.65 3.32 -6.04
N LEU C 475 13.28 2.32 -6.83
CA LEU C 475 13.79 2.23 -8.19
C LEU C 475 13.38 3.44 -9.01
N ILE C 476 12.11 3.86 -8.90
CA ILE C 476 11.66 5.02 -9.66
C ILE C 476 12.49 6.24 -9.29
N ALA C 477 12.62 6.50 -7.99
CA ALA C 477 13.31 7.70 -7.55
C ALA C 477 14.78 7.69 -7.98
N PHE C 478 15.46 6.56 -7.77
CA PHE C 478 16.89 6.53 -8.06
C PHE C 478 17.17 6.56 -9.56
N LEU C 479 16.32 5.93 -10.37
CA LEU C 479 16.54 6.01 -11.81
C LEU C 479 16.29 7.43 -12.32
N ALA C 480 15.28 8.11 -11.77
CA ALA C 480 15.10 9.52 -12.14
C ALA C 480 16.32 10.34 -11.75
N LEU C 481 16.87 10.09 -10.56
CA LEU C 481 18.05 10.81 -10.13
C LEU C 481 19.24 10.51 -11.05
N LEU C 482 19.35 9.26 -11.50
CA LEU C 482 20.43 8.90 -12.43
C LEU C 482 20.29 9.66 -13.73
N SER C 483 19.07 9.75 -14.26
CA SER C 483 18.88 10.50 -15.50
C SER C 483 19.24 11.97 -15.30
N PHE C 484 18.82 12.56 -14.19
CA PHE C 484 19.15 13.95 -13.94
C PHE C 484 20.66 14.14 -13.81
N MET C 485 21.34 13.22 -13.11
CA MET C 485 22.78 13.32 -12.94
C MET C 485 23.48 13.23 -14.30
N ASN C 486 23.05 12.30 -15.15
CA ASN C 486 23.66 12.19 -16.47
C ASN C 486 23.46 13.47 -17.27
N SER C 487 22.25 14.03 -17.23
CA SER C 487 22.00 15.26 -17.98
C SER C 487 22.86 16.40 -17.48
N ALA C 488 22.99 16.54 -16.16
CA ALA C 488 23.76 17.64 -15.59
C ALA C 488 25.25 17.49 -15.87
N LEU C 489 25.77 16.27 -15.75
CA LEU C 489 27.17 16.04 -16.07
C LEU C 489 27.45 16.31 -17.53
N SER C 490 26.56 15.89 -18.42
CA SER C 490 26.73 16.18 -19.84
C SER C 490 26.71 17.68 -20.09
N TRP C 491 25.83 18.41 -19.40
CA TRP C 491 25.81 19.86 -19.55
C TRP C 491 27.13 20.47 -19.11
N LEU C 492 27.65 20.04 -17.96
CA LEU C 492 28.90 20.61 -17.46
C LEU C 492 30.06 20.29 -18.39
N GLY C 493 30.14 19.05 -18.87
CA GLY C 493 31.26 18.67 -19.72
C GLY C 493 31.30 19.46 -21.02
N ASN C 494 30.13 19.80 -21.57
CA ASN C 494 30.10 20.54 -22.82
C ASN C 494 30.84 21.86 -22.71
N MET C 495 30.85 22.45 -21.51
CA MET C 495 31.59 23.69 -21.32
C MET C 495 33.08 23.50 -21.59
N PHE C 496 33.63 22.36 -21.18
CA PHE C 496 35.03 22.03 -21.40
C PHE C 496 35.26 21.25 -22.69
N ASP C 497 34.27 21.20 -23.58
CA ASP C 497 34.36 20.54 -24.88
C ASP C 497 34.37 19.02 -24.77
N TYR C 498 33.84 18.47 -23.67
CA TYR C 498 33.73 17.01 -23.50
C TYR C 498 32.28 16.69 -23.15
N PRO C 499 31.40 16.65 -24.15
CA PRO C 499 29.98 16.42 -23.88
C PRO C 499 29.65 14.99 -23.49
N GLN C 500 30.57 14.05 -23.62
CA GLN C 500 30.30 12.66 -23.31
C GLN C 500 30.44 12.33 -21.83
N LEU C 501 30.83 13.30 -21.00
CA LEU C 501 30.98 13.03 -19.58
C LEU C 501 29.66 12.56 -18.99
N SER C 502 29.72 11.52 -18.17
CA SER C 502 28.53 10.93 -17.60
C SER C 502 28.91 10.12 -16.37
N PHE C 503 27.88 9.59 -15.71
CA PHE C 503 28.09 8.76 -14.52
C PHE C 503 28.96 7.55 -14.84
N GLU C 504 28.70 6.88 -15.96
CA GLU C 504 29.45 5.69 -16.31
C GLU C 504 30.93 6.01 -16.50
N VAL C 505 31.24 7.12 -17.16
CA VAL C 505 32.64 7.45 -17.43
C VAL C 505 33.39 7.66 -16.12
N ILE C 506 32.79 8.37 -15.18
CA ILE C 506 33.45 8.59 -13.89
C ILE C 506 33.61 7.28 -13.14
N CYS C 507 32.55 6.47 -13.10
CA CYS C 507 32.64 5.23 -12.33
C CYS C 507 33.60 4.23 -12.93
N SER C 508 33.86 4.30 -14.24
CA SER C 508 34.85 3.40 -14.84
C SER C 508 36.23 3.65 -14.26
N TYR C 509 36.62 4.93 -14.15
CA TYR C 509 37.94 5.24 -13.60
C TYR C 509 37.97 5.09 -12.09
N VAL C 510 36.88 5.47 -11.40
CA VAL C 510 36.92 5.48 -9.95
C VAL C 510 37.09 4.07 -9.39
N PHE C 511 36.39 3.09 -9.95
CA PHE C 511 36.38 1.74 -9.42
C PHE C 511 37.33 0.80 -10.16
N MET C 512 38.18 1.32 -11.05
CA MET C 512 39.08 0.45 -11.80
C MET C 512 40.04 -0.32 -10.91
N PRO C 513 40.67 0.28 -9.89
CA PRO C 513 41.63 -0.49 -9.08
C PRO C 513 41.02 -1.74 -8.45
N PHE C 514 39.77 -1.65 -7.99
CA PHE C 514 39.13 -2.82 -7.39
C PHE C 514 38.96 -3.93 -8.42
N ALA C 515 38.56 -3.58 -9.63
CA ALA C 515 38.43 -4.57 -10.68
C ALA C 515 39.79 -5.19 -11.02
N PHE C 516 40.84 -4.38 -11.05
CA PHE C 516 42.16 -4.89 -11.39
C PHE C 516 42.69 -5.84 -10.32
N MET C 517 42.49 -5.47 -9.04
CA MET C 517 42.98 -6.32 -7.96
C MET C 517 42.26 -7.67 -7.94
N MET C 518 41.02 -7.72 -8.42
CA MET C 518 40.27 -8.97 -8.45
C MET C 518 40.81 -9.96 -9.47
N GLY C 519 41.74 -9.53 -10.33
CA GLY C 519 42.32 -10.41 -11.33
C GLY C 519 41.80 -10.22 -12.73
N VAL C 520 40.87 -9.29 -12.94
CA VAL C 520 40.43 -8.98 -14.29
C VAL C 520 41.56 -8.31 -15.05
N ASP C 521 41.62 -8.54 -16.35
CA ASP C 521 42.66 -7.95 -17.17
C ASP C 521 42.45 -6.43 -17.29
N TRP C 522 43.51 -5.76 -17.73
CA TRP C 522 43.51 -4.30 -17.71
C TRP C 522 42.38 -3.73 -18.56
N GLN C 523 42.17 -4.28 -19.76
CA GLN C 523 41.18 -3.72 -20.67
C GLN C 523 39.77 -3.86 -20.10
N ASP C 524 39.45 -5.02 -19.53
CA ASP C 524 38.11 -5.27 -19.03
C ASP C 524 37.86 -4.69 -17.64
N SER C 525 38.91 -4.17 -16.99
CA SER C 525 38.74 -3.63 -15.65
C SER C 525 37.77 -2.45 -15.65
N PHE C 526 37.84 -1.58 -16.65
CA PHE C 526 36.94 -0.44 -16.71
C PHE C 526 35.49 -0.89 -16.88
N MET C 527 35.27 -1.88 -17.74
CA MET C 527 33.90 -2.36 -17.94
C MET C 527 33.37 -3.01 -16.67
N VAL C 528 34.20 -3.77 -15.96
CA VAL C 528 33.77 -4.34 -14.69
C VAL C 528 33.51 -3.23 -13.68
N ALA C 529 34.30 -2.16 -13.73
CA ALA C 529 34.13 -1.05 -12.81
C ALA C 529 32.79 -0.36 -13.02
N LYS C 530 32.36 -0.24 -14.29
CA LYS C 530 31.04 0.34 -14.54
C LYS C 530 29.96 -0.47 -13.85
N LEU C 531 30.04 -1.80 -13.96
CA LEU C 531 29.05 -2.67 -13.32
C LEU C 531 29.12 -2.56 -11.81
N ILE C 532 30.34 -2.46 -11.26
CA ILE C 532 30.48 -2.33 -9.81
C ILE C 532 29.86 -1.04 -9.34
N GLY C 533 30.05 0.05 -10.08
CA GLY C 533 29.40 1.31 -9.72
C GLY C 533 27.89 1.21 -9.78
N TYR C 534 27.36 0.57 -10.82
CA TYR C 534 25.92 0.38 -10.90
C TYR C 534 25.40 -0.42 -9.72
N LYS C 535 26.12 -1.48 -9.34
CA LYS C 535 25.70 -2.29 -8.20
C LYS C 535 25.75 -1.49 -6.91
N THR C 536 26.78 -0.66 -6.73
CA THR C 536 26.92 0.08 -5.49
C THR C 536 25.83 1.13 -5.35
N PHE C 537 25.63 1.95 -6.40
CA PHE C 537 24.69 3.06 -6.28
C PHE C 537 23.24 2.61 -6.47
N PHE C 538 23.02 1.64 -7.36
CA PHE C 538 21.69 1.11 -7.61
C PHE C 538 21.70 -0.40 -7.36
N ASN C 539 20.52 -0.99 -7.36
CA ASN C 539 20.41 -2.40 -7.02
C ASN C 539 21.17 -3.25 -8.03
N GLU C 540 21.50 -4.47 -7.62
CA GLU C 540 22.23 -5.38 -8.49
C GLU C 540 21.43 -5.77 -9.73
N PHE C 541 20.13 -5.48 -9.75
CA PHE C 541 19.30 -5.84 -10.90
C PHE C 541 19.81 -5.16 -12.18
N VAL C 542 20.05 -3.85 -12.12
CA VAL C 542 20.49 -3.13 -13.32
C VAL C 542 21.88 -3.59 -13.73
N ALA C 543 22.77 -3.80 -12.76
CA ALA C 543 24.12 -4.24 -13.09
C ALA C 543 24.10 -5.61 -13.76
N TYR C 544 23.28 -6.53 -13.26
CA TYR C 544 23.14 -7.82 -13.91
C TYR C 544 22.52 -7.69 -15.28
N GLN C 545 21.61 -6.74 -15.46
CA GLN C 545 21.05 -6.50 -16.80
C GLN C 545 22.14 -6.09 -17.77
N GLN C 546 23.02 -5.17 -17.34
CA GLN C 546 24.12 -4.76 -18.21
C GLN C 546 25.05 -5.93 -18.49
N LEU C 547 25.34 -6.73 -17.47
CA LEU C 547 26.21 -7.89 -17.67
C LEU C 547 25.58 -8.87 -18.65
N SER C 548 24.26 -9.06 -18.58
CA SER C 548 23.58 -9.93 -19.52
C SER C 548 23.66 -9.37 -20.93
N LYS C 549 23.53 -8.05 -21.08
CA LYS C 549 23.70 -7.45 -22.40
C LYS C 549 25.09 -7.71 -22.95
N LEU C 550 26.12 -7.57 -22.10
CA LEU C 550 27.49 -7.84 -22.55
C LEU C 550 27.68 -9.31 -22.92
N ILE C 551 27.10 -10.21 -22.13
CA ILE C 551 27.22 -11.63 -22.40
C ILE C 551 26.55 -11.97 -23.74
N SER C 552 25.38 -11.38 -23.98
CA SER C 552 24.70 -11.61 -25.26
C SER C 552 25.52 -11.07 -26.42
N LEU C 553 26.11 -9.88 -26.25
CA LEU C 553 26.96 -9.33 -27.32
C LEU C 553 28.14 -10.24 -27.61
N ARG C 554 28.77 -10.78 -26.55
CA ARG C 554 29.87 -11.71 -26.77
C ARG C 554 29.40 -12.97 -27.48
N GLN C 555 28.28 -13.55 -27.03
CA GLN C 555 27.81 -14.80 -27.60
C GLN C 555 27.43 -14.64 -29.07
N VAL C 556 26.78 -13.52 -29.42
CA VAL C 556 26.39 -13.30 -30.81
C VAL C 556 27.61 -13.27 -31.70
N GLY C 557 28.70 -12.69 -31.21
CA GLY C 557 29.90 -12.53 -32.01
C GLY C 557 29.88 -11.23 -32.79
N GLY C 558 31.02 -10.97 -33.44
CA GLY C 558 31.19 -9.74 -34.18
C GLY C 558 32.48 -9.03 -33.78
N PRO C 559 32.61 -7.76 -34.15
CA PRO C 559 33.83 -7.03 -33.81
C PRO C 559 33.95 -6.83 -32.30
N LYS C 560 35.12 -7.16 -31.77
CA LYS C 560 35.42 -6.81 -30.38
C LYS C 560 35.39 -5.29 -30.21
N PHE C 561 35.94 -4.57 -31.18
CA PHE C 561 35.95 -3.11 -31.18
C PHE C 561 35.26 -2.62 -32.46
N VAL C 562 34.04 -2.09 -32.30
CA VAL C 562 33.40 -1.40 -33.42
C VAL C 562 34.18 -0.14 -33.75
N ASP C 563 34.70 0.52 -32.73
CA ASP C 563 35.53 1.71 -32.86
C ASP C 563 36.49 1.66 -31.67
N GLY C 564 37.06 2.79 -31.27
CA GLY C 564 37.88 2.75 -30.08
C GLY C 564 37.13 2.42 -28.80
N VAL C 565 35.86 2.04 -28.90
CA VAL C 565 35.06 1.59 -27.76
C VAL C 565 34.96 0.07 -27.82
N GLN C 566 35.34 -0.59 -26.72
CA GLN C 566 35.17 -2.03 -26.64
C GLN C 566 33.69 -2.39 -26.50
N GLN C 567 33.30 -3.49 -27.14
CA GLN C 567 31.90 -3.94 -27.14
C GLN C 567 31.62 -5.03 -26.12
N TYR C 568 32.50 -6.02 -25.97
CA TYR C 568 32.27 -7.10 -25.03
C TYR C 568 33.60 -7.51 -24.41
N MET C 569 33.50 -8.28 -23.32
CA MET C 569 34.65 -8.69 -22.53
C MET C 569 34.72 -10.21 -22.47
N SER C 570 35.86 -10.71 -22.00
CA SER C 570 36.14 -12.14 -22.01
C SER C 570 35.28 -12.89 -21.01
N MET C 571 35.26 -14.22 -21.17
CA MET C 571 34.41 -15.06 -20.33
C MET C 571 34.85 -15.02 -18.86
N ARG C 572 36.16 -15.05 -18.61
CA ARG C 572 36.63 -15.04 -17.23
C ARG C 572 36.27 -13.73 -16.55
N SER C 573 36.35 -12.61 -17.26
CA SER C 573 35.90 -11.35 -16.68
C SER C 573 34.42 -11.42 -16.34
N GLU C 574 33.63 -12.08 -17.18
CA GLU C 574 32.21 -12.23 -16.88
C GLU C 574 31.99 -13.06 -15.63
N ALA C 575 32.78 -14.13 -15.46
CA ALA C 575 32.65 -14.95 -14.25
C ALA C 575 33.01 -14.13 -13.01
N ILE C 576 34.10 -13.37 -13.09
CA ILE C 576 34.53 -12.58 -11.94
C ILE C 576 33.49 -11.51 -11.63
N SER C 577 32.86 -10.93 -12.65
CA SER C 577 31.77 -9.99 -12.42
C SER C 577 30.58 -10.67 -11.77
N THR C 578 30.26 -11.90 -12.20
CA THR C 578 29.15 -12.62 -11.59
C THR C 578 29.40 -12.83 -10.11
N TYR C 579 30.62 -13.20 -9.75
CA TYR C 579 30.95 -13.39 -8.34
C TYR C 579 30.92 -12.05 -7.59
N ALA C 580 31.45 -10.99 -8.21
CA ALA C 580 31.59 -9.71 -7.52
C ALA C 580 30.25 -9.08 -7.21
N LEU C 581 29.29 -9.19 -8.13
CA LEU C 581 28.03 -8.46 -8.03
C LEU C 581 26.93 -9.22 -7.29
N CYS C 582 27.21 -10.41 -6.77
CA CYS C 582 26.20 -11.22 -6.10
C CYS C 582 26.03 -10.74 -4.66
N GLY C 583 25.31 -9.62 -4.52
CA GLY C 583 25.05 -9.07 -3.21
C GLY C 583 23.89 -8.10 -3.23
N PHE C 584 23.36 -7.82 -2.04
CA PHE C 584 22.29 -6.85 -1.85
C PHE C 584 22.80 -5.55 -1.23
N ALA C 585 24.10 -5.31 -1.29
CA ALA C 585 24.70 -4.15 -0.64
C ALA C 585 24.54 -2.93 -1.55
N ASN C 586 23.63 -2.03 -1.17
CA ASN C 586 23.39 -0.81 -1.92
C ASN C 586 23.19 0.33 -0.94
N PHE C 587 23.45 1.55 -1.40
CA PHE C 587 23.17 2.72 -0.57
C PHE C 587 21.68 2.86 -0.32
N GLY C 588 20.86 2.63 -1.34
CA GLY C 588 19.42 2.73 -1.15
C GLY C 588 18.88 1.70 -0.17
N SER C 589 19.45 0.50 -0.18
CA SER C 589 18.97 -0.58 0.67
C SER C 589 19.37 -0.41 2.13
N LEU C 590 20.25 0.54 2.44
CA LEU C 590 20.66 0.74 3.83
C LEU C 590 19.46 1.10 4.70
N GLY C 591 18.60 1.98 4.21
CA GLY C 591 17.50 2.47 5.03
C GLY C 591 16.53 1.36 5.42
N ILE C 592 16.16 0.51 4.47
CA ILE C 592 15.11 -0.47 4.73
C ILE C 592 15.60 -1.51 5.74
N VAL C 593 16.87 -1.90 5.66
CA VAL C 593 17.40 -2.87 6.62
C VAL C 593 17.36 -2.28 8.02
N ILE C 594 17.77 -1.02 8.17
CA ILE C 594 17.72 -0.36 9.47
C ILE C 594 16.28 -0.31 9.98
N GLY C 595 15.35 0.04 9.09
CA GLY C 595 13.95 0.08 9.49
C GLY C 595 13.45 -1.26 9.99
N GLY C 596 13.76 -2.32 9.24
CA GLY C 596 13.32 -3.65 9.65
C GLY C 596 13.92 -4.08 10.97
N LEU C 597 15.23 -3.90 11.12
CA LEU C 597 15.89 -4.32 12.35
C LEU C 597 15.38 -3.54 13.56
N THR C 598 15.16 -2.23 13.39
CA THR C 598 14.58 -1.44 14.49
C THR C 598 13.17 -1.89 14.79
N SER C 599 12.40 -2.25 13.76
CA SER C 599 11.05 -2.77 13.99
C SER C 599 11.09 -4.05 14.81
N MET C 600 12.08 -4.92 14.55
CA MET C 600 12.15 -6.16 15.30
C MET C 600 12.63 -5.93 16.73
N ALA C 601 13.64 -5.07 16.91
CA ALA C 601 14.24 -4.81 18.22
C ALA C 601 14.28 -3.32 18.47
N PRO C 602 13.19 -2.72 18.93
CA PRO C 602 13.20 -1.28 19.20
C PRO C 602 14.26 -0.86 20.21
N SER C 603 14.56 -1.71 21.19
CA SER C 603 15.52 -1.34 22.22
C SER C 603 16.90 -1.08 21.62
N ARG C 604 17.28 -1.85 20.60
CA ARG C 604 18.62 -1.83 20.04
C ARG C 604 18.77 -0.85 18.88
N LYS C 605 17.85 0.11 18.75
CA LYS C 605 17.88 1.01 17.60
C LYS C 605 19.20 1.78 17.54
N ARG C 606 19.68 2.25 18.68
CA ARG C 606 20.94 2.98 18.70
C ARG C 606 22.09 2.09 18.23
N ASP C 607 22.11 0.83 18.67
CA ASP C 607 23.14 -0.09 18.22
C ASP C 607 23.01 -0.37 16.73
N ILE C 608 21.77 -0.51 16.23
CA ILE C 608 21.56 -0.79 14.83
C ILE C 608 22.09 0.35 13.96
N THR C 609 21.76 1.59 14.33
CA THR C 609 22.13 2.71 13.48
C THR C 609 23.64 2.89 13.40
N ALA C 610 24.34 2.66 14.52
CA ALA C 610 25.77 2.97 14.56
C ALA C 610 26.55 2.11 13.57
N GLY C 611 26.23 0.83 13.45
CA GLY C 611 27.02 -0.11 12.69
C GLY C 611 26.55 -0.43 11.29
N ALA C 612 25.54 0.26 10.77
CA ALA C 612 24.99 -0.10 9.47
C ALA C 612 26.02 0.08 8.36
N MET C 613 26.65 1.26 8.29
CA MET C 613 27.55 1.55 7.18
C MET C 613 28.75 0.61 7.17
N ARG C 614 29.30 0.33 8.35
CA ARG C 614 30.41 -0.61 8.43
C ARG C 614 29.99 -1.99 7.95
N ALA C 615 28.77 -2.40 8.29
CA ALA C 615 28.26 -3.68 7.80
C ALA C 615 28.15 -3.68 6.28
N LEU C 616 27.68 -2.59 5.70
CA LEU C 616 27.58 -2.51 4.24
C LEU C 616 28.95 -2.63 3.60
N ILE C 617 29.94 -1.92 4.14
CA ILE C 617 31.29 -1.98 3.58
C ILE C 617 31.85 -3.38 3.73
N ALA C 618 31.61 -4.03 4.88
CA ALA C 618 32.08 -5.39 5.08
C ALA C 618 31.45 -6.34 4.08
N GLY C 619 30.16 -6.18 3.80
CA GLY C 619 29.52 -7.03 2.81
C GLY C 619 30.13 -6.85 1.42
N THR C 620 30.38 -5.60 1.03
CA THR C 620 31.02 -5.38 -0.27
C THR C 620 32.40 -6.03 -0.30
N ILE C 621 33.15 -5.93 0.79
CA ILE C 621 34.49 -6.51 0.81
C ILE C 621 34.41 -8.03 0.75
N ALA C 622 33.40 -8.63 1.38
CA ALA C 622 33.23 -10.08 1.29
C ALA C 622 32.90 -10.50 -0.14
N CYS C 623 32.05 -9.73 -0.83
CA CYS C 623 31.80 -10.01 -2.23
C CYS C 623 33.08 -9.93 -3.04
N PHE C 624 33.91 -8.92 -2.76
CA PHE C 624 35.18 -8.79 -3.47
C PHE C 624 36.08 -9.98 -3.20
N LEU C 625 36.12 -10.47 -1.96
CA LEU C 625 36.96 -11.64 -1.65
C LEU C 625 36.47 -12.87 -2.42
N THR C 626 35.16 -13.07 -2.48
CA THR C 626 34.64 -14.20 -3.24
C THR C 626 35.01 -14.08 -4.71
N ALA C 627 34.90 -12.87 -5.27
CA ALA C 627 35.32 -12.66 -6.64
C ALA C 627 36.80 -12.95 -6.82
N CYS C 628 37.62 -12.58 -5.83
CA CYS C 628 39.06 -12.84 -5.93
C CYS C 628 39.33 -14.33 -5.97
N ILE C 629 38.68 -15.11 -5.10
CA ILE C 629 38.91 -16.55 -5.11
C ILE C 629 38.47 -17.15 -6.45
N ALA C 630 37.30 -16.72 -6.94
CA ALA C 630 36.81 -17.24 -8.21
C ALA C 630 37.79 -16.94 -9.33
N GLY C 631 38.28 -15.71 -9.39
CA GLY C 631 39.30 -15.38 -10.38
C GLY C 631 40.54 -16.22 -10.23
N MET C 632 40.95 -16.50 -8.99
CA MET C 632 42.14 -17.30 -8.77
C MET C 632 41.98 -18.71 -9.32
N LEU C 633 40.79 -19.30 -9.16
CA LEU C 633 40.59 -20.68 -9.59
C LEU C 633 40.25 -20.81 -11.07
N THR C 634 39.53 -19.85 -11.64
CA THR C 634 39.07 -19.97 -13.03
C THR C 634 40.24 -19.77 -14.00
N ASN C 635 40.33 -20.66 -14.99
CA ASN C 635 41.40 -20.60 -15.97
C ASN C 635 41.12 -19.52 -17.01
N THR C 636 42.20 -19.06 -17.65
CA THR C 636 42.07 -18.10 -18.74
C THR C 636 41.50 -18.81 -19.98
N PRO C 637 40.45 -18.27 -20.61
CA PRO C 637 39.94 -18.90 -21.83
C PRO C 637 40.98 -18.93 -22.95
C10 XMO D . -13.37 -12.24 0.06
C11 XMO D . -12.69 -11.15 -0.09
C01 XMO D . -14.90 -9.95 -6.66
C02 XMO D . -14.19 -10.01 -5.31
C03 XMO D . -13.73 -8.65 -4.88
C04 XMO D . -13.03 -11.02 -5.32
C07 XMO D . -12.18 -12.51 -3.56
C08 XMO D . -12.09 -12.39 -2.05
C09 XMO D . -13.31 -13.02 -1.34
C14 XMO D . -14.23 -9.35 -0.92
C15 XMO D . -15.10 -8.16 -0.63
C16 XMO D . -15.24 -7.67 0.77
C18 XMO D . -13.68 -9.51 1.56
N13 XMO D . -13.53 -10.02 0.17
N17 XMO D . -14.55 -8.33 1.85
N20 XMO D . -16.07 -6.53 1.05
O05 XMO D . -12.83 -11.66 -6.27
O06 XMO D . -12.17 -11.17 -4.13
O12 XMO D . -12.15 -11.13 -1.68
O19 XMO D . -13.11 -10.05 2.42
O21 XMO D . -16.78 -5.86 -0.02
O22 XMO D . -12.76 -13.06 1.10
O23 XMO D . -13.13 -14.30 -1.13
H101 XMO D . -14.44 -12.00 0.32
H111 XMO D . -11.79 -11.17 0.62
H012 XMO D . -15.47 -10.82 -6.80
H013 XMO D . -14.13 -9.86 -7.48
H011 XMO D . -15.53 -9.10 -6.69
H021 XMO D . -14.93 -10.36 -4.55
H033 XMO D . -13.34 -8.11 -5.73
H031 XMO D . -12.94 -8.75 -4.12
H032 XMO D . -14.59 -8.08 -4.44
H072 XMO D . -13.09 -13.00 -3.83
H071 XMO D . -11.33 -13.09 -3.95
H081 XMO D . -11.18 -12.85 -1.69
H091 XMO D . -14.25 -12.83 -1.92
H141 XMO D . -14.12 -9.70 -1.94
H151 XMO D . -15.64 -7.66 -1.46
H201 XMO D . -16.17 -6.19 2.00
H211 XMO D . -17.64 -5.73 0.22
H221 XMO D . -12.66 -13.91 0.79
H231 XMO D . -13.99 -14.77 -1.20
C10 XMO E . -3.99 17.37 -2.35
C11 XMO E . -3.29 16.28 -2.43
C01 XMO E . -1.15 15.15 -9.23
C02 XMO E . -1.83 15.69 -7.96
C03 XMO E . -1.09 15.25 -6.73
C04 XMO E . -3.32 15.27 -7.90
C07 XMO E . -4.37 16.42 -6.01
C08 XMO E . -4.50 16.21 -4.50
C09 XMO E . -4.68 17.58 -3.78
C14 XMO E . -0.93 16.79 -3.13
C15 XMO E . 0.48 17.09 -2.78
C16 XMO E . 0.89 17.16 -1.33
C18 XMO E . -1.52 16.65 -0.65
N13 XMO E . -1.92 16.57 -2.08
N17 XMO E . -0.09 16.95 -0.29
N20 XMO E . 2.25 17.46 -0.97
O05 XMO E . -3.89 15.04 -8.89
O06 XMO E . -4.01 15.14 -6.61
O12 XMO E . -3.39 15.72 -4.01
O19 XMO E . -2.31 16.47 0.18
O21 XMO E . 3.23 17.68 -2.00
O22 XMO E . -5.02 17.22 -1.33
O23 XMO E . -5.95 17.87 -3.63
H101 XMO E . -3.33 18.24 -2.12
H111 XMO E . -3.72 15.50 -1.71
H012 XMO E . -1.59 15.60 -10.08
H013 XMO E . -1.29 14.03 -9.28
H011 XMO E . -0.13 15.38 -9.19
H021 XMO E . -1.80 16.79 -8.00
H033 XMO E . -0.94 14.17 -6.78
H031 XMO E . -0.13 15.76 -6.68
H032 XMO E . -1.70 15.51 -5.81
H072 XMO E . -3.59 17.13 -6.20
H071 XMO E . -5.31 16.78 -6.42
H081 XMO E . -5.33 15.56 -4.28
H091 XMO E . -4.15 18.39 -4.35
H141 XMO E . -1.23 16.74 -4.17
H151 XMO E . 1.23 17.26 -3.57
H201 XMO E . 2.52 17.50 0.00
H211 XMO E . 3.88 18.24 -1.69
H221 XMO E . -5.26 18.04 -1.01
H231 XMO E . -6.20 18.57 -4.25
C10 XMO F . 17.02 -6.10 -2.33
C11 XMO F . 15.74 -6.09 -2.26
C01 XMO F . 14.50 -8.73 -8.54
C02 XMO F . 14.62 -7.95 -7.23
C03 XMO F . 13.39 -8.13 -6.39
C04 XMO F . 14.91 -6.45 -7.51
C07 XMO F . 16.23 -5.25 -5.82
C08 XMO F . 16.05 -4.95 -4.34
C09 XMO F . 17.39 -5.16 -3.56
C14 XMO F . 14.87 -8.39 -2.77
C15 XMO F . 14.35 -9.70 -2.29
C16 XMO F . 14.20 -9.97 -0.82
C18 XMO F . 15.08 -7.62 -0.35
N13 XMO F . 15.24 -7.37 -1.80
N17 XMO F . 14.57 -8.95 0.13
N20 XMO F . 13.70 -11.24 -0.36
O05 XMO F . 15.13 -6.10 -8.59
O06 XMO F . 14.91 -5.48 -6.39
O12 XMO F . 15.20 -5.81 -3.83
O19 XMO F . 15.38 -6.79 0.42
O21 XMO F . 13.34 -12.25 -1.31
O22 XMO F . 17.58 -5.56 -1.10
O23 XMO F . 17.83 -4.00 -3.11
H101 XMO F . 17.39 -7.15 -2.51
H111 XMO F . 15.39 -5.24 -1.57
H012 XMO F . 15.47 -8.87 -8.96
H013 XMO F . 13.86 -8.15 -9.27
H011 XMO F . 14.07 -9.67 -8.36
H021 XMO F . 15.49 -8.36 -6.67
H033 XMO F . 12.51 -7.97 -7.00
H031 XMO F . 13.41 -7.41 -5.57
H032 XMO F . 13.38 -9.18 -5.97
H072 XMO F . 16.84 -6.11 -5.95
H071 XMO F . 16.70 -4.40 -6.32
H081 XMO F . 15.70 -3.94 -4.20
H091 XMO F . 18.16 -5.66 -4.21
H141 XMO F . 14.97 -8.20 -3.83
H151 XMO F . 14.08 -10.49 -3.02
H201 XMO F . 13.60 -11.40 0.64
H211 XMO F . 12.43 -12.34 -1.33
H221 XMO F . 18.49 -5.43 -1.21
H231 XMO F . 18.60 -3.72 -3.66
#